data_2LA6
#
_entry.id   2LA6
#
_entity_poly.entity_id   1
_entity_poly.type   'polypeptide(L)'
_entity_poly.pdbx_seq_one_letter_code
;MGHHHHHHSHSDNNTIFVQGLGENVTIESVADYFKQIGIIKTNKKTGQPMINLYTDRETGKLKGEATVSFDDPPSAKAAI
DWFDGKEFSGNPIKVSFAT
;
_entity_poly.pdbx_strand_id   A
#
# COMPACT_ATOMS: atom_id res chain seq x y z
N MET A 1 7.05 -19.42 -19.09
CA MET A 1 5.87 -18.51 -19.03
C MET A 1 5.15 -18.48 -20.40
N GLY A 2 3.85 -18.14 -20.38
CA GLY A 2 3.03 -18.08 -21.61
C GLY A 2 1.74 -17.28 -21.43
N HIS A 3 0.87 -17.35 -22.46
CA HIS A 3 -0.43 -16.62 -22.49
C HIS A 3 -1.42 -17.19 -21.45
N HIS A 4 -1.44 -18.54 -21.33
CA HIS A 4 -2.27 -19.27 -20.34
C HIS A 4 -1.41 -19.67 -19.13
N HIS A 5 -1.93 -19.49 -17.91
CA HIS A 5 -1.18 -19.70 -16.65
C HIS A 5 -1.83 -20.83 -15.81
N HIS A 6 -0.99 -21.69 -15.18
CA HIS A 6 -1.46 -22.85 -14.41
C HIS A 6 -2.18 -22.46 -13.08
N HIS A 7 -1.65 -21.45 -12.37
CA HIS A 7 -2.29 -20.92 -11.13
C HIS A 7 -3.43 -19.95 -11.54
N HIS A 8 -4.58 -20.54 -11.96
CA HIS A 8 -5.77 -19.79 -12.44
C HIS A 8 -6.43 -18.97 -11.32
N SER A 9 -6.36 -19.48 -10.07
CA SER A 9 -6.84 -18.75 -8.88
C SER A 9 -6.01 -17.46 -8.67
N HIS A 10 -6.67 -16.39 -8.20
CA HIS A 10 -6.01 -15.10 -7.96
C HIS A 10 -5.36 -15.06 -6.56
N SER A 11 -4.03 -14.84 -6.52
CA SER A 11 -3.27 -14.76 -5.26
C SER A 11 -3.43 -13.37 -4.60
N ASP A 12 -4.43 -13.27 -3.71
CA ASP A 12 -4.63 -12.08 -2.86
C ASP A 12 -3.64 -12.13 -1.68
N ASN A 13 -2.53 -11.41 -1.79
CA ASN A 13 -1.52 -11.31 -0.72
C ASN A 13 -1.82 -10.11 0.23
N ASN A 14 -1.04 -9.98 1.32
CA ASN A 14 -1.33 -9.02 2.41
C ASN A 14 -0.49 -7.71 2.29
N THR A 15 0.18 -7.50 1.13
CA THR A 15 0.99 -6.28 0.90
C THR A 15 0.65 -5.67 -0.47
N ILE A 16 0.33 -4.36 -0.50
CA ILE A 16 -0.15 -3.68 -1.72
C ILE A 16 0.86 -2.61 -2.20
N PHE A 17 0.94 -2.40 -3.53
CA PHE A 17 1.82 -1.38 -4.13
C PHE A 17 0.97 -0.18 -4.62
N VAL A 18 1.08 0.96 -3.92
CA VAL A 18 0.32 2.19 -4.22
C VAL A 18 1.21 3.20 -4.98
N GLN A 19 0.64 3.89 -6.00
CA GLN A 19 1.36 4.92 -6.80
C GLN A 19 0.67 6.30 -6.69
N GLY A 20 1.44 7.40 -6.90
CA GLY A 20 0.89 8.76 -6.96
C GLY A 20 0.34 9.32 -5.63
N LEU A 21 1.11 9.11 -4.55
CA LEU A 21 0.78 9.60 -3.19
C LEU A 21 1.16 11.09 -3.02
N GLY A 22 2.23 11.51 -3.75
CA GLY A 22 2.78 12.85 -3.62
C GLY A 22 4.23 12.89 -3.16
N GLU A 23 4.92 14.03 -3.41
CA GLU A 23 6.29 14.31 -2.89
C GLU A 23 6.26 14.48 -1.35
N ASN A 24 5.07 14.86 -0.83
CA ASN A 24 4.83 15.00 0.61
C ASN A 24 3.95 13.83 1.10
N VAL A 25 4.62 12.73 1.49
CA VAL A 25 3.97 11.50 2.00
C VAL A 25 4.80 10.88 3.15
N THR A 26 4.13 10.43 4.24
CA THR A 26 4.80 9.69 5.33
C THR A 26 4.17 8.30 5.51
N ILE A 27 4.92 7.42 6.18
CA ILE A 27 4.45 6.07 6.58
C ILE A 27 3.08 6.13 7.32
N GLU A 28 2.99 7.07 8.29
CA GLU A 28 1.78 7.24 9.13
C GLU A 28 0.65 7.97 8.36
N SER A 29 1.00 8.75 7.31
CA SER A 29 0.00 9.38 6.40
C SER A 29 -0.72 8.30 5.57
N VAL A 30 0.08 7.37 4.99
CA VAL A 30 -0.46 6.21 4.23
C VAL A 30 -1.27 5.29 5.17
N ALA A 31 -0.73 5.05 6.37
CA ALA A 31 -1.35 4.19 7.39
C ALA A 31 -2.70 4.74 7.89
N ASP A 32 -2.76 6.05 8.15
CA ASP A 32 -3.97 6.70 8.70
C ASP A 32 -5.07 6.89 7.60
N TYR A 33 -4.66 6.89 6.33
CA TYR A 33 -5.59 6.93 5.19
C TYR A 33 -6.19 5.51 4.89
N PHE A 34 -5.33 4.48 4.90
CA PHE A 34 -5.74 3.07 4.60
C PHE A 34 -6.34 2.31 5.82
N LYS A 35 -6.18 2.87 7.05
CA LYS A 35 -6.67 2.25 8.31
C LYS A 35 -8.20 1.93 8.31
N GLN A 36 -9.00 2.75 7.56
CA GLN A 36 -10.47 2.65 7.53
C GLN A 36 -10.97 1.29 6.98
N ILE A 37 -10.13 0.62 6.18
CA ILE A 37 -10.42 -0.68 5.55
C ILE A 37 -10.16 -1.84 6.53
N GLY A 38 -9.01 -1.78 7.22
CA GLY A 38 -8.62 -2.84 8.15
C GLY A 38 -7.28 -2.60 8.81
N ILE A 39 -6.88 -3.55 9.67
CA ILE A 39 -5.62 -3.48 10.44
C ILE A 39 -4.39 -3.65 9.52
N ILE A 40 -3.49 -2.68 9.60
CA ILE A 40 -2.17 -2.68 8.93
C ILE A 40 -1.12 -3.23 9.91
N LYS A 41 -0.20 -4.10 9.43
CA LYS A 41 0.94 -4.60 10.24
C LYS A 41 1.82 -3.45 10.78
N THR A 42 2.53 -3.70 11.89
CA THR A 42 3.39 -2.68 12.56
C THR A 42 4.65 -3.34 13.18
N ASN A 43 5.82 -2.82 12.80
CA ASN A 43 7.12 -3.17 13.43
C ASN A 43 7.25 -2.39 14.75
N LYS A 44 7.49 -3.10 15.86
CA LYS A 44 7.57 -2.50 17.21
C LYS A 44 8.98 -1.98 17.55
N LYS A 45 10.02 -2.51 16.87
CA LYS A 45 11.42 -2.05 17.02
C LYS A 45 11.60 -0.58 16.57
N THR A 46 10.98 -0.22 15.43
CA THR A 46 10.85 1.19 14.98
C THR A 46 9.63 1.84 15.67
N GLY A 47 8.53 1.08 15.74
CA GLY A 47 7.25 1.58 16.26
C GLY A 47 6.38 2.20 15.16
N GLN A 48 6.72 1.89 13.90
CA GLN A 48 6.01 2.36 12.70
C GLN A 48 5.26 1.22 12.00
N PRO A 49 4.07 1.52 11.38
CA PRO A 49 3.33 0.53 10.54
C PRO A 49 4.15 0.15 9.30
N MET A 50 4.10 -1.14 8.89
CA MET A 50 5.01 -1.68 7.86
C MET A 50 4.61 -1.16 6.48
N ILE A 51 5.28 -0.06 6.09
CA ILE A 51 5.04 0.68 4.84
C ILE A 51 6.39 1.22 4.33
N ASN A 52 6.80 0.80 3.13
CA ASN A 52 8.10 1.22 2.54
C ASN A 52 7.84 2.30 1.48
N LEU A 53 8.26 3.55 1.78
CA LEU A 53 8.14 4.70 0.88
C LEU A 53 9.26 4.68 -0.17
N TYR A 54 8.89 4.70 -1.46
CA TYR A 54 9.83 4.74 -2.58
C TYR A 54 10.36 6.17 -2.82
N THR A 55 11.65 6.39 -2.51
CA THR A 55 12.35 7.67 -2.75
C THR A 55 13.12 7.61 -4.08
N ASP A 56 13.15 8.74 -4.82
CA ASP A 56 13.76 8.82 -6.16
C ASP A 56 15.31 8.87 -6.07
N ARG A 57 15.97 8.23 -7.04
CA ARG A 57 17.43 8.02 -7.03
C ARG A 57 18.21 9.32 -7.37
N GLU A 58 17.80 10.04 -8.44
CA GLU A 58 18.53 11.25 -8.89
C GLU A 58 18.10 12.53 -8.11
N THR A 59 16.79 12.71 -7.86
CA THR A 59 16.25 13.93 -7.21
C THR A 59 16.39 13.88 -5.68
N GLY A 60 16.33 12.66 -5.10
CA GLY A 60 16.38 12.46 -3.64
C GLY A 60 15.07 12.78 -2.91
N LYS A 61 14.01 13.09 -3.69
CA LYS A 61 12.66 13.39 -3.16
C LYS A 61 11.74 12.15 -3.28
N LEU A 62 10.61 12.16 -2.58
CA LEU A 62 9.65 11.03 -2.61
C LEU A 62 8.94 10.92 -3.96
N LYS A 63 8.91 9.69 -4.52
CA LYS A 63 8.28 9.39 -5.82
C LYS A 63 6.74 9.38 -5.73
N GLY A 64 6.22 9.17 -4.51
CA GLY A 64 4.79 8.97 -4.28
C GLY A 64 4.37 7.52 -4.44
N GLU A 65 5.28 6.56 -4.20
CA GLU A 65 4.94 5.14 -4.16
C GLU A 65 5.21 4.57 -2.75
N ALA A 66 4.49 3.49 -2.40
CA ALA A 66 4.66 2.82 -1.09
C ALA A 66 4.11 1.39 -1.13
N THR A 67 4.75 0.48 -0.38
CA THR A 67 4.22 -0.89 -0.15
C THR A 67 3.62 -0.99 1.25
N VAL A 68 2.30 -1.27 1.34
CA VAL A 68 1.55 -1.29 2.62
C VAL A 68 1.20 -2.74 3.02
N SER A 69 1.89 -3.26 4.05
CA SER A 69 1.62 -4.61 4.59
C SER A 69 0.47 -4.58 5.61
N PHE A 70 -0.71 -5.05 5.18
CA PHE A 70 -1.86 -5.30 6.08
C PHE A 70 -1.69 -6.64 6.84
N ASP A 71 -2.40 -6.77 7.97
CA ASP A 71 -2.37 -8.01 8.78
C ASP A 71 -3.18 -9.15 8.12
N ASP A 72 -4.24 -8.78 7.37
CA ASP A 72 -5.07 -9.74 6.61
C ASP A 72 -5.03 -9.45 5.09
N PRO A 73 -4.85 -10.51 4.23
CA PRO A 73 -5.01 -10.38 2.75
C PRO A 73 -6.44 -9.89 2.26
N PRO A 74 -7.63 -10.23 2.89
CA PRO A 74 -8.94 -9.61 2.52
C PRO A 74 -8.97 -8.08 2.76
N SER A 75 -8.20 -7.60 3.77
CA SER A 75 -8.07 -6.15 4.08
C SER A 75 -7.18 -5.45 3.03
N ALA A 76 -6.10 -6.13 2.64
CA ALA A 76 -5.18 -5.65 1.59
C ALA A 76 -5.92 -5.47 0.24
N LYS A 77 -6.69 -6.50 -0.15
CA LYS A 77 -7.49 -6.52 -1.39
C LYS A 77 -8.59 -5.44 -1.36
N ALA A 78 -9.30 -5.33 -0.22
CA ALA A 78 -10.39 -4.34 -0.04
C ALA A 78 -9.88 -2.90 -0.16
N ALA A 79 -8.68 -2.63 0.40
CA ALA A 79 -8.00 -1.32 0.28
C ALA A 79 -7.69 -0.95 -1.18
N ILE A 80 -7.38 -1.95 -2.01
CA ILE A 80 -7.14 -1.76 -3.45
C ILE A 80 -8.44 -1.39 -4.18
N ASP A 81 -9.47 -2.22 -4.01
CA ASP A 81 -10.79 -2.03 -4.64
C ASP A 81 -11.44 -0.67 -4.23
N TRP A 82 -11.16 -0.24 -2.99
CA TRP A 82 -11.70 1.01 -2.41
C TRP A 82 -10.90 2.26 -2.89
N PHE A 83 -9.57 2.26 -2.64
CA PHE A 83 -8.70 3.45 -2.83
C PHE A 83 -8.15 3.62 -4.27
N ASP A 84 -8.29 2.60 -5.13
CA ASP A 84 -7.83 2.70 -6.54
C ASP A 84 -8.65 3.78 -7.29
N GLY A 85 -7.95 4.85 -7.73
CA GLY A 85 -8.58 6.00 -8.40
C GLY A 85 -9.05 7.12 -7.44
N LYS A 86 -8.74 7.01 -6.14
CA LYS A 86 -9.13 8.02 -5.11
C LYS A 86 -7.97 9.01 -4.83
N GLU A 87 -8.29 10.19 -4.27
CA GLU A 87 -7.27 11.23 -3.94
C GLU A 87 -6.72 11.04 -2.51
N PHE A 88 -5.41 10.74 -2.41
CA PHE A 88 -4.68 10.61 -1.13
C PHE A 88 -4.51 11.98 -0.46
N SER A 89 -3.90 12.92 -1.20
CA SER A 89 -3.70 14.31 -0.75
C SER A 89 -3.76 15.25 -1.97
N GLY A 90 -4.94 15.28 -2.61
CA GLY A 90 -5.14 15.98 -3.88
C GLY A 90 -4.57 15.25 -5.09
N ASN A 91 -3.96 14.06 -4.86
CA ASN A 91 -3.31 13.24 -5.90
C ASN A 91 -4.07 11.90 -6.09
N PRO A 92 -4.57 11.59 -7.34
CA PRO A 92 -5.34 10.34 -7.60
C PRO A 92 -4.44 9.08 -7.64
N ILE A 93 -4.41 8.33 -6.51
CA ILE A 93 -3.55 7.14 -6.36
C ILE A 93 -4.00 5.93 -7.20
N LYS A 94 -3.01 5.13 -7.63
CA LYS A 94 -3.22 3.89 -8.40
C LYS A 94 -2.72 2.71 -7.54
N VAL A 95 -3.67 1.94 -6.98
CA VAL A 95 -3.36 0.89 -6.00
C VAL A 95 -3.41 -0.50 -6.67
N SER A 96 -2.37 -1.30 -6.42
CA SER A 96 -2.23 -2.68 -6.94
C SER A 96 -1.72 -3.61 -5.81
N PHE A 97 -1.57 -4.91 -6.10
CA PHE A 97 -0.86 -5.86 -5.19
C PHE A 97 0.67 -5.73 -5.37
N ALA A 98 1.44 -5.89 -4.29
CA ALA A 98 2.92 -5.89 -4.37
C ALA A 98 3.43 -7.29 -4.79
N THR A 99 3.41 -7.56 -6.11
CA THR A 99 3.82 -8.86 -6.70
C THR A 99 4.51 -8.64 -8.10
N MET A 1 -13.04 -22.30 -14.88
CA MET A 1 -11.60 -22.65 -14.74
C MET A 1 -10.69 -21.43 -15.07
N GLY A 2 -11.28 -20.34 -15.61
CA GLY A 2 -10.55 -19.09 -15.91
C GLY A 2 -10.13 -18.31 -14.64
N HIS A 3 -9.08 -18.82 -13.98
CA HIS A 3 -8.54 -18.25 -12.72
C HIS A 3 -7.62 -17.03 -13.00
N HIS A 4 -7.84 -15.91 -12.28
CA HIS A 4 -7.15 -14.62 -12.56
C HIS A 4 -5.63 -14.68 -12.20
N HIS A 5 -5.24 -15.52 -11.23
CA HIS A 5 -3.81 -15.71 -10.85
C HIS A 5 -3.02 -16.53 -11.90
N HIS A 6 -1.76 -16.12 -12.14
CA HIS A 6 -0.83 -16.84 -13.05
C HIS A 6 -0.17 -18.06 -12.34
N HIS A 7 -0.19 -18.07 -11.00
CA HIS A 7 0.25 -19.24 -10.19
C HIS A 7 -0.62 -19.37 -8.91
N HIS A 8 -0.96 -20.61 -8.54
CA HIS A 8 -1.80 -20.90 -7.34
C HIS A 8 -0.92 -20.96 -6.06
N SER A 9 -0.65 -19.77 -5.48
CA SER A 9 0.13 -19.62 -4.23
C SER A 9 -0.79 -19.67 -2.99
N HIS A 10 -0.43 -20.49 -1.99
CA HIS A 10 -1.19 -20.59 -0.72
C HIS A 10 -1.10 -19.27 0.10
N SER A 11 0.04 -18.58 0.01
CA SER A 11 0.28 -17.30 0.72
C SER A 11 -0.44 -16.14 0.02
N ASP A 12 -1.68 -15.84 0.44
CA ASP A 12 -2.45 -14.70 -0.11
C ASP A 12 -1.77 -13.37 0.34
N ASN A 13 -1.16 -12.64 -0.61
CA ASN A 13 -0.32 -11.46 -0.32
C ASN A 13 -1.08 -10.35 0.45
N ASN A 14 -0.58 -9.99 1.65
CA ASN A 14 -1.21 -9.00 2.54
C ASN A 14 -0.58 -7.58 2.37
N THR A 15 0.50 -7.50 1.58
CA THR A 15 1.17 -6.22 1.27
C THR A 15 0.76 -5.73 -0.13
N ILE A 16 0.34 -4.46 -0.23
CA ILE A 16 -0.10 -3.85 -1.50
C ILE A 16 0.92 -2.78 -1.96
N PHE A 17 0.99 -2.54 -3.29
CA PHE A 17 1.82 -1.49 -3.87
C PHE A 17 0.93 -0.37 -4.45
N VAL A 18 1.20 0.87 -4.06
CA VAL A 18 0.40 2.05 -4.45
C VAL A 18 1.29 3.07 -5.20
N GLN A 19 0.73 3.70 -6.24
CA GLN A 19 1.39 4.77 -7.05
C GLN A 19 0.54 6.06 -7.05
N GLY A 20 1.18 7.22 -7.26
CA GLY A 20 0.47 8.51 -7.41
C GLY A 20 0.02 9.15 -6.08
N LEU A 21 0.71 8.79 -4.98
CA LEU A 21 0.41 9.30 -3.61
C LEU A 21 0.68 10.82 -3.49
N GLY A 22 1.71 11.27 -4.23
CA GLY A 22 2.28 12.62 -4.08
C GLY A 22 3.61 12.57 -3.34
N GLU A 23 4.51 13.54 -3.60
CA GLU A 23 5.86 13.56 -2.96
C GLU A 23 5.83 14.15 -1.53
N ASN A 24 4.65 14.64 -1.09
CA ASN A 24 4.45 15.15 0.29
C ASN A 24 3.88 14.02 1.21
N VAL A 25 4.02 12.74 0.78
CA VAL A 25 3.54 11.55 1.52
C VAL A 25 4.47 11.19 2.73
N THR A 26 3.86 10.78 3.86
CA THR A 26 4.60 10.22 5.03
C THR A 26 4.04 8.84 5.40
N ILE A 27 4.84 8.01 6.10
CA ILE A 27 4.38 6.68 6.60
C ILE A 27 3.16 6.85 7.57
N GLU A 28 3.17 7.96 8.36
CA GLU A 28 2.02 8.36 9.22
C GLU A 28 0.75 8.61 8.38
N SER A 29 0.90 9.36 7.27
CA SER A 29 -0.20 9.69 6.33
C SER A 29 -0.78 8.42 5.68
N VAL A 30 0.11 7.49 5.26
CA VAL A 30 -0.32 6.22 4.62
C VAL A 30 -1.07 5.33 5.62
N ALA A 31 -0.51 5.21 6.83
CA ALA A 31 -1.11 4.43 7.92
C ALA A 31 -2.47 5.02 8.39
N ASP A 32 -2.60 6.35 8.34
CA ASP A 32 -3.85 7.06 8.70
C ASP A 32 -4.93 6.94 7.58
N TYR A 33 -4.48 6.90 6.32
CA TYR A 33 -5.36 6.82 5.14
C TYR A 33 -5.94 5.39 4.97
N PHE A 34 -5.05 4.39 4.95
CA PHE A 34 -5.39 2.98 4.68
C PHE A 34 -6.02 2.23 5.91
N LYS A 35 -5.85 2.78 7.13
CA LYS A 35 -6.39 2.15 8.37
C LYS A 35 -7.93 1.95 8.35
N GLN A 36 -8.65 2.82 7.61
CA GLN A 36 -10.13 2.78 7.48
C GLN A 36 -10.63 1.44 6.88
N ILE A 37 -9.75 0.76 6.14
CA ILE A 37 -10.02 -0.55 5.51
C ILE A 37 -9.85 -1.70 6.53
N GLY A 38 -8.81 -1.61 7.35
CA GLY A 38 -8.54 -2.62 8.37
C GLY A 38 -7.24 -2.36 9.13
N ILE A 39 -6.85 -3.35 9.95
CA ILE A 39 -5.59 -3.31 10.72
C ILE A 39 -4.37 -3.41 9.76
N ILE A 40 -3.45 -2.44 9.88
CA ILE A 40 -2.15 -2.45 9.19
C ILE A 40 -1.08 -3.07 10.13
N LYS A 41 -0.21 -3.94 9.59
CA LYS A 41 0.93 -4.50 10.34
C LYS A 41 1.87 -3.40 10.85
N THR A 42 2.44 -3.66 12.01
CA THR A 42 3.38 -2.74 12.70
C THR A 42 4.65 -3.50 13.09
N ASN A 43 5.80 -2.98 12.66
CA ASN A 43 7.12 -3.44 13.11
C ASN A 43 7.21 -3.32 14.65
N LYS A 44 7.16 -4.47 15.33
CA LYS A 44 7.13 -4.55 16.82
C LYS A 44 8.47 -4.08 17.47
N LYS A 45 9.54 -4.06 16.67
CA LYS A 45 10.88 -3.62 17.13
C LYS A 45 10.99 -2.07 17.18
N THR A 46 10.56 -1.41 16.10
CA THR A 46 10.63 0.08 15.96
C THR A 46 9.40 0.76 16.60
N GLY A 47 8.22 0.14 16.43
CA GLY A 47 6.92 0.73 16.82
C GLY A 47 6.22 1.44 15.64
N GLN A 48 6.82 1.37 14.45
CA GLN A 48 6.31 2.01 13.22
C GLN A 48 5.55 1.01 12.31
N PRO A 49 4.45 1.45 11.62
CA PRO A 49 3.67 0.58 10.70
C PRO A 49 4.51 0.17 9.46
N MET A 50 4.38 -1.12 9.04
CA MET A 50 5.19 -1.67 7.94
C MET A 50 4.72 -1.08 6.60
N ILE A 51 5.39 0.01 6.20
CA ILE A 51 5.09 0.79 4.98
C ILE A 51 6.41 1.36 4.43
N ASN A 52 6.78 1.00 3.18
CA ASN A 52 8.05 1.45 2.55
C ASN A 52 7.77 2.50 1.47
N LEU A 53 8.16 3.77 1.75
CA LEU A 53 8.06 4.89 0.78
C LEU A 53 9.24 4.81 -0.21
N TYR A 54 8.94 4.88 -1.52
CA TYR A 54 9.95 4.88 -2.59
C TYR A 54 10.39 6.32 -2.91
N THR A 55 11.68 6.61 -2.70
CA THR A 55 12.31 7.92 -2.98
C THR A 55 13.06 7.87 -4.33
N ASP A 56 13.14 9.02 -5.01
CA ASP A 56 13.80 9.14 -6.32
C ASP A 56 15.34 9.24 -6.12
N ARG A 57 16.10 8.45 -6.90
CA ARG A 57 17.57 8.39 -6.81
C ARG A 57 18.25 9.69 -7.33
N GLU A 58 17.64 10.34 -8.34
CA GLU A 58 18.22 11.51 -9.04
C GLU A 58 17.89 12.83 -8.31
N THR A 59 16.59 13.06 -8.05
CA THR A 59 16.08 14.31 -7.42
C THR A 59 16.23 14.30 -5.88
N GLY A 60 16.15 13.09 -5.29
CA GLY A 60 16.17 12.94 -3.81
C GLY A 60 14.81 13.22 -3.15
N LYS A 61 13.77 13.45 -3.97
CA LYS A 61 12.38 13.66 -3.51
C LYS A 61 11.56 12.37 -3.70
N LEU A 62 10.49 12.21 -2.92
CA LEU A 62 9.64 11.00 -2.95
C LEU A 62 8.96 10.80 -4.34
N LYS A 63 8.96 9.56 -4.83
CA LYS A 63 8.35 9.19 -6.13
C LYS A 63 6.80 9.22 -6.07
N GLY A 64 6.24 9.24 -4.85
CA GLY A 64 4.80 9.11 -4.65
C GLY A 64 4.33 7.66 -4.78
N GLU A 65 5.18 6.73 -4.31
CA GLU A 65 4.91 5.28 -4.32
C GLU A 65 5.19 4.69 -2.92
N ALA A 66 4.46 3.62 -2.53
CA ALA A 66 4.66 2.95 -1.21
C ALA A 66 4.07 1.53 -1.17
N THR A 67 4.64 0.70 -0.29
CA THR A 67 4.11 -0.67 -0.02
C THR A 67 3.48 -0.75 1.38
N VAL A 68 2.15 -1.00 1.45
CA VAL A 68 1.38 -1.03 2.73
C VAL A 68 1.10 -2.49 3.14
N SER A 69 1.75 -2.95 4.22
CA SER A 69 1.52 -4.30 4.77
C SER A 69 0.30 -4.31 5.70
N PHE A 70 -0.85 -4.83 5.21
CA PHE A 70 -2.04 -5.08 6.05
C PHE A 70 -1.88 -6.39 6.86
N ASP A 71 -2.57 -6.45 8.00
CA ASP A 71 -2.51 -7.62 8.90
C ASP A 71 -3.33 -8.80 8.32
N ASP A 72 -4.44 -8.48 7.64
CA ASP A 72 -5.24 -9.48 6.91
C ASP A 72 -5.14 -9.27 5.38
N PRO A 73 -4.84 -10.35 4.59
CA PRO A 73 -4.99 -10.35 3.11
C PRO A 73 -6.38 -9.83 2.55
N PRO A 74 -7.60 -10.11 3.17
CA PRO A 74 -8.88 -9.49 2.71
C PRO A 74 -8.91 -7.94 2.84
N SER A 75 -8.15 -7.39 3.82
CA SER A 75 -8.01 -5.92 4.02
C SER A 75 -7.13 -5.32 2.91
N ALA A 76 -6.05 -6.06 2.56
CA ALA A 76 -5.14 -5.69 1.46
C ALA A 76 -5.90 -5.61 0.11
N LYS A 77 -6.70 -6.66 -0.18
CA LYS A 77 -7.55 -6.76 -1.39
C LYS A 77 -8.58 -5.60 -1.45
N ALA A 78 -9.31 -5.41 -0.35
CA ALA A 78 -10.37 -4.38 -0.26
C ALA A 78 -9.81 -2.95 -0.45
N ALA A 79 -8.62 -2.68 0.12
CA ALA A 79 -7.91 -1.38 -0.01
C ALA A 79 -7.60 -1.03 -1.48
N ILE A 80 -7.29 -2.06 -2.29
CA ILE A 80 -7.06 -1.91 -3.75
C ILE A 80 -8.32 -1.40 -4.47
N ASP A 81 -9.38 -2.21 -4.38
CA ASP A 81 -10.67 -1.93 -5.04
C ASP A 81 -11.30 -0.60 -4.56
N TRP A 82 -11.02 -0.23 -3.31
CA TRP A 82 -11.55 1.00 -2.69
C TRP A 82 -10.75 2.25 -3.14
N PHE A 83 -9.44 2.26 -2.86
CA PHE A 83 -8.57 3.44 -3.07
C PHE A 83 -8.10 3.64 -4.53
N ASP A 84 -8.31 2.65 -5.40
CA ASP A 84 -7.97 2.80 -6.83
C ASP A 84 -8.85 3.89 -7.48
N GLY A 85 -8.23 5.02 -7.84
CA GLY A 85 -8.93 6.19 -8.39
C GLY A 85 -9.26 7.28 -7.35
N LYS A 86 -8.87 7.06 -6.08
CA LYS A 86 -9.07 8.04 -4.99
C LYS A 86 -7.81 8.91 -4.77
N GLU A 87 -7.98 10.16 -4.35
CA GLU A 87 -6.85 11.08 -4.10
C GLU A 87 -6.30 10.93 -2.66
N PHE A 88 -4.98 10.72 -2.56
CA PHE A 88 -4.28 10.59 -1.26
C PHE A 88 -3.98 11.99 -0.66
N SER A 89 -3.00 12.69 -1.23
CA SER A 89 -2.55 14.02 -0.74
C SER A 89 -2.74 15.09 -1.83
N GLY A 90 -3.99 15.17 -2.36
CA GLY A 90 -4.32 16.05 -3.50
C GLY A 90 -3.97 15.43 -4.87
N ASN A 91 -3.43 14.20 -4.85
CA ASN A 91 -2.98 13.47 -6.06
C ASN A 91 -3.71 12.10 -6.16
N PRO A 92 -4.38 11.79 -7.34
CA PRO A 92 -5.11 10.51 -7.54
C PRO A 92 -4.16 9.29 -7.59
N ILE A 93 -4.49 8.23 -6.85
CA ILE A 93 -3.63 7.03 -6.69
C ILE A 93 -4.18 5.82 -7.45
N LYS A 94 -3.27 4.93 -7.83
CA LYS A 94 -3.61 3.62 -8.43
C LYS A 94 -3.00 2.52 -7.55
N VAL A 95 -3.82 1.55 -7.13
CA VAL A 95 -3.43 0.54 -6.12
C VAL A 95 -3.40 -0.89 -6.74
N SER A 96 -2.42 -1.69 -6.28
CA SER A 96 -2.21 -3.12 -6.70
C SER A 96 -1.64 -3.91 -5.50
N PHE A 97 -1.32 -5.21 -5.67
CA PHE A 97 -0.53 -5.97 -4.66
C PHE A 97 0.99 -5.80 -4.90
N ALA A 98 1.77 -5.83 -3.81
CA ALA A 98 3.25 -5.75 -3.85
C ALA A 98 3.84 -7.17 -3.96
N THR A 99 3.94 -7.67 -5.21
CA THR A 99 4.38 -9.05 -5.49
C THR A 99 5.19 -9.11 -6.84
N MET A 1 16.08 -23.05 -9.65
CA MET A 1 14.81 -22.69 -8.97
C MET A 1 15.09 -21.99 -7.61
N GLY A 2 14.35 -20.92 -7.30
CA GLY A 2 14.50 -20.19 -6.03
C GLY A 2 14.33 -18.68 -6.19
N HIS A 3 15.35 -18.02 -6.73
CA HIS A 3 15.32 -16.55 -6.97
C HIS A 3 14.42 -16.20 -8.19
N HIS A 4 14.02 -14.90 -8.29
CA HIS A 4 13.21 -14.37 -9.43
C HIS A 4 11.84 -15.09 -9.59
N HIS A 5 11.30 -15.61 -8.47
CA HIS A 5 10.07 -16.41 -8.47
C HIS A 5 8.81 -15.50 -8.60
N HIS A 6 7.92 -15.84 -9.54
CA HIS A 6 6.71 -15.01 -9.85
C HIS A 6 5.55 -15.25 -8.85
N HIS A 7 4.92 -14.15 -8.42
CA HIS A 7 3.73 -14.15 -7.52
C HIS A 7 2.64 -15.17 -7.96
N HIS A 8 2.47 -16.25 -7.17
CA HIS A 8 1.56 -17.37 -7.50
C HIS A 8 0.07 -17.00 -7.31
N SER A 9 -0.21 -16.07 -6.37
CA SER A 9 -1.59 -15.68 -5.99
C SER A 9 -1.96 -14.27 -6.48
N HIS A 10 -3.27 -14.05 -6.70
CA HIS A 10 -3.85 -12.76 -7.13
C HIS A 10 -4.92 -12.26 -6.12
N SER A 11 -4.92 -12.84 -4.90
CA SER A 11 -5.89 -12.50 -3.83
C SER A 11 -5.22 -12.64 -2.44
N ASP A 12 -4.55 -13.78 -2.22
CA ASP A 12 -3.72 -14.02 -1.02
C ASP A 12 -2.37 -13.24 -1.13
N ASN A 13 -2.42 -11.97 -0.74
CA ASN A 13 -1.24 -11.10 -0.58
C ASN A 13 -1.63 -9.93 0.34
N ASN A 14 -0.79 -9.67 1.35
CA ASN A 14 -1.07 -8.65 2.38
C ASN A 14 -0.39 -7.30 2.06
N THR A 15 0.69 -7.34 1.26
CA THR A 15 1.44 -6.13 0.87
C THR A 15 0.95 -5.62 -0.50
N ILE A 16 0.55 -4.34 -0.58
CA ILE A 16 0.01 -3.73 -1.82
C ILE A 16 0.85 -2.50 -2.28
N PHE A 17 1.05 -2.36 -3.60
CA PHE A 17 1.79 -1.23 -4.18
C PHE A 17 0.82 -0.11 -4.63
N VAL A 18 1.09 1.12 -4.15
CA VAL A 18 0.29 2.31 -4.42
C VAL A 18 1.14 3.38 -5.13
N GLN A 19 0.58 4.04 -6.15
CA GLN A 19 1.24 5.15 -6.90
C GLN A 19 0.41 6.45 -6.80
N GLY A 20 1.10 7.60 -6.98
CA GLY A 20 0.44 8.92 -6.96
C GLY A 20 0.33 9.54 -5.56
N LEU A 21 0.85 8.87 -4.54
CA LEU A 21 0.81 9.34 -3.12
C LEU A 21 1.45 10.74 -2.91
N GLY A 22 2.33 11.18 -3.84
CA GLY A 22 2.95 12.51 -3.79
C GLY A 22 4.34 12.53 -3.11
N GLU A 23 5.11 13.59 -3.35
CA GLU A 23 6.46 13.78 -2.73
C GLU A 23 6.35 14.13 -1.23
N ASN A 24 5.17 14.64 -0.82
CA ASN A 24 4.92 15.14 0.56
C ASN A 24 4.32 14.01 1.45
N VAL A 25 4.17 12.78 0.89
CA VAL A 25 3.56 11.63 1.60
C VAL A 25 4.40 11.15 2.80
N THR A 26 3.73 10.64 3.86
CA THR A 26 4.40 10.00 5.01
C THR A 26 3.78 8.61 5.28
N ILE A 27 4.55 7.73 5.95
CA ILE A 27 4.11 6.39 6.40
C ILE A 27 2.81 6.49 7.25
N GLU A 28 2.76 7.50 8.15
CA GLU A 28 1.60 7.73 9.06
C GLU A 28 0.38 8.29 8.30
N SER A 29 0.62 9.04 7.22
CA SER A 29 -0.48 9.54 6.35
C SER A 29 -1.12 8.40 5.54
N VAL A 30 -0.29 7.51 4.99
CA VAL A 30 -0.75 6.29 4.29
C VAL A 30 -1.47 5.36 5.29
N ALA A 31 -0.91 5.25 6.51
CA ALA A 31 -1.47 4.44 7.60
C ALA A 31 -2.85 4.96 8.08
N ASP A 32 -2.98 6.30 8.18
CA ASP A 32 -4.22 6.97 8.61
C ASP A 32 -5.32 6.83 7.53
N TYR A 33 -4.91 6.84 6.27
CA TYR A 33 -5.82 6.68 5.11
C TYR A 33 -6.34 5.23 5.00
N PHE A 34 -5.40 4.25 5.01
CA PHE A 34 -5.69 2.81 4.81
C PHE A 34 -6.21 2.09 6.09
N LYS A 35 -6.06 2.71 7.28
CA LYS A 35 -6.54 2.14 8.59
C LYS A 35 -8.05 1.77 8.55
N GLN A 36 -8.85 2.55 7.80
CA GLN A 36 -10.33 2.38 7.70
C GLN A 36 -10.73 1.01 7.09
N ILE A 37 -9.81 0.40 6.33
CA ILE A 37 -10.03 -0.89 5.65
C ILE A 37 -9.81 -2.07 6.60
N GLY A 38 -8.65 -2.05 7.28
CA GLY A 38 -8.24 -3.15 8.13
C GLY A 38 -6.98 -2.84 8.93
N ILE A 39 -6.55 -3.83 9.71
CA ILE A 39 -5.30 -3.76 10.47
C ILE A 39 -4.08 -3.81 9.52
N ILE A 40 -3.23 -2.77 9.61
CA ILE A 40 -1.93 -2.71 8.92
C ILE A 40 -0.84 -3.24 9.87
N LYS A 41 0.08 -4.11 9.36
CA LYS A 41 1.24 -4.60 10.14
C LYS A 41 2.10 -3.45 10.69
N THR A 42 2.81 -3.71 11.79
CA THR A 42 3.55 -2.68 12.54
C THR A 42 4.93 -3.21 12.98
N ASN A 43 5.99 -2.52 12.56
CA ASN A 43 7.34 -2.71 13.12
C ASN A 43 7.33 -2.25 14.59
N LYS A 44 7.49 -3.20 15.53
CA LYS A 44 7.46 -2.92 16.99
C LYS A 44 8.81 -2.40 17.51
N LYS A 45 9.87 -2.52 16.69
CA LYS A 45 11.23 -2.01 17.01
C LYS A 45 11.28 -0.47 16.87
N THR A 46 10.73 0.04 15.74
CA THR A 46 10.60 1.49 15.48
C THR A 46 9.32 2.06 16.14
N GLY A 47 8.24 1.27 16.07
CA GLY A 47 6.91 1.67 16.55
C GLY A 47 6.07 2.31 15.44
N GLN A 48 6.48 2.11 14.17
CA GLN A 48 5.76 2.61 12.98
C GLN A 48 5.22 1.43 12.12
N PRO A 49 4.08 1.63 11.40
CA PRO A 49 3.50 0.59 10.50
C PRO A 49 4.45 0.23 9.33
N MET A 50 4.35 -1.02 8.84
CA MET A 50 5.18 -1.51 7.74
C MET A 50 4.63 -0.97 6.41
N ILE A 51 5.19 0.17 5.99
CA ILE A 51 4.85 0.87 4.74
C ILE A 51 6.14 1.43 4.14
N ASN A 52 6.56 0.91 2.97
CA ASN A 52 7.89 1.23 2.40
C ASN A 52 7.73 2.31 1.31
N LEU A 53 8.22 3.52 1.62
CA LEU A 53 8.14 4.68 0.71
C LEU A 53 9.24 4.59 -0.37
N TYR A 54 8.84 4.64 -1.64
CA TYR A 54 9.76 4.64 -2.79
C TYR A 54 10.39 6.04 -2.98
N THR A 55 11.73 6.07 -3.02
CA THR A 55 12.50 7.30 -3.22
C THR A 55 13.30 7.23 -4.54
N ASP A 56 13.42 8.36 -5.21
CA ASP A 56 14.33 8.53 -6.36
C ASP A 56 15.78 8.56 -5.86
N ARG A 57 16.57 7.51 -6.20
CA ARG A 57 18.01 7.44 -5.87
C ARG A 57 18.83 8.56 -6.58
N GLU A 58 18.28 9.08 -7.69
CA GLU A 58 18.91 10.14 -8.51
C GLU A 58 18.86 11.52 -7.81
N THR A 59 17.70 11.87 -7.22
CA THR A 59 17.47 13.20 -6.56
C THR A 59 17.61 13.10 -5.03
N GLY A 60 16.92 12.12 -4.45
CA GLY A 60 16.83 11.95 -2.98
C GLY A 60 15.43 12.24 -2.45
N LYS A 61 14.50 12.63 -3.34
CA LYS A 61 13.09 12.92 -2.99
C LYS A 61 12.17 11.71 -3.29
N LEU A 62 10.99 11.67 -2.66
CA LEU A 62 10.03 10.55 -2.80
C LEU A 62 9.39 10.51 -4.21
N LYS A 63 9.28 9.31 -4.80
CA LYS A 63 8.62 9.07 -6.11
C LYS A 63 7.09 9.33 -6.07
N GLY A 64 6.52 9.36 -4.84
CA GLY A 64 5.07 9.39 -4.66
C GLY A 64 4.45 8.01 -4.73
N GLU A 65 5.20 7.01 -4.25
CA GLU A 65 4.79 5.58 -4.25
C GLU A 65 5.12 4.95 -2.88
N ALA A 66 4.38 3.87 -2.53
CA ALA A 66 4.65 3.10 -1.30
C ALA A 66 3.96 1.72 -1.33
N THR A 67 4.55 0.77 -0.61
CA THR A 67 3.96 -0.57 -0.38
C THR A 67 3.39 -0.66 1.06
N VAL A 68 2.09 -0.98 1.18
CA VAL A 68 1.39 -1.06 2.49
C VAL A 68 1.19 -2.54 2.90
N SER A 69 1.91 -3.00 3.92
CA SER A 69 1.78 -4.37 4.44
C SER A 69 0.66 -4.46 5.49
N PHE A 70 -0.51 -4.95 5.07
CA PHE A 70 -1.63 -5.26 5.99
C PHE A 70 -1.37 -6.58 6.75
N ASP A 71 -2.09 -6.76 7.87
CA ASP A 71 -1.99 -7.96 8.71
C ASP A 71 -2.80 -9.13 8.11
N ASP A 72 -3.90 -8.80 7.41
CA ASP A 72 -4.73 -9.79 6.68
C ASP A 72 -4.65 -9.54 5.14
N PRO A 73 -4.43 -10.62 4.32
CA PRO A 73 -4.55 -10.53 2.84
C PRO A 73 -5.93 -10.00 2.28
N PRO A 74 -7.16 -10.31 2.89
CA PRO A 74 -8.43 -9.69 2.42
C PRO A 74 -8.48 -8.14 2.64
N SER A 75 -7.74 -7.64 3.66
CA SER A 75 -7.68 -6.19 3.97
C SER A 75 -6.89 -5.45 2.87
N ALA A 76 -5.82 -6.10 2.41
CA ALA A 76 -4.97 -5.60 1.31
C ALA A 76 -5.78 -5.47 -0.01
N LYS A 77 -6.51 -6.55 -0.35
CA LYS A 77 -7.38 -6.61 -1.55
C LYS A 77 -8.49 -5.54 -1.49
N ALA A 78 -9.12 -5.41 -0.32
CA ALA A 78 -10.19 -4.42 -0.07
C ALA A 78 -9.69 -2.98 -0.27
N ALA A 79 -8.49 -2.68 0.25
CA ALA A 79 -7.84 -1.35 0.10
C ALA A 79 -7.55 -0.99 -1.37
N ILE A 80 -7.27 -2.02 -2.21
CA ILE A 80 -7.14 -1.86 -3.68
C ILE A 80 -8.46 -1.38 -4.30
N ASP A 81 -9.50 -2.22 -4.17
CA ASP A 81 -10.84 -1.96 -4.74
C ASP A 81 -11.46 -0.63 -4.22
N TRP A 82 -11.11 -0.28 -2.97
CA TRP A 82 -11.62 0.92 -2.29
C TRP A 82 -10.90 2.21 -2.77
N PHE A 83 -9.56 2.27 -2.58
CA PHE A 83 -8.76 3.51 -2.80
C PHE A 83 -8.27 3.71 -4.25
N ASP A 84 -8.38 2.68 -5.11
CA ASP A 84 -8.01 2.81 -6.53
C ASP A 84 -8.96 3.84 -7.21
N GLY A 85 -8.37 4.92 -7.73
CA GLY A 85 -9.13 6.03 -8.33
C GLY A 85 -9.60 7.10 -7.34
N LYS A 86 -9.31 6.92 -6.04
CA LYS A 86 -9.73 7.87 -4.96
C LYS A 86 -8.61 8.86 -4.59
N GLU A 87 -9.01 10.07 -4.15
CA GLU A 87 -8.06 11.17 -3.84
C GLU A 87 -7.35 10.99 -2.48
N PHE A 88 -6.01 10.98 -2.52
CA PHE A 88 -5.13 11.08 -1.34
C PHE A 88 -4.16 12.27 -1.56
N SER A 89 -4.02 13.13 -0.53
CA SER A 89 -3.06 14.27 -0.52
C SER A 89 -3.35 15.34 -1.61
N GLY A 90 -4.52 15.24 -2.28
CA GLY A 90 -4.94 16.20 -3.32
C GLY A 90 -4.84 15.67 -4.75
N ASN A 91 -4.79 14.33 -4.94
CA ASN A 91 -4.80 13.72 -6.31
C ASN A 91 -5.38 12.27 -6.27
N PRO A 92 -6.10 11.80 -7.34
CA PRO A 92 -6.64 10.41 -7.39
C PRO A 92 -5.53 9.34 -7.59
N ILE A 93 -5.18 8.62 -6.49
CA ILE A 93 -4.11 7.59 -6.49
C ILE A 93 -4.55 6.28 -7.18
N LYS A 94 -3.56 5.42 -7.50
CA LYS A 94 -3.77 4.11 -8.15
C LYS A 94 -3.21 2.99 -7.25
N VAL A 95 -4.08 2.06 -6.79
CA VAL A 95 -3.72 1.01 -5.81
C VAL A 95 -3.83 -0.39 -6.45
N SER A 96 -2.82 -1.25 -6.20
CA SER A 96 -2.78 -2.66 -6.65
C SER A 96 -1.91 -3.51 -5.71
N PHE A 97 -1.82 -4.84 -5.91
CA PHE A 97 -0.92 -5.72 -5.09
C PHE A 97 0.57 -5.43 -5.37
N ALA A 98 1.41 -5.57 -4.33
CA ALA A 98 2.87 -5.45 -4.46
C ALA A 98 3.44 -6.75 -5.06
N THR A 99 3.66 -6.72 -6.38
CA THR A 99 4.20 -7.83 -7.15
C THR A 99 5.74 -7.78 -7.21
N MET A 1 -1.38 -33.70 -18.24
CA MET A 1 -2.42 -34.05 -17.22
C MET A 1 -2.86 -32.79 -16.45
N GLY A 2 -4.15 -32.74 -16.02
CA GLY A 2 -4.73 -31.58 -15.34
C GLY A 2 -5.38 -30.60 -16.31
N HIS A 3 -6.73 -30.65 -16.42
CA HIS A 3 -7.51 -29.86 -17.39
C HIS A 3 -7.33 -28.33 -17.16
N HIS A 4 -7.63 -27.88 -15.93
CA HIS A 4 -7.36 -26.48 -15.51
C HIS A 4 -6.03 -26.40 -14.71
N HIS A 5 -4.90 -26.43 -15.45
CA HIS A 5 -3.55 -26.33 -14.84
C HIS A 5 -3.09 -24.84 -14.80
N HIS A 6 -3.17 -24.23 -13.61
CA HIS A 6 -2.87 -22.79 -13.39
C HIS A 6 -1.82 -22.61 -12.27
N HIS A 7 -0.97 -21.58 -12.43
CA HIS A 7 0.13 -21.27 -11.48
C HIS A 7 -0.38 -20.40 -10.31
N HIS A 8 -1.05 -21.03 -9.33
CA HIS A 8 -1.51 -20.37 -8.09
C HIS A 8 -0.39 -20.45 -7.02
N SER A 9 -0.16 -19.35 -6.30
CA SER A 9 0.91 -19.24 -5.28
C SER A 9 0.55 -19.99 -3.97
N HIS A 10 1.55 -20.68 -3.37
CA HIS A 10 1.37 -21.39 -2.08
C HIS A 10 1.30 -20.41 -0.88
N SER A 11 1.92 -19.23 -1.05
CA SER A 11 1.89 -18.14 -0.05
C SER A 11 0.82 -17.09 -0.39
N ASP A 12 0.33 -16.40 0.65
CA ASP A 12 -0.61 -15.26 0.50
C ASP A 12 0.17 -13.93 0.33
N ASN A 13 -0.56 -12.81 0.10
CA ASN A 13 0.04 -11.46 0.03
C ASN A 13 -0.86 -10.42 0.71
N ASN A 14 -0.36 -9.84 1.80
CA ASN A 14 -1.05 -8.77 2.56
C ASN A 14 -0.48 -7.37 2.22
N THR A 15 0.59 -7.33 1.39
CA THR A 15 1.26 -6.09 1.02
C THR A 15 0.80 -5.61 -0.37
N ILE A 16 0.34 -4.35 -0.44
CA ILE A 16 -0.13 -3.71 -1.68
C ILE A 16 0.85 -2.61 -2.14
N PHE A 17 0.91 -2.35 -3.46
CA PHE A 17 1.70 -1.24 -4.03
C PHE A 17 0.75 -0.12 -4.51
N VAL A 18 1.05 1.13 -4.11
CA VAL A 18 0.25 2.33 -4.44
C VAL A 18 1.12 3.37 -5.17
N GLN A 19 0.55 4.04 -6.18
CA GLN A 19 1.18 5.14 -6.95
C GLN A 19 0.37 6.44 -6.79
N GLY A 20 0.98 7.59 -7.14
CA GLY A 20 0.29 8.89 -7.16
C GLY A 20 0.07 9.52 -5.77
N LEU A 21 0.83 9.06 -4.79
CA LEU A 21 0.77 9.51 -3.38
C LEU A 21 1.41 10.92 -3.19
N GLY A 22 2.23 11.37 -4.17
CA GLY A 22 2.90 12.69 -4.12
C GLY A 22 4.24 12.68 -3.37
N GLU A 23 4.95 13.82 -3.42
CA GLU A 23 6.26 14.02 -2.73
C GLU A 23 6.10 14.15 -1.19
N ASN A 24 4.88 14.48 -0.71
CA ASN A 24 4.63 14.75 0.74
C ASN A 24 4.09 13.50 1.48
N VAL A 25 4.13 12.33 0.83
CA VAL A 25 3.62 11.06 1.42
C VAL A 25 4.48 10.61 2.63
N THR A 26 3.83 10.31 3.77
CA THR A 26 4.52 9.81 4.99
C THR A 26 3.92 8.45 5.40
N ILE A 27 4.75 7.61 6.04
CA ILE A 27 4.34 6.26 6.54
C ILE A 27 3.09 6.34 7.45
N GLU A 28 3.08 7.35 8.35
CA GLU A 28 1.95 7.59 9.28
C GLU A 28 0.67 8.08 8.55
N SER A 29 0.83 8.94 7.54
CA SER A 29 -0.30 9.44 6.69
C SER A 29 -0.95 8.29 5.90
N VAL A 30 -0.11 7.40 5.34
CA VAL A 30 -0.58 6.21 4.60
C VAL A 30 -1.32 5.23 5.55
N ALA A 31 -0.74 5.03 6.75
CA ALA A 31 -1.33 4.17 7.80
C ALA A 31 -2.70 4.70 8.29
N ASP A 32 -2.82 6.03 8.45
CA ASP A 32 -4.06 6.69 8.91
C ASP A 32 -5.15 6.69 7.79
N TYR A 33 -4.71 6.75 6.53
CA TYR A 33 -5.60 6.75 5.35
C TYR A 33 -6.21 5.35 5.08
N PHE A 34 -5.35 4.33 4.96
CA PHE A 34 -5.74 2.93 4.63
C PHE A 34 -6.35 2.14 5.83
N LYS A 35 -6.19 2.65 7.07
CA LYS A 35 -6.69 1.96 8.31
C LYS A 35 -8.21 1.63 8.29
N GLN A 36 -9.01 2.47 7.59
CA GLN A 36 -10.48 2.35 7.54
C GLN A 36 -10.96 1.00 6.93
N ILE A 37 -10.11 0.39 6.10
CA ILE A 37 -10.38 -0.92 5.49
C ILE A 37 -9.98 -2.06 6.44
N GLY A 38 -8.74 -2.00 6.94
CA GLY A 38 -8.21 -3.08 7.76
C GLY A 38 -7.01 -2.66 8.59
N ILE A 39 -6.65 -3.53 9.54
CA ILE A 39 -5.48 -3.36 10.40
C ILE A 39 -4.20 -3.47 9.54
N ILE A 40 -3.31 -2.48 9.66
CA ILE A 40 -2.00 -2.48 9.00
C ILE A 40 -0.93 -2.97 9.98
N LYS A 41 -0.01 -3.85 9.51
CA LYS A 41 1.11 -4.36 10.31
C LYS A 41 1.99 -3.23 10.86
N THR A 42 2.46 -3.42 12.10
CA THR A 42 3.30 -2.43 12.81
C THR A 42 4.53 -3.12 13.44
N ASN A 43 5.72 -2.59 13.14
CA ASN A 43 6.98 -3.00 13.77
C ASN A 43 7.00 -2.51 15.25
N LYS A 44 7.07 -3.44 16.22
CA LYS A 44 7.09 -3.12 17.68
C LYS A 44 8.48 -2.61 18.13
N LYS A 45 9.54 -2.97 17.37
CA LYS A 45 10.93 -2.55 17.67
C LYS A 45 11.09 -1.02 17.49
N THR A 46 10.65 -0.51 16.32
CA THR A 46 10.69 0.94 16.02
C THR A 46 9.44 1.67 16.56
N GLY A 47 8.28 0.98 16.48
CA GLY A 47 6.97 1.57 16.83
C GLY A 47 6.17 2.06 15.60
N GLN A 48 6.79 1.95 14.41
CA GLN A 48 6.20 2.44 13.12
C GLN A 48 5.55 1.31 12.30
N PRO A 49 4.45 1.61 11.51
CA PRO A 49 3.81 0.62 10.62
C PRO A 49 4.70 0.21 9.42
N MET A 50 4.55 -1.05 8.95
CA MET A 50 5.36 -1.60 7.87
C MET A 50 4.85 -1.07 6.50
N ILE A 51 5.49 0.01 6.05
CA ILE A 51 5.18 0.73 4.79
C ILE A 51 6.51 1.27 4.21
N ASN A 52 6.83 0.89 2.95
CA ASN A 52 8.10 1.30 2.30
C ASN A 52 7.81 2.37 1.24
N LEU A 53 8.22 3.62 1.53
CA LEU A 53 8.04 4.76 0.61
C LEU A 53 9.18 4.78 -0.43
N TYR A 54 8.81 4.64 -1.71
CA TYR A 54 9.77 4.67 -2.82
C TYR A 54 10.32 6.10 -3.03
N THR A 55 11.59 6.31 -2.61
CA THR A 55 12.33 7.56 -2.85
C THR A 55 13.08 7.46 -4.19
N ASP A 56 13.23 8.58 -4.89
CA ASP A 56 13.90 8.64 -6.19
C ASP A 56 15.44 8.66 -5.99
N ARG A 57 16.14 7.73 -6.65
CA ARG A 57 17.62 7.60 -6.55
C ARG A 57 18.38 8.76 -7.23
N GLU A 58 17.72 9.46 -8.19
CA GLU A 58 18.34 10.57 -8.94
C GLU A 58 18.03 11.94 -8.28
N THR A 59 16.72 12.27 -8.11
CA THR A 59 16.27 13.59 -7.57
C THR A 59 16.30 13.63 -6.02
N GLY A 60 16.30 12.44 -5.38
CA GLY A 60 16.35 12.34 -3.90
C GLY A 60 15.01 12.59 -3.19
N LYS A 61 13.96 12.91 -3.95
CA LYS A 61 12.61 13.18 -3.41
C LYS A 61 11.69 11.96 -3.59
N LEU A 62 10.59 11.89 -2.81
CA LEU A 62 9.64 10.77 -2.87
C LEU A 62 8.91 10.72 -4.23
N LYS A 63 8.97 9.54 -4.88
CA LYS A 63 8.39 9.31 -6.23
C LYS A 63 6.85 9.39 -6.23
N GLY A 64 6.24 9.31 -5.03
CA GLY A 64 4.80 9.21 -4.87
C GLY A 64 4.30 7.78 -4.97
N GLU A 65 5.16 6.83 -4.56
CA GLU A 65 4.88 5.37 -4.62
C GLU A 65 5.27 4.74 -3.26
N ALA A 66 4.57 3.64 -2.88
CA ALA A 66 4.79 2.96 -1.57
C ALA A 66 4.20 1.54 -1.53
N THR A 67 4.72 0.69 -0.63
CA THR A 67 4.15 -0.66 -0.36
C THR A 67 3.65 -0.79 1.09
N VAL A 68 2.33 -1.01 1.24
CA VAL A 68 1.63 -1.02 2.55
C VAL A 68 1.33 -2.48 2.99
N SER A 69 2.00 -2.95 4.06
CA SER A 69 1.77 -4.31 4.60
C SER A 69 0.60 -4.31 5.59
N PHE A 70 -0.58 -4.81 5.15
CA PHE A 70 -1.73 -5.07 6.06
C PHE A 70 -1.51 -6.35 6.86
N ASP A 71 -2.30 -6.53 7.91
CA ASP A 71 -2.30 -7.76 8.72
C ASP A 71 -3.01 -8.90 7.95
N ASP A 72 -4.12 -8.55 7.27
CA ASP A 72 -4.96 -9.51 6.51
C ASP A 72 -4.79 -9.31 4.99
N PRO A 73 -4.50 -10.39 4.18
CA PRO A 73 -4.61 -10.36 2.70
C PRO A 73 -6.03 -9.89 2.15
N PRO A 74 -7.24 -10.26 2.76
CA PRO A 74 -8.55 -9.67 2.34
C PRO A 74 -8.65 -8.14 2.59
N SER A 75 -7.91 -7.62 3.61
CA SER A 75 -7.85 -6.16 3.89
C SER A 75 -7.00 -5.45 2.81
N ALA A 76 -5.91 -6.11 2.40
CA ALA A 76 -5.03 -5.65 1.32
C ALA A 76 -5.81 -5.49 0.00
N LYS A 77 -6.52 -6.57 -0.38
CA LYS A 77 -7.32 -6.63 -1.62
C LYS A 77 -8.49 -5.61 -1.59
N ALA A 78 -9.19 -5.51 -0.44
CA ALA A 78 -10.29 -4.55 -0.24
C ALA A 78 -9.82 -3.08 -0.40
N ALA A 79 -8.62 -2.78 0.16
CA ALA A 79 -7.98 -1.44 0.03
C ALA A 79 -7.63 -1.08 -1.43
N ILE A 80 -7.33 -2.12 -2.25
CA ILE A 80 -7.13 -1.94 -3.71
C ILE A 80 -8.43 -1.43 -4.37
N ASP A 81 -9.49 -2.25 -4.28
CA ASP A 81 -10.83 -1.94 -4.85
C ASP A 81 -11.39 -0.60 -4.31
N TRP A 82 -11.09 -0.28 -3.05
CA TRP A 82 -11.62 0.90 -2.34
C TRP A 82 -10.88 2.21 -2.77
N PHE A 83 -9.54 2.20 -2.64
CA PHE A 83 -8.70 3.43 -2.81
C PHE A 83 -8.16 3.65 -4.24
N ASP A 84 -8.25 2.64 -5.13
CA ASP A 84 -7.83 2.80 -6.54
C ASP A 84 -8.73 3.84 -7.26
N GLY A 85 -8.09 4.84 -7.89
CA GLY A 85 -8.81 5.95 -8.54
C GLY A 85 -9.25 7.09 -7.59
N LYS A 86 -8.92 6.98 -6.28
CA LYS A 86 -9.25 8.02 -5.26
C LYS A 86 -8.11 9.05 -5.10
N GLU A 87 -8.15 9.88 -4.03
CA GLU A 87 -7.11 10.91 -3.75
C GLU A 87 -6.51 10.76 -2.33
N PHE A 88 -5.16 10.66 -2.25
CA PHE A 88 -4.44 10.54 -0.96
C PHE A 88 -4.33 11.91 -0.24
N SER A 89 -3.51 12.83 -0.80
CA SER A 89 -3.28 14.18 -0.24
C SER A 89 -3.38 15.23 -1.36
N GLY A 90 -4.63 15.51 -1.77
CA GLY A 90 -4.92 16.42 -2.90
C GLY A 90 -4.58 15.85 -4.28
N ASN A 91 -4.05 14.62 -4.34
CA ASN A 91 -3.52 13.99 -5.57
C ASN A 91 -4.15 12.58 -5.82
N PRO A 92 -4.58 12.27 -7.09
CA PRO A 92 -5.17 10.94 -7.45
C PRO A 92 -4.14 9.77 -7.38
N ILE A 93 -4.59 8.61 -6.87
CA ILE A 93 -3.74 7.42 -6.60
C ILE A 93 -4.24 6.15 -7.34
N LYS A 94 -3.30 5.26 -7.65
CA LYS A 94 -3.57 3.94 -8.26
C LYS A 94 -3.10 2.84 -7.29
N VAL A 95 -3.98 1.93 -6.86
CA VAL A 95 -3.62 0.85 -5.91
C VAL A 95 -3.69 -0.53 -6.61
N SER A 96 -2.73 -1.40 -6.26
CA SER A 96 -2.63 -2.81 -6.73
C SER A 96 -1.90 -3.66 -5.68
N PHE A 97 -1.70 -4.96 -5.90
CA PHE A 97 -0.84 -5.80 -5.02
C PHE A 97 0.67 -5.48 -5.26
N ALA A 98 1.49 -5.65 -4.21
CA ALA A 98 2.97 -5.53 -4.30
C ALA A 98 3.58 -6.85 -4.80
N THR A 99 3.69 -6.99 -6.14
CA THR A 99 4.25 -8.19 -6.81
C THR A 99 4.71 -7.85 -8.27
N MET A 1 8.21 -23.91 -19.94
CA MET A 1 7.24 -23.87 -21.06
C MET A 1 7.59 -22.72 -22.04
N GLY A 2 8.11 -23.07 -23.24
CA GLY A 2 8.52 -22.09 -24.26
C GLY A 2 9.68 -21.18 -23.81
N HIS A 3 9.66 -19.91 -24.27
CA HIS A 3 10.65 -18.88 -23.84
C HIS A 3 10.01 -17.82 -22.91
N HIS A 4 8.66 -17.70 -22.95
CA HIS A 4 7.90 -16.80 -22.05
C HIS A 4 6.43 -17.26 -21.90
N HIS A 5 6.20 -18.20 -20.97
CA HIS A 5 4.84 -18.68 -20.61
C HIS A 5 4.67 -18.69 -19.08
N HIS A 6 3.68 -17.93 -18.60
CA HIS A 6 3.32 -17.84 -17.18
C HIS A 6 1.83 -17.46 -17.04
N HIS A 7 1.21 -17.85 -15.93
CA HIS A 7 -0.19 -17.51 -15.62
C HIS A 7 -0.28 -16.15 -14.90
N HIS A 8 -1.03 -15.19 -15.49
CA HIS A 8 -1.30 -13.88 -14.86
C HIS A 8 -2.24 -14.04 -13.65
N SER A 9 -1.72 -13.80 -12.43
CA SER A 9 -2.47 -14.00 -11.17
C SER A 9 -2.55 -12.71 -10.34
N HIS A 10 -3.78 -12.30 -9.98
CA HIS A 10 -4.03 -11.22 -8.99
C HIS A 10 -3.82 -11.79 -7.55
N SER A 11 -2.55 -12.08 -7.23
CA SER A 11 -2.15 -12.82 -5.99
C SER A 11 -2.58 -12.08 -4.71
N ASP A 12 -3.48 -12.72 -3.93
CA ASP A 12 -4.00 -12.19 -2.65
C ASP A 12 -2.89 -12.16 -1.58
N ASN A 13 -2.05 -11.11 -1.64
CA ASN A 13 -0.99 -10.88 -0.64
C ASN A 13 -1.48 -9.91 0.45
N ASN A 14 -0.71 -9.79 1.55
CA ASN A 14 -1.06 -8.88 2.67
C ASN A 14 -0.37 -7.51 2.53
N THR A 15 0.24 -7.22 1.37
CA THR A 15 0.95 -5.94 1.13
C THR A 15 0.63 -5.41 -0.26
N ILE A 16 0.15 -4.16 -0.35
CA ILE A 16 -0.27 -3.56 -1.64
C ILE A 16 0.70 -2.46 -2.11
N PHE A 17 0.93 -2.37 -3.42
CA PHE A 17 1.76 -1.32 -4.03
C PHE A 17 0.87 -0.18 -4.54
N VAL A 18 0.94 0.97 -3.88
CA VAL A 18 0.15 2.17 -4.22
C VAL A 18 1.03 3.22 -4.94
N GLN A 19 0.49 3.84 -5.99
CA GLN A 19 1.17 4.89 -6.78
C GLN A 19 0.37 6.20 -6.74
N GLY A 20 0.98 7.32 -7.17
CA GLY A 20 0.31 8.63 -7.28
C GLY A 20 -0.05 9.27 -5.93
N LEU A 21 0.79 8.99 -4.91
CA LEU A 21 0.58 9.45 -3.52
C LEU A 21 1.06 10.91 -3.31
N GLY A 22 1.88 11.43 -4.23
CA GLY A 22 2.43 12.79 -4.13
C GLY A 22 3.79 12.88 -3.42
N GLU A 23 4.44 14.06 -3.51
CA GLU A 23 5.73 14.32 -2.83
C GLU A 23 5.58 14.53 -1.30
N ASN A 24 4.32 14.72 -0.83
CA ASN A 24 4.02 15.03 0.59
C ASN A 24 3.79 13.73 1.41
N VAL A 25 3.83 12.55 0.76
CA VAL A 25 3.42 11.25 1.37
C VAL A 25 4.33 10.82 2.57
N THR A 26 3.71 10.52 3.72
CA THR A 26 4.43 10.00 4.93
C THR A 26 3.84 8.64 5.35
N ILE A 27 4.65 7.81 6.04
CA ILE A 27 4.24 6.47 6.54
C ILE A 27 3.00 6.55 7.47
N GLU A 28 2.99 7.56 8.37
CA GLU A 28 1.87 7.84 9.30
C GLU A 28 0.58 8.24 8.54
N SER A 29 0.75 9.08 7.48
CA SER A 29 -0.38 9.55 6.64
C SER A 29 -1.03 8.38 5.87
N VAL A 30 -0.19 7.51 5.26
CA VAL A 30 -0.65 6.32 4.53
C VAL A 30 -1.38 5.35 5.48
N ALA A 31 -0.81 5.18 6.68
CA ALA A 31 -1.39 4.34 7.73
C ALA A 31 -2.76 4.87 8.22
N ASP A 32 -2.87 6.21 8.37
CA ASP A 32 -4.12 6.88 8.80
C ASP A 32 -5.23 6.75 7.74
N TYR A 33 -4.83 6.78 6.47
CA TYR A 33 -5.74 6.67 5.31
C TYR A 33 -6.29 5.22 5.18
N PHE A 34 -5.37 4.24 5.07
CA PHE A 34 -5.70 2.83 4.77
C PHE A 34 -6.22 2.02 6.00
N LYS A 35 -6.02 2.52 7.25
CA LYS A 35 -6.44 1.81 8.49
C LYS A 35 -7.98 1.60 8.58
N GLN A 36 -8.76 2.46 7.89
CA GLN A 36 -10.25 2.37 7.87
C GLN A 36 -10.77 1.02 7.28
N ILE A 37 -9.93 0.38 6.45
CA ILE A 37 -10.26 -0.89 5.76
C ILE A 37 -9.95 -2.11 6.63
N GLY A 38 -8.76 -2.11 7.23
CA GLY A 38 -8.28 -3.24 8.01
C GLY A 38 -6.99 -2.96 8.75
N ILE A 39 -6.57 -3.93 9.57
CA ILE A 39 -5.36 -3.83 10.39
C ILE A 39 -4.09 -3.83 9.50
N ILE A 40 -3.28 -2.77 9.67
CA ILE A 40 -1.96 -2.63 9.03
C ILE A 40 -0.88 -3.16 10.01
N LYS A 41 0.02 -4.02 9.53
CA LYS A 41 1.16 -4.54 10.32
C LYS A 41 2.03 -3.39 10.90
N THR A 42 2.58 -3.63 12.08
CA THR A 42 3.45 -2.69 12.80
C THR A 42 4.77 -3.39 13.18
N ASN A 43 5.89 -2.68 13.01
CA ASN A 43 7.22 -3.16 13.40
C ASN A 43 7.41 -3.03 14.93
N LYS A 44 7.83 -4.13 15.59
CA LYS A 44 8.12 -4.16 17.04
C LYS A 44 9.37 -3.30 17.40
N LYS A 45 10.40 -3.37 16.54
CA LYS A 45 11.69 -2.68 16.75
C LYS A 45 11.53 -1.14 16.79
N THR A 46 10.82 -0.59 15.80
CA THR A 46 10.59 0.87 15.67
C THR A 46 9.35 1.33 16.46
N GLY A 47 8.24 0.60 16.31
CA GLY A 47 6.93 1.00 16.84
C GLY A 47 6.08 1.77 15.81
N GLN A 48 6.48 1.68 14.53
CA GLN A 48 5.78 2.33 13.39
C GLN A 48 5.25 1.27 12.38
N PRO A 49 4.13 1.58 11.62
CA PRO A 49 3.52 0.61 10.68
C PRO A 49 4.42 0.30 9.46
N MET A 50 4.34 -0.95 8.97
CA MET A 50 5.21 -1.43 7.87
C MET A 50 4.71 -0.89 6.52
N ILE A 51 5.33 0.22 6.07
CA ILE A 51 4.99 0.91 4.81
C ILE A 51 6.30 1.43 4.18
N ASN A 52 6.66 0.95 2.98
CA ASN A 52 7.93 1.32 2.32
C ASN A 52 7.66 2.44 1.30
N LEU A 53 8.11 3.67 1.61
CA LEU A 53 8.00 4.82 0.69
C LEU A 53 9.12 4.75 -0.37
N TYR A 54 8.74 4.88 -1.64
CA TYR A 54 9.71 4.88 -2.74
C TYR A 54 10.17 6.31 -3.04
N THR A 55 11.50 6.52 -2.96
CA THR A 55 12.16 7.82 -3.23
C THR A 55 13.07 7.70 -4.45
N ASP A 56 13.18 8.78 -5.23
CA ASP A 56 14.18 8.92 -6.29
C ASP A 56 15.60 9.01 -5.67
N ARG A 57 16.36 7.92 -5.76
CA ARG A 57 17.74 7.83 -5.23
C ARG A 57 18.70 8.81 -5.98
N GLU A 58 18.31 9.20 -7.21
CA GLU A 58 19.07 10.16 -8.04
C GLU A 58 18.90 11.62 -7.54
N THR A 59 17.63 12.09 -7.46
CA THR A 59 17.29 13.49 -7.11
C THR A 59 17.20 13.68 -5.58
N GLY A 60 16.45 12.78 -4.92
CA GLY A 60 16.22 12.83 -3.47
C GLY A 60 14.78 13.17 -3.09
N LYS A 61 13.92 13.44 -4.10
CA LYS A 61 12.47 13.67 -3.89
C LYS A 61 11.70 12.32 -3.85
N LEU A 62 10.55 12.30 -3.15
CA LEU A 62 9.65 11.12 -3.11
C LEU A 62 9.00 10.90 -4.49
N LYS A 63 8.96 9.62 -4.95
CA LYS A 63 8.34 9.24 -6.24
C LYS A 63 6.80 9.41 -6.21
N GLY A 64 6.21 9.33 -5.01
CA GLY A 64 4.77 9.22 -4.84
C GLY A 64 4.29 7.77 -4.95
N GLU A 65 5.08 6.84 -4.39
CA GLU A 65 4.76 5.39 -4.35
C GLU A 65 5.03 4.81 -2.93
N ALA A 66 4.38 3.67 -2.61
CA ALA A 66 4.57 2.98 -1.31
C ALA A 66 4.08 1.53 -1.37
N THR A 67 4.56 0.70 -0.43
CA THR A 67 4.00 -0.67 -0.17
C THR A 67 3.42 -0.74 1.26
N VAL A 68 2.09 -0.90 1.36
CA VAL A 68 1.34 -0.87 2.64
C VAL A 68 1.07 -2.32 3.13
N SER A 69 1.82 -2.77 4.13
CA SER A 69 1.67 -4.13 4.69
C SER A 69 0.53 -4.22 5.71
N PHE A 70 -0.61 -4.77 5.27
CA PHE A 70 -1.71 -5.18 6.14
C PHE A 70 -1.40 -6.54 6.79
N ASP A 71 -2.07 -6.85 7.90
CA ASP A 71 -1.95 -8.15 8.58
C ASP A 71 -2.77 -9.24 7.83
N ASP A 72 -3.88 -8.81 7.20
CA ASP A 72 -4.80 -9.70 6.48
C ASP A 72 -4.73 -9.46 4.95
N PRO A 73 -4.56 -10.54 4.12
CA PRO A 73 -4.76 -10.44 2.65
C PRO A 73 -6.15 -9.85 2.19
N PRO A 74 -7.35 -10.19 2.83
CA PRO A 74 -8.64 -9.52 2.49
C PRO A 74 -8.65 -7.98 2.76
N SER A 75 -7.90 -7.53 3.78
CA SER A 75 -7.78 -6.08 4.12
C SER A 75 -7.00 -5.34 3.03
N ALA A 76 -5.90 -5.97 2.59
CA ALA A 76 -5.04 -5.46 1.50
C ALA A 76 -5.83 -5.36 0.16
N LYS A 77 -6.53 -6.46 -0.19
CA LYS A 77 -7.34 -6.58 -1.42
C LYS A 77 -8.48 -5.50 -1.45
N ALA A 78 -9.21 -5.39 -0.33
CA ALA A 78 -10.33 -4.43 -0.20
C ALA A 78 -9.86 -2.97 -0.24
N ALA A 79 -8.67 -2.70 0.34
CA ALA A 79 -8.03 -1.36 0.27
C ALA A 79 -7.76 -0.92 -1.19
N ILE A 80 -7.48 -1.90 -2.08
CA ILE A 80 -7.34 -1.65 -3.52
C ILE A 80 -8.67 -1.17 -4.11
N ASP A 81 -9.71 -2.01 -3.98
CA ASP A 81 -11.06 -1.74 -4.50
C ASP A 81 -11.66 -0.41 -3.97
N TRP A 82 -11.29 -0.05 -2.73
CA TRP A 82 -11.77 1.18 -2.08
C TRP A 82 -11.00 2.42 -2.60
N PHE A 83 -9.67 2.43 -2.41
CA PHE A 83 -8.82 3.63 -2.63
C PHE A 83 -8.38 3.85 -4.09
N ASP A 84 -8.50 2.83 -4.96
CA ASP A 84 -8.10 2.94 -6.38
C ASP A 84 -8.98 4.01 -7.10
N GLY A 85 -8.33 5.10 -7.56
CA GLY A 85 -9.02 6.24 -8.19
C GLY A 85 -9.27 7.43 -7.24
N LYS A 86 -8.89 7.28 -5.96
CA LYS A 86 -9.05 8.34 -4.91
C LYS A 86 -7.78 9.19 -4.80
N GLU A 87 -7.92 10.48 -4.49
CA GLU A 87 -6.75 11.40 -4.35
C GLU A 87 -6.14 11.31 -2.93
N PHE A 88 -4.82 11.02 -2.84
CA PHE A 88 -4.11 11.00 -1.54
C PHE A 88 -3.66 12.44 -1.18
N SER A 89 -2.53 12.88 -1.78
CA SER A 89 -2.04 14.27 -1.63
C SER A 89 -2.29 15.05 -2.94
N GLY A 90 -3.58 15.32 -3.21
CA GLY A 90 -4.00 16.09 -4.41
C GLY A 90 -3.92 15.31 -5.73
N ASN A 91 -3.40 14.06 -5.69
CA ASN A 91 -3.12 13.26 -6.90
C ASN A 91 -3.91 11.91 -6.86
N PRO A 92 -4.64 11.55 -7.98
CA PRO A 92 -5.43 10.27 -8.04
C PRO A 92 -4.50 9.03 -8.03
N ILE A 93 -4.68 8.17 -7.02
CA ILE A 93 -3.76 7.04 -6.75
C ILE A 93 -4.16 5.77 -7.53
N LYS A 94 -3.15 4.98 -7.92
CA LYS A 94 -3.34 3.67 -8.55
C LYS A 94 -2.89 2.59 -7.56
N VAL A 95 -3.85 1.82 -7.02
CA VAL A 95 -3.55 0.78 -6.02
C VAL A 95 -3.53 -0.61 -6.69
N SER A 96 -2.48 -1.39 -6.41
CA SER A 96 -2.33 -2.79 -6.91
C SER A 96 -1.78 -3.68 -5.78
N PHE A 97 -1.72 -5.00 -5.99
CA PHE A 97 -0.98 -5.92 -5.07
C PHE A 97 0.54 -5.71 -5.25
N ALA A 98 1.32 -5.79 -4.14
CA ALA A 98 2.80 -5.68 -4.21
C ALA A 98 3.44 -7.02 -4.58
N THR A 99 3.17 -7.45 -5.82
CA THR A 99 3.68 -8.71 -6.38
C THR A 99 5.04 -8.47 -7.11
N MET A 1 -13.31 -14.27 -22.81
CA MET A 1 -14.15 -14.04 -24.02
C MET A 1 -15.47 -14.82 -23.92
N GLY A 2 -16.48 -14.20 -23.27
CA GLY A 2 -17.82 -14.80 -23.10
C GLY A 2 -17.91 -15.75 -21.90
N HIS A 3 -17.00 -16.74 -21.84
CA HIS A 3 -17.00 -17.78 -20.80
C HIS A 3 -16.35 -17.26 -19.49
N HIS A 4 -17.06 -17.43 -18.35
CA HIS A 4 -16.54 -17.06 -17.01
C HIS A 4 -15.30 -17.90 -16.64
N HIS A 5 -14.27 -17.27 -16.06
CA HIS A 5 -13.02 -17.97 -15.70
C HIS A 5 -13.21 -18.91 -14.49
N HIS A 6 -13.33 -20.24 -14.75
CA HIS A 6 -13.43 -21.26 -13.67
C HIS A 6 -12.13 -21.27 -12.82
N HIS A 7 -10.97 -21.17 -13.50
CA HIS A 7 -9.68 -20.95 -12.84
C HIS A 7 -9.58 -19.49 -12.34
N HIS A 8 -9.21 -19.31 -11.07
CA HIS A 8 -9.06 -17.99 -10.47
C HIS A 8 -7.63 -17.43 -10.66
N SER A 9 -7.53 -16.15 -11.07
CA SER A 9 -6.27 -15.38 -10.99
C SER A 9 -6.10 -14.87 -9.54
N HIS A 10 -5.73 -15.81 -8.64
CA HIS A 10 -5.76 -15.59 -7.18
C HIS A 10 -4.48 -16.14 -6.53
N SER A 11 -3.65 -15.23 -6.00
CA SER A 11 -2.43 -15.57 -5.22
C SER A 11 -2.32 -14.58 -4.05
N ASP A 12 -2.79 -15.00 -2.87
CA ASP A 12 -3.01 -14.12 -1.69
C ASP A 12 -1.76 -13.31 -1.27
N ASN A 13 -1.94 -11.98 -1.18
CA ASN A 13 -0.89 -11.03 -0.77
C ASN A 13 -1.46 -9.99 0.21
N ASN A 14 -0.73 -9.78 1.33
CA ASN A 14 -1.15 -8.86 2.42
C ASN A 14 -0.56 -7.43 2.22
N THR A 15 0.54 -7.33 1.47
CA THR A 15 1.20 -6.04 1.19
C THR A 15 0.76 -5.52 -0.20
N ILE A 16 0.25 -4.29 -0.25
CA ILE A 16 -0.21 -3.65 -1.51
C ILE A 16 0.82 -2.62 -2.01
N PHE A 17 0.87 -2.41 -3.33
CA PHE A 17 1.72 -1.38 -3.97
C PHE A 17 0.82 -0.26 -4.54
N VAL A 18 1.03 0.96 -4.04
CA VAL A 18 0.25 2.15 -4.42
C VAL A 18 1.16 3.17 -5.17
N GLN A 19 0.63 3.75 -6.27
CA GLN A 19 1.31 4.78 -7.07
C GLN A 19 0.52 6.10 -7.04
N GLY A 20 1.19 7.21 -7.40
CA GLY A 20 0.54 8.54 -7.46
C GLY A 20 0.15 9.12 -6.10
N LEU A 21 0.88 8.71 -5.06
CA LEU A 21 0.72 9.21 -3.66
C LEU A 21 1.23 10.66 -3.50
N GLY A 22 2.16 11.07 -4.39
CA GLY A 22 2.79 12.39 -4.32
C GLY A 22 4.09 12.39 -3.51
N GLU A 23 4.94 13.41 -3.71
CA GLU A 23 6.23 13.54 -2.98
C GLU A 23 6.02 14.02 -1.51
N ASN A 24 4.77 14.40 -1.19
CA ASN A 24 4.35 14.78 0.18
C ASN A 24 3.87 13.56 1.00
N VAL A 25 4.13 12.33 0.48
CA VAL A 25 3.74 11.06 1.14
C VAL A 25 4.62 10.75 2.40
N THR A 26 3.97 10.35 3.52
CA THR A 26 4.67 9.88 4.75
C THR A 26 4.02 8.59 5.27
N ILE A 27 4.78 7.77 6.03
CA ILE A 27 4.28 6.52 6.66
C ILE A 27 3.08 6.82 7.59
N GLU A 28 3.14 7.94 8.33
CA GLU A 28 2.07 8.41 9.24
C GLU A 28 0.76 8.70 8.48
N SER A 29 0.85 9.48 7.39
CA SER A 29 -0.31 9.87 6.55
C SER A 29 -0.94 8.64 5.83
N VAL A 30 -0.08 7.76 5.27
CA VAL A 30 -0.53 6.55 4.56
C VAL A 30 -1.23 5.57 5.54
N ALA A 31 -0.66 5.44 6.75
CA ALA A 31 -1.25 4.61 7.82
C ALA A 31 -2.63 5.15 8.24
N ASP A 32 -2.72 6.48 8.47
CA ASP A 32 -3.97 7.14 8.90
C ASP A 32 -5.08 7.08 7.82
N TYR A 33 -4.66 7.03 6.54
CA TYR A 33 -5.57 6.91 5.38
C TYR A 33 -6.11 5.46 5.20
N PHE A 34 -5.19 4.48 5.11
CA PHE A 34 -5.53 3.05 4.82
C PHE A 34 -6.10 2.26 6.05
N LYS A 35 -5.88 2.77 7.29
CA LYS A 35 -6.34 2.09 8.54
C LYS A 35 -7.87 1.83 8.59
N GLN A 36 -8.67 2.69 7.90
CA GLN A 36 -10.14 2.58 7.85
C GLN A 36 -10.64 1.22 7.31
N ILE A 37 -9.80 0.57 6.48
CA ILE A 37 -10.08 -0.74 5.89
C ILE A 37 -9.86 -1.88 6.90
N GLY A 38 -8.67 -1.88 7.52
CA GLY A 38 -8.26 -2.97 8.38
C GLY A 38 -6.90 -2.74 9.02
N ILE A 39 -6.44 -3.75 9.77
CA ILE A 39 -5.16 -3.70 10.49
C ILE A 39 -3.97 -3.67 9.51
N ILE A 40 -3.19 -2.58 9.58
CA ILE A 40 -1.90 -2.46 8.89
C ILE A 40 -0.81 -3.02 9.82
N LYS A 41 -0.04 -4.03 9.36
CA LYS A 41 1.09 -4.63 10.12
C LYS A 41 1.99 -3.58 10.76
N THR A 42 2.05 -3.59 12.09
CA THR A 42 2.82 -2.60 12.88
C THR A 42 4.14 -3.24 13.39
N ASN A 43 5.27 -2.70 12.92
CA ASN A 43 6.62 -3.08 13.35
C ASN A 43 6.78 -2.92 14.89
N LYS A 44 7.12 -4.02 15.56
CA LYS A 44 7.20 -4.12 17.03
C LYS A 44 8.52 -3.55 17.59
N LYS A 45 9.52 -3.34 16.71
CA LYS A 45 10.82 -2.76 17.08
C LYS A 45 10.78 -1.22 17.08
N THR A 46 10.13 -0.65 16.05
CA THR A 46 9.98 0.81 15.90
C THR A 46 8.74 1.34 16.66
N GLY A 47 7.65 0.57 16.60
CA GLY A 47 6.33 1.02 17.10
C GLY A 47 5.52 1.73 16.00
N GLN A 48 6.00 1.64 14.76
CA GLN A 48 5.39 2.26 13.55
C GLN A 48 4.90 1.18 12.56
N PRO A 49 3.92 1.48 11.66
CA PRO A 49 3.43 0.51 10.66
C PRO A 49 4.45 0.27 9.51
N MET A 50 4.36 -0.92 8.90
CA MET A 50 5.29 -1.40 7.87
C MET A 50 4.86 -0.83 6.50
N ILE A 51 5.48 0.28 6.13
CA ILE A 51 5.19 1.01 4.87
C ILE A 51 6.54 1.45 4.24
N ASN A 52 6.80 1.03 3.00
CA ASN A 52 8.08 1.33 2.31
C ASN A 52 7.84 2.41 1.24
N LEU A 53 8.34 3.63 1.49
CA LEU A 53 8.25 4.78 0.57
C LEU A 53 9.46 4.78 -0.38
N TYR A 54 9.23 4.86 -1.68
CA TYR A 54 10.31 4.85 -2.69
C TYR A 54 10.84 6.27 -2.96
N THR A 55 12.16 6.47 -2.80
CA THR A 55 12.84 7.78 -3.05
C THR A 55 13.71 7.68 -4.32
N ASP A 56 13.67 8.74 -5.14
CA ASP A 56 14.46 8.83 -6.38
C ASP A 56 15.96 9.06 -6.06
N ARG A 57 16.84 8.34 -6.77
CA ARG A 57 18.31 8.32 -6.49
C ARG A 57 19.03 9.59 -6.99
N GLU A 58 18.47 10.29 -7.99
CA GLU A 58 19.11 11.50 -8.59
C GLU A 58 18.65 12.78 -7.90
N THR A 59 17.31 12.99 -7.87
CA THR A 59 16.67 14.21 -7.29
C THR A 59 16.73 14.19 -5.75
N GLY A 60 16.69 12.96 -5.17
CA GLY A 60 16.65 12.77 -3.71
C GLY A 60 15.25 12.98 -3.12
N LYS A 61 14.23 13.17 -3.99
CA LYS A 61 12.83 13.37 -3.55
C LYS A 61 12.01 12.07 -3.71
N LEU A 62 10.89 11.99 -2.97
CA LEU A 62 9.99 10.82 -3.00
C LEU A 62 9.28 10.68 -4.37
N LYS A 63 9.32 9.46 -4.93
CA LYS A 63 8.72 9.11 -6.24
C LYS A 63 7.17 9.22 -6.25
N GLY A 64 6.57 9.24 -5.05
CA GLY A 64 5.11 9.19 -4.90
C GLY A 64 4.57 7.78 -5.10
N GLU A 65 5.40 6.78 -4.76
CA GLU A 65 5.05 5.36 -4.81
C GLU A 65 5.46 4.71 -3.48
N ALA A 66 4.69 3.71 -3.02
CA ALA A 66 4.95 3.04 -1.72
C ALA A 66 4.25 1.67 -1.62
N THR A 67 4.61 0.90 -0.58
CA THR A 67 3.94 -0.38 -0.26
C THR A 67 3.40 -0.38 1.18
N VAL A 68 2.12 -0.77 1.35
CA VAL A 68 1.43 -0.81 2.67
C VAL A 68 1.20 -2.28 3.09
N SER A 69 1.92 -2.76 4.10
CA SER A 69 1.76 -4.13 4.62
C SER A 69 0.53 -4.23 5.55
N PHE A 70 -0.57 -4.81 5.06
CA PHE A 70 -1.73 -5.17 5.92
C PHE A 70 -1.49 -6.54 6.59
N ASP A 71 -2.26 -6.82 7.63
CA ASP A 71 -2.17 -8.08 8.39
C ASP A 71 -2.83 -9.24 7.60
N ASP A 72 -3.97 -8.95 6.96
CA ASP A 72 -4.75 -9.95 6.21
C ASP A 72 -4.73 -9.68 4.68
N PRO A 73 -4.49 -10.72 3.83
CA PRO A 73 -4.68 -10.63 2.35
C PRO A 73 -6.07 -10.06 1.87
N PRO A 74 -7.28 -10.43 2.47
CA PRO A 74 -8.58 -9.81 2.05
C PRO A 74 -8.72 -8.33 2.48
N SER A 75 -7.94 -7.90 3.50
CA SER A 75 -7.90 -6.48 3.94
C SER A 75 -7.08 -5.65 2.94
N ALA A 76 -5.99 -6.26 2.46
CA ALA A 76 -5.15 -5.69 1.39
C ALA A 76 -5.97 -5.53 0.09
N LYS A 77 -6.75 -6.58 -0.24
CA LYS A 77 -7.67 -6.63 -1.39
C LYS A 77 -8.74 -5.51 -1.29
N ALA A 78 -9.33 -5.39 -0.10
CA ALA A 78 -10.37 -4.37 0.19
C ALA A 78 -9.83 -2.94 0.01
N ALA A 79 -8.59 -2.68 0.48
CA ALA A 79 -7.90 -1.38 0.32
C ALA A 79 -7.72 -1.00 -1.18
N ILE A 80 -7.46 -2.02 -2.02
CA ILE A 80 -7.34 -1.84 -3.49
C ILE A 80 -8.68 -1.41 -4.10
N ASP A 81 -9.71 -2.24 -3.87
CA ASP A 81 -11.08 -2.02 -4.38
C ASP A 81 -11.67 -0.66 -3.89
N TRP A 82 -11.28 -0.25 -2.67
CA TRP A 82 -11.79 0.97 -2.03
C TRP A 82 -11.08 2.25 -2.53
N PHE A 83 -9.72 2.27 -2.45
CA PHE A 83 -8.92 3.49 -2.72
C PHE A 83 -8.50 3.65 -4.21
N ASP A 84 -8.77 2.63 -5.05
CA ASP A 84 -8.58 2.76 -6.51
C ASP A 84 -9.54 3.83 -7.10
N GLY A 85 -8.96 4.82 -7.78
CA GLY A 85 -9.73 5.96 -8.30
C GLY A 85 -9.96 7.08 -7.29
N LYS A 86 -9.47 6.90 -6.05
CA LYS A 86 -9.57 7.92 -4.98
C LYS A 86 -8.28 8.75 -4.88
N GLU A 87 -8.32 9.82 -4.08
CA GLU A 87 -7.19 10.77 -3.94
C GLU A 87 -6.57 10.71 -2.53
N PHE A 88 -5.24 10.76 -2.49
CA PHE A 88 -4.43 10.92 -1.26
C PHE A 88 -3.41 12.06 -1.49
N SER A 89 -3.34 13.00 -0.52
CA SER A 89 -2.46 14.21 -0.60
C SER A 89 -2.87 15.14 -1.77
N GLY A 90 -4.16 15.07 -2.17
CA GLY A 90 -4.70 15.80 -3.34
C GLY A 90 -4.37 15.15 -4.70
N ASN A 91 -3.81 13.94 -4.64
CA ASN A 91 -3.28 13.21 -5.81
C ASN A 91 -4.10 11.91 -6.07
N PRO A 92 -4.80 11.77 -7.24
CA PRO A 92 -5.56 10.54 -7.58
C PRO A 92 -4.65 9.26 -7.68
N ILE A 93 -4.67 8.46 -6.60
CA ILE A 93 -3.77 7.28 -6.44
C ILE A 93 -4.29 6.00 -7.17
N LYS A 94 -3.33 5.13 -7.53
CA LYS A 94 -3.57 3.83 -8.16
C LYS A 94 -3.11 2.71 -7.20
N VAL A 95 -4.05 1.94 -6.64
CA VAL A 95 -3.73 0.90 -5.62
C VAL A 95 -3.80 -0.51 -6.27
N SER A 96 -2.76 -1.31 -6.02
CA SER A 96 -2.65 -2.72 -6.51
C SER A 96 -1.96 -3.58 -5.44
N PHE A 97 -1.78 -4.90 -5.69
CA PHE A 97 -0.93 -5.77 -4.83
C PHE A 97 0.57 -5.53 -5.12
N ALA A 98 1.43 -5.72 -4.09
CA ALA A 98 2.89 -5.61 -4.26
C ALA A 98 3.50 -6.95 -4.73
N THR A 99 3.53 -7.13 -6.06
CA THR A 99 4.09 -8.34 -6.73
C THR A 99 5.17 -7.94 -7.80
N MET A 1 -17.71 -11.12 -21.62
CA MET A 1 -16.28 -11.53 -21.85
C MET A 1 -15.54 -10.56 -22.79
N GLY A 2 -14.20 -10.60 -22.75
CA GLY A 2 -13.35 -9.75 -23.62
C GLY A 2 -11.89 -9.71 -23.16
N HIS A 3 -11.68 -9.22 -21.93
CA HIS A 3 -10.32 -9.02 -21.38
C HIS A 3 -9.75 -10.35 -20.82
N HIS A 4 -8.88 -11.01 -21.61
CA HIS A 4 -8.18 -12.25 -21.20
C HIS A 4 -6.97 -11.92 -20.30
N HIS A 5 -7.18 -11.95 -18.97
CA HIS A 5 -6.13 -11.73 -17.96
C HIS A 5 -6.28 -12.72 -16.78
N HIS A 6 -5.27 -13.59 -16.60
CA HIS A 6 -5.15 -14.44 -15.40
C HIS A 6 -4.70 -13.60 -14.18
N HIS A 7 -5.59 -13.43 -13.19
CA HIS A 7 -5.33 -12.60 -12.00
C HIS A 7 -4.38 -13.32 -11.02
N HIS A 8 -3.22 -12.69 -10.68
CA HIS A 8 -2.25 -13.29 -9.74
C HIS A 8 -2.81 -13.24 -8.28
N SER A 9 -3.24 -14.42 -7.79
CA SER A 9 -3.78 -14.57 -6.42
C SER A 9 -3.59 -16.02 -5.92
N HIS A 10 -2.53 -16.70 -6.42
CA HIS A 10 -2.14 -18.05 -5.94
C HIS A 10 -1.68 -17.94 -4.47
N SER A 11 -0.62 -17.14 -4.24
CA SER A 11 -0.19 -16.72 -2.89
C SER A 11 -0.96 -15.48 -2.44
N ASP A 12 -1.64 -15.57 -1.27
CA ASP A 12 -2.42 -14.47 -0.68
C ASP A 12 -1.49 -13.33 -0.18
N ASN A 13 -1.43 -12.23 -0.95
CA ASN A 13 -0.54 -11.09 -0.64
C ASN A 13 -1.26 -10.05 0.26
N ASN A 14 -0.66 -9.77 1.43
CA ASN A 14 -1.20 -8.83 2.43
C ASN A 14 -0.59 -7.41 2.25
N THR A 15 0.49 -7.33 1.46
CA THR A 15 1.17 -6.06 1.15
C THR A 15 0.75 -5.55 -0.25
N ILE A 16 0.33 -4.28 -0.33
CA ILE A 16 -0.12 -3.65 -1.59
C ILE A 16 0.88 -2.58 -2.06
N PHE A 17 0.97 -2.34 -3.39
CA PHE A 17 1.81 -1.28 -3.97
C PHE A 17 0.91 -0.14 -4.50
N VAL A 18 1.05 1.04 -3.89
CA VAL A 18 0.27 2.25 -4.22
C VAL A 18 1.16 3.27 -4.97
N GLN A 19 0.57 3.96 -5.96
CA GLN A 19 1.24 4.98 -6.80
C GLN A 19 0.50 6.33 -6.70
N GLY A 20 1.20 7.43 -7.03
CA GLY A 20 0.57 8.78 -7.08
C GLY A 20 0.09 9.31 -5.72
N LEU A 21 0.88 9.04 -4.69
CA LEU A 21 0.60 9.44 -3.29
C LEU A 21 1.02 10.90 -3.01
N GLY A 22 2.08 11.36 -3.69
CA GLY A 22 2.68 12.69 -3.43
C GLY A 22 4.12 12.61 -2.90
N GLU A 23 4.87 13.73 -3.05
CA GLU A 23 6.24 13.85 -2.46
C GLU A 23 6.18 14.22 -0.96
N ASN A 24 4.99 14.65 -0.50
CA ASN A 24 4.74 14.98 0.91
C ASN A 24 4.26 13.72 1.70
N VAL A 25 4.23 12.54 1.03
CA VAL A 25 3.72 11.28 1.59
C VAL A 25 4.55 10.82 2.82
N THR A 26 3.87 10.38 3.90
CA THR A 26 4.53 9.82 5.10
C THR A 26 3.92 8.46 5.47
N ILE A 27 4.73 7.59 6.10
CA ILE A 27 4.30 6.25 6.58
C ILE A 27 3.04 6.33 7.48
N GLU A 28 3.02 7.29 8.42
CA GLU A 28 1.91 7.49 9.37
C GLU A 28 0.63 8.04 8.69
N SER A 29 0.80 8.85 7.62
CA SER A 29 -0.34 9.39 6.84
C SER A 29 -0.97 8.33 5.92
N VAL A 30 -0.12 7.45 5.34
CA VAL A 30 -0.60 6.27 4.58
C VAL A 30 -1.32 5.29 5.52
N ALA A 31 -0.76 5.15 6.73
CA ALA A 31 -1.34 4.33 7.80
C ALA A 31 -2.71 4.87 8.26
N ASP A 32 -2.80 6.21 8.38
CA ASP A 32 -4.04 6.89 8.81
C ASP A 32 -5.13 6.85 7.72
N TYR A 33 -4.71 6.92 6.45
CA TYR A 33 -5.61 6.92 5.28
C TYR A 33 -6.21 5.52 5.02
N PHE A 34 -5.33 4.51 4.90
CA PHE A 34 -5.72 3.11 4.54
C PHE A 34 -6.36 2.28 5.70
N LYS A 35 -6.17 2.72 6.96
CA LYS A 35 -6.64 1.94 8.16
C LYS A 35 -8.18 1.73 8.23
N GLN A 36 -8.96 2.59 7.53
CA GLN A 36 -10.44 2.48 7.45
C GLN A 36 -10.90 1.11 6.89
N ILE A 37 -10.03 0.48 6.09
CA ILE A 37 -10.28 -0.81 5.43
C ILE A 37 -9.91 -1.99 6.37
N GLY A 38 -8.75 -1.88 7.01
CA GLY A 38 -8.28 -2.93 7.91
C GLY A 38 -7.05 -2.53 8.71
N ILE A 39 -6.67 -3.40 9.66
CA ILE A 39 -5.45 -3.24 10.48
C ILE A 39 -4.20 -3.33 9.59
N ILE A 40 -3.38 -2.27 9.63
CA ILE A 40 -2.07 -2.22 8.97
C ILE A 40 -1.01 -2.68 9.96
N LYS A 41 -0.23 -3.71 9.58
CA LYS A 41 0.87 -4.28 10.40
C LYS A 41 1.84 -3.20 10.93
N THR A 42 2.51 -3.51 12.04
CA THR A 42 3.42 -2.57 12.74
C THR A 42 4.69 -3.30 13.20
N ASN A 43 5.85 -2.73 12.81
CA ASN A 43 7.16 -3.14 13.34
C ASN A 43 7.23 -2.81 14.85
N LYS A 44 7.31 -3.86 15.67
CA LYS A 44 7.30 -3.75 17.15
C LYS A 44 8.67 -3.31 17.71
N LYS A 45 9.72 -3.36 16.87
CA LYS A 45 11.09 -2.92 17.26
C LYS A 45 11.27 -1.39 17.18
N THR A 46 10.51 -0.73 16.28
CA THR A 46 10.50 0.76 16.16
C THR A 46 9.23 1.36 16.80
N GLY A 47 8.08 0.81 16.40
CA GLY A 47 6.76 1.34 16.77
C GLY A 47 6.05 2.06 15.61
N GLN A 48 6.61 1.90 14.38
CA GLN A 48 6.01 2.42 13.13
C GLN A 48 5.34 1.29 12.30
N PRO A 49 4.20 1.59 11.59
CA PRO A 49 3.54 0.61 10.69
C PRO A 49 4.45 0.19 9.50
N MET A 50 4.32 -1.08 9.07
CA MET A 50 5.14 -1.65 7.99
C MET A 50 4.69 -1.08 6.64
N ILE A 51 5.36 0.00 6.22
CA ILE A 51 5.10 0.73 4.96
C ILE A 51 6.45 1.26 4.42
N ASN A 52 6.81 0.85 3.19
CA ASN A 52 8.09 1.27 2.55
C ASN A 52 7.80 2.38 1.53
N LEU A 53 8.26 3.61 1.85
CA LEU A 53 8.17 4.76 0.91
C LEU A 53 9.31 4.64 -0.13
N TYR A 54 9.00 4.87 -1.41
CA TYR A 54 9.98 4.82 -2.50
C TYR A 54 10.55 6.22 -2.78
N THR A 55 11.85 6.42 -2.47
CA THR A 55 12.58 7.66 -2.80
C THR A 55 13.18 7.56 -4.22
N ASP A 56 13.33 8.71 -4.88
CA ASP A 56 13.76 8.80 -6.28
C ASP A 56 15.29 8.82 -6.39
N ARG A 57 15.80 8.14 -7.42
CA ARG A 57 17.25 8.00 -7.68
C ARG A 57 17.89 9.30 -8.25
N GLU A 58 17.16 10.03 -9.13
CA GLU A 58 17.71 11.23 -9.81
C GLU A 58 17.33 12.53 -9.05
N THR A 59 16.06 12.66 -8.59
CA THR A 59 15.59 13.89 -7.88
C THR A 59 15.98 13.89 -6.39
N GLY A 60 16.01 12.69 -5.78
CA GLY A 60 16.26 12.54 -4.34
C GLY A 60 15.07 12.92 -3.45
N LYS A 61 13.87 13.09 -4.05
CA LYS A 61 12.60 13.31 -3.30
C LYS A 61 11.75 12.02 -3.29
N LEU A 62 10.65 12.03 -2.55
CA LEU A 62 9.71 10.89 -2.52
C LEU A 62 8.93 10.81 -3.85
N LYS A 63 9.02 9.64 -4.51
CA LYS A 63 8.40 9.38 -5.85
C LYS A 63 6.85 9.45 -5.82
N GLY A 64 6.27 9.27 -4.63
CA GLY A 64 4.82 9.13 -4.49
C GLY A 64 4.36 7.68 -4.61
N GLU A 65 5.26 6.74 -4.33
CA GLU A 65 4.94 5.29 -4.29
C GLU A 65 5.26 4.72 -2.90
N ALA A 66 4.53 3.67 -2.50
CA ALA A 66 4.74 2.98 -1.20
C ALA A 66 4.14 1.57 -1.20
N THR A 67 4.68 0.69 -0.35
CA THR A 67 4.10 -0.65 -0.10
C THR A 67 3.49 -0.72 1.31
N VAL A 68 2.18 -1.00 1.40
CA VAL A 68 1.42 -1.00 2.68
C VAL A 68 1.10 -2.44 3.12
N SER A 69 1.72 -2.91 4.22
CA SER A 69 1.47 -4.26 4.76
C SER A 69 0.25 -4.27 5.70
N PHE A 70 -0.89 -4.82 5.22
CA PHE A 70 -2.06 -5.12 6.07
C PHE A 70 -1.85 -6.46 6.80
N ASP A 71 -2.50 -6.62 7.96
CA ASP A 71 -2.40 -7.83 8.78
C ASP A 71 -3.19 -9.01 8.13
N ASP A 72 -4.25 -8.66 7.38
CA ASP A 72 -5.06 -9.63 6.61
C ASP A 72 -4.97 -9.35 5.08
N PRO A 73 -4.63 -10.40 4.24
CA PRO A 73 -4.72 -10.30 2.76
C PRO A 73 -6.13 -9.87 2.17
N PRO A 74 -7.35 -10.24 2.76
CA PRO A 74 -8.65 -9.66 2.29
C PRO A 74 -8.77 -8.13 2.54
N SER A 75 -8.06 -7.62 3.57
CA SER A 75 -8.02 -6.15 3.86
C SER A 75 -7.09 -5.43 2.85
N ALA A 76 -6.02 -6.14 2.45
CA ALA A 76 -5.10 -5.67 1.39
C ALA A 76 -5.84 -5.49 0.04
N LYS A 77 -6.54 -6.58 -0.40
CA LYS A 77 -7.35 -6.58 -1.63
C LYS A 77 -8.47 -5.51 -1.57
N ALA A 78 -9.14 -5.43 -0.41
CA ALA A 78 -10.23 -4.46 -0.20
C ALA A 78 -9.74 -3.00 -0.34
N ALA A 79 -8.52 -2.72 0.19
CA ALA A 79 -7.86 -1.39 0.05
C ALA A 79 -7.52 -1.06 -1.43
N ILE A 80 -7.22 -2.10 -2.23
CA ILE A 80 -6.99 -1.95 -3.69
C ILE A 80 -8.28 -1.51 -4.40
N ASP A 81 -9.33 -2.33 -4.24
CA ASP A 81 -10.64 -2.11 -4.88
C ASP A 81 -11.33 -0.82 -4.36
N TRP A 82 -10.99 -0.40 -3.13
CA TRP A 82 -11.52 0.85 -2.54
C TRP A 82 -10.75 2.10 -3.04
N PHE A 83 -9.43 2.13 -2.77
CA PHE A 83 -8.59 3.34 -2.98
C PHE A 83 -8.15 3.54 -4.44
N ASP A 84 -8.43 2.57 -5.32
CA ASP A 84 -8.19 2.73 -6.77
C ASP A 84 -9.05 3.90 -7.35
N GLY A 85 -8.40 5.04 -7.64
CA GLY A 85 -9.09 6.25 -8.13
C GLY A 85 -9.43 7.29 -7.06
N LYS A 86 -8.89 7.14 -5.83
CA LYS A 86 -9.00 8.18 -4.77
C LYS A 86 -7.84 9.20 -4.89
N GLU A 87 -7.74 10.14 -3.91
CA GLU A 87 -6.64 11.17 -3.89
C GLU A 87 -5.99 11.24 -2.49
N PHE A 88 -4.65 11.12 -2.43
CA PHE A 88 -3.89 11.19 -1.15
C PHE A 88 -3.43 12.66 -0.88
N SER A 89 -2.24 13.06 -1.40
CA SER A 89 -1.72 14.45 -1.25
C SER A 89 -2.21 15.33 -2.43
N GLY A 90 -3.54 15.29 -2.68
CA GLY A 90 -4.15 15.98 -3.84
C GLY A 90 -3.89 15.28 -5.19
N ASN A 91 -3.23 14.09 -5.15
CA ASN A 91 -2.84 13.34 -6.36
C ASN A 91 -3.68 12.03 -6.49
N PRO A 92 -4.22 11.72 -7.72
CA PRO A 92 -5.04 10.50 -7.98
C PRO A 92 -4.22 9.19 -7.85
N ILE A 93 -4.45 8.43 -6.76
CA ILE A 93 -3.68 7.21 -6.44
C ILE A 93 -4.16 5.96 -7.23
N LYS A 94 -3.17 5.12 -7.60
CA LYS A 94 -3.38 3.83 -8.30
C LYS A 94 -2.84 2.69 -7.40
N VAL A 95 -3.74 1.81 -6.93
CA VAL A 95 -3.37 0.74 -5.96
C VAL A 95 -3.37 -0.64 -6.65
N SER A 96 -2.40 -1.50 -6.28
CA SER A 96 -2.29 -2.90 -6.78
C SER A 96 -1.66 -3.80 -5.69
N PHE A 97 -1.44 -5.09 -6.00
CA PHE A 97 -0.68 -6.01 -5.11
C PHE A 97 0.83 -5.72 -5.23
N ALA A 98 1.57 -5.78 -4.10
CA ALA A 98 3.03 -5.61 -4.09
C ALA A 98 3.71 -6.93 -4.53
N THR A 99 3.74 -7.15 -5.86
CA THR A 99 4.17 -8.42 -6.49
C THR A 99 5.12 -8.14 -7.71
N MET A 1 -17.24 0.87 -26.33
CA MET A 1 -17.69 0.40 -24.99
C MET A 1 -16.65 0.79 -23.92
N GLY A 2 -17.06 0.75 -22.64
CA GLY A 2 -16.17 1.09 -21.52
C GLY A 2 -15.12 0.01 -21.23
N HIS A 3 -13.83 0.31 -21.49
CA HIS A 3 -12.73 -0.64 -21.21
C HIS A 3 -12.40 -0.69 -19.70
N HIS A 4 -12.40 -1.91 -19.12
CA HIS A 4 -12.08 -2.13 -17.70
C HIS A 4 -11.70 -3.60 -17.46
N HIS A 5 -10.44 -3.87 -17.08
CA HIS A 5 -9.98 -5.22 -16.71
C HIS A 5 -9.28 -5.19 -15.33
N HIS A 6 -9.75 -6.03 -14.38
CA HIS A 6 -9.17 -6.10 -13.02
C HIS A 6 -8.13 -7.23 -12.93
N HIS A 7 -6.99 -6.94 -12.27
CA HIS A 7 -5.89 -7.90 -12.07
C HIS A 7 -6.35 -9.08 -11.17
N HIS A 8 -6.34 -10.30 -11.75
CA HIS A 8 -6.68 -11.54 -11.04
C HIS A 8 -5.52 -11.97 -10.10
N SER A 9 -5.83 -12.14 -8.81
CA SER A 9 -4.82 -12.40 -7.76
C SER A 9 -4.68 -13.91 -7.47
N HIS A 10 -3.68 -14.55 -8.09
CA HIS A 10 -3.35 -15.99 -7.86
C HIS A 10 -2.48 -16.20 -6.59
N SER A 11 -2.21 -15.10 -5.87
CA SER A 11 -1.47 -15.11 -4.59
C SER A 11 -2.14 -14.15 -3.58
N ASP A 12 -2.38 -14.61 -2.34
CA ASP A 12 -3.00 -13.77 -1.29
C ASP A 12 -1.94 -12.81 -0.66
N ASN A 13 -1.64 -11.70 -1.35
CA ASN A 13 -0.71 -10.67 -0.84
C ASN A 13 -1.40 -9.80 0.23
N ASN A 14 -0.74 -9.65 1.40
CA ASN A 14 -1.21 -8.74 2.47
C ASN A 14 -0.59 -7.33 2.28
N THR A 15 0.51 -7.28 1.51
CA THR A 15 1.19 -6.02 1.15
C THR A 15 0.77 -5.56 -0.26
N ILE A 16 0.37 -4.28 -0.38
CA ILE A 16 -0.06 -3.67 -1.65
C ILE A 16 0.98 -2.63 -2.13
N PHE A 17 1.08 -2.43 -3.46
CA PHE A 17 1.92 -1.37 -4.05
C PHE A 17 1.03 -0.23 -4.58
N VAL A 18 1.22 0.98 -4.04
CA VAL A 18 0.43 2.17 -4.36
C VAL A 18 1.30 3.22 -5.10
N GLN A 19 0.70 3.89 -6.11
CA GLN A 19 1.35 4.98 -6.89
C GLN A 19 0.54 6.29 -6.75
N GLY A 20 1.20 7.44 -6.98
CA GLY A 20 0.53 8.75 -7.02
C GLY A 20 0.16 9.33 -5.65
N LEU A 21 1.01 9.07 -4.65
CA LEU A 21 0.83 9.54 -3.24
C LEU A 21 1.37 10.98 -3.02
N GLY A 22 2.28 11.42 -3.91
CA GLY A 22 2.95 12.73 -3.76
C GLY A 22 4.34 12.63 -3.11
N GLU A 23 5.20 13.64 -3.32
CA GLU A 23 6.58 13.68 -2.76
C GLU A 23 6.57 13.94 -1.22
N ASN A 24 5.47 14.50 -0.70
CA ASN A 24 5.35 14.89 0.72
C ASN A 24 4.75 13.74 1.58
N VAL A 25 4.64 12.53 1.00
CA VAL A 25 4.00 11.35 1.63
C VAL A 25 4.78 10.85 2.89
N THR A 26 4.05 10.48 3.97
CA THR A 26 4.66 9.94 5.21
C THR A 26 4.03 8.58 5.56
N ILE A 27 4.79 7.73 6.29
CA ILE A 27 4.32 6.39 6.75
C ILE A 27 3.02 6.48 7.57
N GLU A 28 2.94 7.49 8.47
CA GLU A 28 1.77 7.72 9.34
C GLU A 28 0.54 8.23 8.53
N SER A 29 0.79 9.01 7.45
CA SER A 29 -0.29 9.48 6.55
C SER A 29 -0.88 8.32 5.73
N VAL A 30 0.00 7.43 5.22
CA VAL A 30 -0.43 6.21 4.49
C VAL A 30 -1.21 5.27 5.43
N ALA A 31 -0.68 5.13 6.66
CA ALA A 31 -1.29 4.31 7.72
C ALA A 31 -2.71 4.80 8.08
N ASP A 32 -2.85 6.13 8.30
CA ASP A 32 -4.14 6.74 8.68
C ASP A 32 -5.19 6.59 7.56
N TYR A 33 -4.72 6.73 6.31
CA TYR A 33 -5.55 6.67 5.10
C TYR A 33 -6.12 5.26 4.87
N PHE A 34 -5.22 4.25 4.78
CA PHE A 34 -5.59 2.85 4.46
C PHE A 34 -6.20 2.04 5.64
N LYS A 35 -5.95 2.48 6.91
CA LYS A 35 -6.39 1.72 8.12
C LYS A 35 -7.95 1.59 8.25
N GLN A 36 -8.70 2.51 7.62
CA GLN A 36 -10.19 2.50 7.65
C GLN A 36 -10.78 1.21 7.04
N ILE A 37 -10.01 0.56 6.15
CA ILE A 37 -10.39 -0.71 5.50
C ILE A 37 -10.06 -1.92 6.41
N GLY A 38 -8.87 -1.87 7.03
CA GLY A 38 -8.39 -2.97 7.86
C GLY A 38 -7.12 -2.61 8.60
N ILE A 39 -6.73 -3.48 9.56
CA ILE A 39 -5.51 -3.29 10.36
C ILE A 39 -4.24 -3.39 9.48
N ILE A 40 -3.35 -2.41 9.63
CA ILE A 40 -2.02 -2.40 9.00
C ILE A 40 -0.97 -2.92 10.01
N LYS A 41 -0.12 -3.89 9.58
CA LYS A 41 0.97 -4.44 10.43
C LYS A 41 1.88 -3.34 10.98
N THR A 42 2.47 -3.61 12.15
CA THR A 42 3.31 -2.65 12.89
C THR A 42 4.50 -3.37 13.55
N ASN A 43 5.72 -2.86 13.30
CA ASN A 43 6.97 -3.36 13.91
C ASN A 43 6.98 -3.05 15.44
N LYS A 44 7.23 -4.09 16.25
CA LYS A 44 7.19 -3.98 17.73
C LYS A 44 8.46 -3.28 18.31
N LYS A 45 9.61 -3.47 17.63
CA LYS A 45 10.90 -2.89 18.08
C LYS A 45 10.91 -1.35 17.94
N THR A 46 10.55 -0.85 16.76
CA THR A 46 10.51 0.60 16.46
C THR A 46 9.20 1.22 16.96
N GLY A 47 8.07 0.59 16.58
CA GLY A 47 6.71 1.07 16.93
C GLY A 47 5.96 1.72 15.77
N GLN A 48 6.48 1.60 14.54
CA GLN A 48 5.84 2.18 13.32
C GLN A 48 5.24 1.11 12.38
N PRO A 49 4.11 1.43 11.66
CA PRO A 49 3.45 0.49 10.74
C PRO A 49 4.29 0.18 9.48
N MET A 50 4.25 -1.09 9.02
CA MET A 50 5.14 -1.58 7.96
C MET A 50 4.72 -1.02 6.59
N ILE A 51 5.37 0.09 6.21
CA ILE A 51 5.11 0.82 4.95
C ILE A 51 6.44 1.35 4.40
N ASN A 52 6.82 0.95 3.17
CA ASN A 52 8.10 1.34 2.54
C ASN A 52 7.85 2.47 1.52
N LEU A 53 8.34 3.70 1.82
CA LEU A 53 8.25 4.88 0.93
C LEU A 53 9.46 4.88 -0.06
N TYR A 54 9.17 4.71 -1.35
CA TYR A 54 10.20 4.71 -2.43
C TYR A 54 10.69 6.15 -2.75
N THR A 55 12.02 6.36 -2.69
CA THR A 55 12.66 7.65 -3.06
C THR A 55 13.23 7.59 -4.50
N ASP A 56 13.18 8.72 -5.22
CA ASP A 56 13.60 8.80 -6.65
C ASP A 56 15.13 8.92 -6.80
N ARG A 57 15.67 8.20 -7.80
CA ARG A 57 17.11 8.14 -8.10
C ARG A 57 17.68 9.50 -8.56
N GLU A 58 16.89 10.28 -9.32
CA GLU A 58 17.31 11.58 -9.88
C GLU A 58 17.05 12.73 -8.90
N THR A 59 15.78 12.88 -8.48
CA THR A 59 15.30 14.06 -7.73
C THR A 59 15.79 14.07 -6.26
N GLY A 60 16.02 12.87 -5.69
CA GLY A 60 16.33 12.73 -4.25
C GLY A 60 15.12 13.04 -3.35
N LYS A 61 13.92 13.01 -3.94
CA LYS A 61 12.64 13.20 -3.25
C LYS A 61 11.75 11.98 -3.50
N LEU A 62 10.74 11.77 -2.62
CA LEU A 62 9.85 10.59 -2.69
C LEU A 62 9.08 10.54 -4.03
N LYS A 63 9.07 9.35 -4.65
CA LYS A 63 8.44 9.11 -5.98
C LYS A 63 6.90 9.25 -5.95
N GLY A 64 6.32 9.26 -4.74
CA GLY A 64 4.87 9.17 -4.56
C GLY A 64 4.40 7.74 -4.71
N GLU A 65 5.23 6.80 -4.25
CA GLU A 65 4.99 5.35 -4.37
C GLU A 65 5.41 4.67 -3.05
N ALA A 66 4.61 3.70 -2.59
CA ALA A 66 4.85 3.00 -1.31
C ALA A 66 4.23 1.60 -1.29
N THR A 67 4.74 0.74 -0.39
CA THR A 67 4.14 -0.60 -0.13
C THR A 67 3.51 -0.65 1.28
N VAL A 68 2.21 -0.99 1.37
CA VAL A 68 1.45 -1.00 2.64
C VAL A 68 1.16 -2.45 3.08
N SER A 69 1.80 -2.89 4.18
CA SER A 69 1.62 -4.27 4.70
C SER A 69 0.46 -4.33 5.71
N PHE A 70 -0.70 -4.85 5.25
CA PHE A 70 -1.86 -5.12 6.13
C PHE A 70 -1.68 -6.45 6.91
N ASP A 71 -2.40 -6.56 8.02
CA ASP A 71 -2.42 -7.76 8.87
C ASP A 71 -3.14 -8.94 8.14
N ASP A 72 -4.14 -8.59 7.30
CA ASP A 72 -4.89 -9.58 6.50
C ASP A 72 -4.81 -9.28 4.97
N PRO A 73 -4.59 -10.32 4.09
CA PRO A 73 -4.78 -10.19 2.62
C PRO A 73 -6.20 -9.69 2.13
N PRO A 74 -7.38 -10.05 2.77
CA PRO A 74 -8.69 -9.42 2.40
C PRO A 74 -8.74 -7.89 2.70
N SER A 75 -7.95 -7.41 3.70
CA SER A 75 -7.82 -5.97 4.01
C SER A 75 -7.01 -5.27 2.90
N ALA A 76 -5.96 -5.96 2.44
CA ALA A 76 -5.10 -5.50 1.33
C ALA A 76 -5.90 -5.34 0.02
N LYS A 77 -6.61 -6.43 -0.37
CA LYS A 77 -7.44 -6.51 -1.60
C LYS A 77 -8.55 -5.44 -1.59
N ALA A 78 -9.24 -5.33 -0.44
CA ALA A 78 -10.33 -4.35 -0.25
C ALA A 78 -9.83 -2.90 -0.38
N ALA A 79 -8.64 -2.61 0.22
CA ALA A 79 -8.00 -1.27 0.12
C ALA A 79 -7.63 -0.91 -1.34
N ILE A 80 -7.27 -1.93 -2.14
CA ILE A 80 -6.99 -1.75 -3.58
C ILE A 80 -8.24 -1.26 -4.33
N ASP A 81 -9.29 -2.09 -4.29
CA ASP A 81 -10.57 -1.83 -4.97
C ASP A 81 -11.26 -0.53 -4.47
N TRP A 82 -11.05 -0.21 -3.17
CA TRP A 82 -11.66 0.97 -2.52
C TRP A 82 -10.92 2.28 -2.91
N PHE A 83 -9.60 2.30 -2.71
CA PHE A 83 -8.76 3.52 -2.88
C PHE A 83 -8.25 3.73 -4.32
N ASP A 84 -8.44 2.75 -5.21
CA ASP A 84 -8.06 2.88 -6.64
C ASP A 84 -8.85 4.04 -7.30
N GLY A 85 -8.13 5.10 -7.73
CA GLY A 85 -8.75 6.30 -8.31
C GLY A 85 -9.17 7.36 -7.28
N LYS A 86 -8.76 7.20 -6.01
CA LYS A 86 -9.04 8.17 -4.93
C LYS A 86 -7.82 9.07 -4.63
N GLU A 87 -8.07 10.29 -4.12
CA GLU A 87 -7.01 11.28 -3.83
C GLU A 87 -6.37 11.08 -2.44
N PHE A 88 -5.03 10.98 -2.41
CA PHE A 88 -4.25 10.85 -1.16
C PHE A 88 -3.81 12.23 -0.64
N SER A 89 -3.16 13.02 -1.52
CA SER A 89 -2.61 14.36 -1.21
C SER A 89 -3.15 15.40 -2.21
N GLY A 90 -4.45 15.28 -2.55
CA GLY A 90 -5.05 16.06 -3.63
C GLY A 90 -4.70 15.52 -5.03
N ASN A 91 -4.20 14.27 -5.07
CA ASN A 91 -3.77 13.59 -6.31
C ASN A 91 -4.26 12.10 -6.32
N PRO A 92 -4.92 11.65 -7.44
CA PRO A 92 -5.50 10.28 -7.54
C PRO A 92 -4.43 9.16 -7.57
N ILE A 93 -4.66 8.09 -6.79
CA ILE A 93 -3.68 7.00 -6.59
C ILE A 93 -4.05 5.73 -7.37
N LYS A 94 -3.03 4.96 -7.77
CA LYS A 94 -3.19 3.69 -8.50
C LYS A 94 -2.67 2.54 -7.61
N VAL A 95 -3.59 1.71 -7.11
CA VAL A 95 -3.27 0.67 -6.12
C VAL A 95 -3.34 -0.74 -6.76
N SER A 96 -2.36 -1.59 -6.43
CA SER A 96 -2.33 -3.02 -6.84
C SER A 96 -1.68 -3.86 -5.73
N PHE A 97 -1.56 -5.19 -5.92
CA PHE A 97 -0.80 -6.06 -4.98
C PHE A 97 0.72 -5.85 -5.19
N ALA A 98 1.51 -5.89 -4.11
CA ALA A 98 2.97 -5.70 -4.18
C ALA A 98 3.67 -6.93 -4.81
N THR A 99 3.84 -6.87 -6.15
CA THR A 99 4.49 -7.93 -6.95
C THR A 99 6.01 -7.61 -7.14
N MET A 1 -3.75 -13.86 -18.76
CA MET A 1 -4.30 -15.24 -18.62
C MET A 1 -5.14 -15.38 -17.33
N GLY A 2 -6.17 -16.24 -17.37
CA GLY A 2 -6.99 -16.54 -16.20
C GLY A 2 -6.31 -17.51 -15.22
N HIS A 3 -6.35 -17.19 -13.91
CA HIS A 3 -5.75 -18.02 -12.84
C HIS A 3 -6.38 -19.44 -12.80
N HIS A 4 -5.52 -20.49 -12.83
CA HIS A 4 -5.95 -21.90 -12.97
C HIS A 4 -6.70 -22.45 -11.71
N HIS A 5 -8.05 -22.28 -11.73
CA HIS A 5 -9.00 -22.80 -10.70
C HIS A 5 -8.75 -22.20 -9.29
N HIS A 6 -9.68 -21.36 -8.80
CA HIS A 6 -9.61 -20.79 -7.44
C HIS A 6 -9.81 -21.89 -6.35
N HIS A 7 -8.99 -21.81 -5.29
CA HIS A 7 -9.03 -22.73 -4.13
C HIS A 7 -9.32 -21.96 -2.82
N HIS A 8 -9.26 -22.68 -1.67
CA HIS A 8 -9.36 -22.05 -0.33
C HIS A 8 -8.25 -20.98 -0.13
N SER A 9 -8.57 -19.91 0.64
CA SER A 9 -7.61 -18.80 0.89
C SER A 9 -6.32 -19.29 1.57
N HIS A 10 -5.20 -19.24 0.80
CA HIS A 10 -3.85 -19.57 1.28
C HIS A 10 -2.79 -18.90 0.38
N SER A 11 -1.60 -18.60 0.94
CA SER A 11 -0.43 -18.06 0.18
C SER A 11 -0.70 -16.67 -0.48
N ASP A 12 -1.78 -15.99 -0.04
CA ASP A 12 -2.19 -14.66 -0.57
C ASP A 12 -1.24 -13.53 -0.08
N ASN A 13 -1.10 -12.48 -0.89
CA ASN A 13 -0.27 -11.30 -0.57
C ASN A 13 -1.08 -10.30 0.30
N ASN A 14 -0.49 -9.86 1.43
CA ASN A 14 -1.12 -8.86 2.35
C ASN A 14 -0.50 -7.45 2.17
N THR A 15 0.61 -7.37 1.42
CA THR A 15 1.30 -6.10 1.13
C THR A 15 0.88 -5.59 -0.25
N ILE A 16 0.40 -4.33 -0.32
CA ILE A 16 -0.11 -3.72 -1.57
C ILE A 16 0.80 -2.57 -2.04
N PHE A 17 1.04 -2.46 -3.35
CA PHE A 17 1.82 -1.36 -3.94
C PHE A 17 0.88 -0.24 -4.40
N VAL A 18 1.14 0.98 -3.92
CA VAL A 18 0.32 2.18 -4.19
C VAL A 18 1.17 3.23 -4.93
N GLN A 19 0.57 3.91 -5.92
CA GLN A 19 1.24 4.97 -6.72
C GLN A 19 0.39 6.25 -6.74
N GLY A 20 1.04 7.38 -7.10
CA GLY A 20 0.34 8.68 -7.28
C GLY A 20 -0.11 9.33 -5.97
N LEU A 21 0.63 9.05 -4.90
CA LEU A 21 0.34 9.58 -3.54
C LEU A 21 0.76 11.07 -3.40
N GLY A 22 1.74 11.50 -4.21
CA GLY A 22 2.34 12.84 -4.10
C GLY A 22 3.73 12.79 -3.47
N GLU A 23 4.61 13.76 -3.81
CA GLU A 23 6.01 13.79 -3.30
C GLU A 23 6.12 14.25 -1.82
N ASN A 24 4.99 14.64 -1.21
CA ASN A 24 4.92 15.01 0.23
C ASN A 24 4.34 13.84 1.08
N VAL A 25 4.36 12.59 0.52
CA VAL A 25 3.77 11.39 1.17
C VAL A 25 4.61 10.92 2.39
N THR A 26 3.94 10.57 3.52
CA THR A 26 4.63 10.05 4.72
C THR A 26 3.99 8.73 5.18
N ILE A 27 4.82 7.86 5.82
CA ILE A 27 4.40 6.52 6.32
C ILE A 27 3.15 6.59 7.23
N GLU A 28 3.16 7.56 8.16
CA GLU A 28 2.08 7.77 9.16
C GLU A 28 0.78 8.31 8.50
N SER A 29 0.92 9.11 7.42
CA SER A 29 -0.24 9.60 6.62
C SER A 29 -0.89 8.48 5.79
N VAL A 30 -0.04 7.59 5.21
CA VAL A 30 -0.52 6.39 4.48
C VAL A 30 -1.21 5.40 5.45
N ALA A 31 -0.66 5.31 6.67
CA ALA A 31 -1.22 4.50 7.76
C ALA A 31 -2.62 5.02 8.16
N ASP A 32 -2.71 6.34 8.39
CA ASP A 32 -3.97 7.01 8.79
C ASP A 32 -5.04 6.94 7.67
N TYR A 33 -4.58 6.92 6.41
CA TYR A 33 -5.47 6.85 5.23
C TYR A 33 -6.06 5.42 5.05
N PHE A 34 -5.18 4.41 4.96
CA PHE A 34 -5.56 3.01 4.65
C PHE A 34 -6.18 2.23 5.84
N LYS A 35 -5.97 2.72 7.09
CA LYS A 35 -6.47 2.02 8.31
C LYS A 35 -8.02 1.93 8.39
N GLN A 36 -8.75 2.80 7.64
CA GLN A 36 -10.24 2.77 7.57
C GLN A 36 -10.77 1.42 7.02
N ILE A 37 -9.93 0.74 6.22
CA ILE A 37 -10.25 -0.55 5.59
C ILE A 37 -9.89 -1.73 6.51
N GLY A 38 -8.67 -1.70 7.06
CA GLY A 38 -8.20 -2.80 7.89
C GLY A 38 -6.98 -2.44 8.73
N ILE A 39 -6.65 -3.35 9.66
CA ILE A 39 -5.47 -3.21 10.53
C ILE A 39 -4.17 -3.34 9.71
N ILE A 40 -3.37 -2.26 9.68
CA ILE A 40 -2.05 -2.26 9.03
C ILE A 40 -1.01 -2.78 10.03
N LYS A 41 -0.21 -3.77 9.61
CA LYS A 41 0.90 -4.35 10.42
C LYS A 41 1.88 -3.28 10.94
N THR A 42 2.54 -3.61 12.05
CA THR A 42 3.46 -2.69 12.76
C THR A 42 4.79 -3.40 13.08
N ASN A 43 5.91 -2.79 12.68
CA ASN A 43 7.27 -3.25 13.01
C ASN A 43 7.50 -3.18 14.54
N LYS A 44 7.79 -4.34 15.13
CA LYS A 44 7.95 -4.52 16.59
C LYS A 44 9.22 -3.82 17.13
N LYS A 45 10.19 -3.56 16.24
CA LYS A 45 11.47 -2.90 16.59
C LYS A 45 11.36 -1.35 16.56
N THR A 46 10.71 -0.80 15.52
CA THR A 46 10.61 0.69 15.33
C THR A 46 9.38 1.31 16.03
N GLY A 47 8.25 0.58 16.05
CA GLY A 47 6.97 1.13 16.52
C GLY A 47 6.19 1.87 15.42
N GLN A 48 6.68 1.75 14.17
CA GLN A 48 6.04 2.31 12.95
C GLN A 48 5.25 1.21 12.19
N PRO A 49 4.16 1.59 11.44
CA PRO A 49 3.45 0.64 10.55
C PRO A 49 4.33 0.21 9.36
N MET A 50 4.19 -1.05 8.91
CA MET A 50 5.02 -1.60 7.83
C MET A 50 4.56 -1.00 6.48
N ILE A 51 5.21 0.11 6.10
CA ILE A 51 4.91 0.88 4.89
C ILE A 51 6.24 1.46 4.35
N ASN A 52 6.64 1.07 3.14
CA ASN A 52 7.92 1.49 2.53
C ASN A 52 7.66 2.56 1.45
N LEU A 53 8.07 3.81 1.72
CA LEU A 53 7.96 4.93 0.75
C LEU A 53 9.12 4.85 -0.28
N TYR A 54 8.78 4.91 -1.57
CA TYR A 54 9.76 4.91 -2.65
C TYR A 54 10.25 6.33 -2.95
N THR A 55 11.58 6.47 -3.13
CA THR A 55 12.28 7.76 -3.27
C THR A 55 13.16 7.73 -4.53
N ASP A 56 13.17 8.83 -5.29
CA ASP A 56 14.12 9.04 -6.40
C ASP A 56 15.54 9.17 -5.82
N ARG A 57 16.39 8.16 -6.07
CA ARG A 57 17.76 8.12 -5.57
C ARG A 57 18.65 9.21 -6.23
N GLU A 58 18.24 9.68 -7.41
CA GLU A 58 18.94 10.75 -8.16
C GLU A 58 18.69 12.16 -7.55
N THR A 59 17.40 12.51 -7.27
CA THR A 59 17.01 13.86 -6.77
C THR A 59 17.00 13.94 -5.23
N GLY A 60 16.64 12.82 -4.60
CA GLY A 60 16.40 12.77 -3.15
C GLY A 60 14.96 13.08 -2.74
N LYS A 61 14.07 13.30 -3.74
CA LYS A 61 12.62 13.52 -3.50
C LYS A 61 11.83 12.19 -3.58
N LEU A 62 10.63 12.18 -3.01
CA LEU A 62 9.74 11.00 -3.01
C LEU A 62 9.04 10.81 -4.37
N LYS A 63 8.91 9.55 -4.80
CA LYS A 63 8.24 9.18 -6.07
C LYS A 63 6.71 9.21 -5.96
N GLY A 64 6.19 9.27 -4.71
CA GLY A 64 4.76 9.20 -4.44
C GLY A 64 4.23 7.77 -4.53
N GLU A 65 5.04 6.82 -4.05
CA GLU A 65 4.72 5.38 -4.05
C GLU A 65 4.98 4.79 -2.65
N ALA A 66 4.24 3.73 -2.27
CA ALA A 66 4.36 3.09 -0.95
C ALA A 66 3.83 1.64 -0.95
N THR A 67 4.51 0.73 -0.23
CA THR A 67 4.01 -0.65 -0.01
C THR A 67 3.40 -0.79 1.41
N VAL A 68 2.07 -1.01 1.47
CA VAL A 68 1.29 -1.02 2.72
C VAL A 68 0.95 -2.47 3.12
N SER A 69 1.56 -2.95 4.22
CA SER A 69 1.34 -4.33 4.72
C SER A 69 0.15 -4.36 5.69
N PHE A 70 -0.97 -4.94 5.24
CA PHE A 70 -2.14 -5.22 6.12
C PHE A 70 -1.93 -6.55 6.87
N ASP A 71 -2.63 -6.68 8.01
CA ASP A 71 -2.60 -7.88 8.85
C ASP A 71 -3.27 -9.08 8.14
N ASP A 72 -4.32 -8.76 7.36
CA ASP A 72 -5.08 -9.76 6.59
C ASP A 72 -4.99 -9.48 5.06
N PRO A 73 -4.73 -10.53 4.21
CA PRO A 73 -4.88 -10.42 2.73
C PRO A 73 -6.30 -9.94 2.21
N PRO A 74 -7.51 -10.30 2.83
CA PRO A 74 -8.81 -9.73 2.40
C PRO A 74 -8.93 -8.18 2.58
N SER A 75 -8.28 -7.63 3.64
CA SER A 75 -8.27 -6.16 3.91
C SER A 75 -7.28 -5.44 2.97
N ALA A 76 -6.18 -6.13 2.63
CA ALA A 76 -5.22 -5.67 1.61
C ALA A 76 -5.90 -5.53 0.23
N LYS A 77 -6.61 -6.59 -0.18
CA LYS A 77 -7.39 -6.64 -1.43
C LYS A 77 -8.52 -5.57 -1.41
N ALA A 78 -9.15 -5.42 -0.25
CA ALA A 78 -10.22 -4.43 -0.03
C ALA A 78 -9.71 -2.99 -0.27
N ALA A 79 -8.53 -2.68 0.28
CA ALA A 79 -7.87 -1.36 0.09
C ALA A 79 -7.50 -1.09 -1.38
N ILE A 80 -7.26 -2.16 -2.17
CA ILE A 80 -7.06 -2.05 -3.63
C ILE A 80 -8.35 -1.54 -4.31
N ASP A 81 -9.44 -2.34 -4.21
CA ASP A 81 -10.75 -2.04 -4.82
C ASP A 81 -11.34 -0.69 -4.31
N TRP A 82 -10.98 -0.30 -3.08
CA TRP A 82 -11.44 0.96 -2.46
C TRP A 82 -10.62 2.18 -2.95
N PHE A 83 -9.30 2.16 -2.69
CA PHE A 83 -8.41 3.32 -2.90
C PHE A 83 -7.92 3.50 -4.35
N ASP A 84 -8.14 2.50 -5.22
CA ASP A 84 -7.82 2.64 -6.65
C ASP A 84 -8.78 3.71 -7.29
N GLY A 85 -8.29 4.96 -7.34
CA GLY A 85 -9.06 6.14 -7.78
C GLY A 85 -9.24 7.24 -6.71
N LYS A 86 -8.92 6.94 -5.44
CA LYS A 86 -9.08 7.90 -4.32
C LYS A 86 -7.88 8.88 -4.25
N GLU A 87 -8.14 10.16 -3.97
CA GLU A 87 -7.08 11.19 -3.95
C GLU A 87 -6.41 11.30 -2.56
N PHE A 88 -5.08 11.09 -2.51
CA PHE A 88 -4.30 11.20 -1.26
C PHE A 88 -3.91 12.67 -1.01
N SER A 89 -2.85 13.16 -1.68
CA SER A 89 -2.37 14.56 -1.56
C SER A 89 -2.79 15.37 -2.81
N GLY A 90 -4.11 15.39 -3.09
CA GLY A 90 -4.67 16.08 -4.26
C GLY A 90 -4.46 15.33 -5.60
N ASN A 91 -3.98 14.08 -5.52
CA ASN A 91 -3.67 13.22 -6.69
C ASN A 91 -4.41 11.87 -6.58
N PRO A 92 -5.20 11.44 -7.63
CA PRO A 92 -5.91 10.14 -7.65
C PRO A 92 -4.91 8.94 -7.71
N ILE A 93 -4.80 8.22 -6.58
CA ILE A 93 -3.81 7.12 -6.43
C ILE A 93 -4.27 5.84 -7.14
N LYS A 94 -3.31 5.01 -7.56
CA LYS A 94 -3.56 3.72 -8.21
C LYS A 94 -3.00 2.60 -7.32
N VAL A 95 -3.86 1.66 -6.89
CA VAL A 95 -3.50 0.62 -5.91
C VAL A 95 -3.58 -0.79 -6.54
N SER A 96 -2.57 -1.61 -6.24
CA SER A 96 -2.47 -3.03 -6.67
C SER A 96 -1.73 -3.82 -5.57
N PHE A 97 -1.60 -5.15 -5.72
CA PHE A 97 -0.71 -5.95 -4.84
C PHE A 97 0.79 -5.68 -5.14
N ALA A 98 1.62 -5.71 -4.10
CA ALA A 98 3.09 -5.62 -4.23
C ALA A 98 3.68 -7.00 -4.53
N THR A 99 3.53 -7.44 -5.79
CA THR A 99 4.00 -8.76 -6.27
C THR A 99 5.36 -8.65 -7.02
N MET A 1 -8.87 -8.41 -22.46
CA MET A 1 -8.66 -9.60 -23.32
C MET A 1 -7.41 -10.38 -22.85
N GLY A 2 -7.59 -11.64 -22.40
CA GLY A 2 -6.47 -12.55 -22.06
C GLY A 2 -5.80 -12.31 -20.70
N HIS A 3 -6.07 -11.14 -20.07
CA HIS A 3 -5.46 -10.76 -18.79
C HIS A 3 -6.26 -11.34 -17.59
N HIS A 4 -5.77 -12.46 -17.05
CA HIS A 4 -6.33 -13.13 -15.84
C HIS A 4 -5.37 -14.25 -15.38
N HIS A 5 -5.22 -14.43 -14.05
CA HIS A 5 -4.36 -15.50 -13.47
C HIS A 5 -4.86 -16.91 -13.87
N HIS A 6 -4.06 -17.60 -14.71
CA HIS A 6 -4.34 -18.97 -15.18
C HIS A 6 -4.01 -20.02 -14.08
N HIS A 7 -3.00 -19.69 -13.25
CA HIS A 7 -2.63 -20.50 -12.05
C HIS A 7 -3.64 -20.26 -10.91
N HIS A 8 -4.08 -21.36 -10.25
CA HIS A 8 -5.05 -21.30 -9.13
C HIS A 8 -4.45 -20.56 -7.90
N SER A 9 -5.15 -19.51 -7.44
CA SER A 9 -4.72 -18.64 -6.32
C SER A 9 -5.84 -17.69 -5.89
N HIS A 10 -6.13 -17.62 -4.57
CA HIS A 10 -7.09 -16.65 -4.00
C HIS A 10 -6.44 -15.23 -3.86
N SER A 11 -5.15 -15.11 -4.26
CA SER A 11 -4.35 -13.85 -4.20
C SER A 11 -4.24 -13.36 -2.74
N ASP A 12 -3.57 -14.17 -1.92
CA ASP A 12 -3.49 -13.97 -0.45
C ASP A 12 -2.27 -13.09 -0.07
N ASN A 13 -1.84 -12.22 -0.98
CA ASN A 13 -0.74 -11.26 -0.76
C ASN A 13 -1.25 -10.08 0.13
N ASN A 14 -0.69 -9.95 1.35
CA ASN A 14 -1.24 -9.04 2.40
C ASN A 14 -0.69 -7.58 2.26
N THR A 15 0.41 -7.42 1.53
CA THR A 15 1.00 -6.09 1.24
C THR A 15 0.50 -5.58 -0.12
N ILE A 16 0.15 -4.29 -0.21
CA ILE A 16 -0.30 -3.65 -1.47
C ILE A 16 0.71 -2.60 -1.96
N PHE A 17 0.82 -2.43 -3.28
CA PHE A 17 1.67 -1.40 -3.89
C PHE A 17 0.79 -0.24 -4.43
N VAL A 18 0.92 0.93 -3.80
CA VAL A 18 0.19 2.14 -4.17
C VAL A 18 1.11 3.13 -4.91
N GLN A 19 0.64 3.67 -6.04
CA GLN A 19 1.39 4.67 -6.85
C GLN A 19 0.60 6.01 -6.90
N GLY A 20 1.29 7.09 -7.26
CA GLY A 20 0.67 8.43 -7.35
C GLY A 20 0.31 9.06 -6.00
N LEU A 21 1.09 8.73 -4.96
CA LEU A 21 0.91 9.22 -3.56
C LEU A 21 1.48 10.66 -3.36
N GLY A 22 2.33 11.12 -4.28
CA GLY A 22 2.90 12.48 -4.23
C GLY A 22 4.20 12.60 -3.43
N GLU A 23 4.81 13.81 -3.48
CA GLU A 23 6.03 14.16 -2.71
C GLU A 23 5.75 14.38 -1.19
N ASN A 24 4.46 14.50 -0.83
CA ASN A 24 4.00 14.73 0.57
C ASN A 24 3.67 13.39 1.29
N VAL A 25 4.05 12.24 0.69
CA VAL A 25 3.76 10.90 1.25
C VAL A 25 4.65 10.56 2.49
N THR A 26 4.01 10.12 3.60
CA THR A 26 4.72 9.57 4.80
C THR A 26 4.06 8.25 5.26
N ILE A 27 4.83 7.44 6.00
CA ILE A 27 4.37 6.14 6.56
C ILE A 27 3.03 6.29 7.34
N GLU A 28 2.99 7.24 8.27
CA GLU A 28 1.83 7.47 9.18
C GLU A 28 0.61 8.06 8.44
N SER A 29 0.85 8.89 7.40
CA SER A 29 -0.26 9.48 6.60
C SER A 29 -0.93 8.42 5.72
N VAL A 30 -0.13 7.54 5.08
CA VAL A 30 -0.65 6.41 4.27
C VAL A 30 -1.37 5.39 5.17
N ALA A 31 -0.75 5.09 6.32
CA ALA A 31 -1.30 4.14 7.31
C ALA A 31 -2.66 4.61 7.88
N ASP A 32 -2.75 5.91 8.28
CA ASP A 32 -3.98 6.48 8.87
C ASP A 32 -5.11 6.58 7.81
N TYR A 33 -4.72 6.71 6.53
CA TYR A 33 -5.65 6.73 5.39
C TYR A 33 -6.22 5.31 5.14
N PHE A 34 -5.33 4.30 5.05
CA PHE A 34 -5.69 2.92 4.67
C PHE A 34 -6.24 2.05 5.85
N LYS A 35 -5.96 2.44 7.11
CA LYS A 35 -6.36 1.64 8.31
C LYS A 35 -7.90 1.56 8.52
N GLN A 36 -8.65 2.49 7.89
CA GLN A 36 -10.14 2.47 7.89
C GLN A 36 -10.71 1.16 7.28
N ILE A 37 -9.92 0.54 6.39
CA ILE A 37 -10.29 -0.71 5.68
C ILE A 37 -10.00 -1.95 6.54
N GLY A 38 -8.89 -1.92 7.28
CA GLY A 38 -8.49 -3.05 8.12
C GLY A 38 -7.21 -2.78 8.91
N ILE A 39 -6.80 -3.79 9.69
CA ILE A 39 -5.57 -3.72 10.49
C ILE A 39 -4.31 -3.73 9.58
N ILE A 40 -3.50 -2.66 9.68
CA ILE A 40 -2.19 -2.57 9.00
C ILE A 40 -1.08 -3.05 9.96
N LYS A 41 -0.30 -4.05 9.52
CA LYS A 41 0.90 -4.56 10.24
C LYS A 41 1.85 -3.42 10.69
N THR A 42 2.49 -3.62 11.84
CA THR A 42 3.28 -2.58 12.54
C THR A 42 4.58 -3.17 13.11
N ASN A 43 5.73 -2.57 12.72
CA ASN A 43 7.06 -2.90 13.28
C ASN A 43 7.09 -2.52 14.78
N LYS A 44 7.46 -3.50 15.63
CA LYS A 44 7.50 -3.34 17.10
C LYS A 44 8.77 -2.59 17.55
N LYS A 45 9.91 -2.86 16.89
CA LYS A 45 11.22 -2.26 17.22
C LYS A 45 11.20 -0.73 17.00
N THR A 46 10.73 -0.28 15.82
CA THR A 46 10.58 1.15 15.50
C THR A 46 9.30 1.75 16.13
N GLY A 47 8.22 0.94 16.15
CA GLY A 47 6.91 1.41 16.62
C GLY A 47 6.08 2.05 15.50
N GLN A 48 6.52 1.84 14.23
CA GLN A 48 5.87 2.39 13.02
C GLN A 48 5.19 1.30 12.16
N PRO A 49 4.01 1.59 11.51
CA PRO A 49 3.33 0.65 10.58
C PRO A 49 4.22 0.29 9.35
N MET A 50 4.22 -0.99 8.95
CA MET A 50 5.14 -1.52 7.92
C MET A 50 4.75 -0.97 6.53
N ILE A 51 5.44 0.11 6.12
CA ILE A 51 5.23 0.80 4.83
C ILE A 51 6.59 1.24 4.27
N ASN A 52 6.88 0.85 3.00
CA ASN A 52 8.16 1.16 2.34
C ASN A 52 7.93 2.31 1.33
N LEU A 53 8.48 3.51 1.63
CA LEU A 53 8.37 4.71 0.78
C LEU A 53 9.53 4.75 -0.23
N TYR A 54 9.20 4.68 -1.53
CA TYR A 54 10.19 4.69 -2.63
C TYR A 54 10.60 6.14 -2.97
N THR A 55 11.90 6.43 -2.80
CA THR A 55 12.50 7.75 -3.10
C THR A 55 13.35 7.68 -4.38
N ASP A 56 13.43 8.80 -5.13
CA ASP A 56 14.24 8.89 -6.35
C ASP A 56 15.72 9.17 -6.01
N ARG A 57 16.62 8.47 -6.71
CA ARG A 57 18.08 8.56 -6.50
C ARG A 57 18.67 9.90 -7.03
N GLU A 58 18.06 10.48 -8.09
CA GLU A 58 18.59 11.67 -8.78
C GLU A 58 18.16 12.97 -8.07
N THR A 59 16.84 13.19 -8.00
CA THR A 59 16.24 14.41 -7.42
C THR A 59 16.27 14.40 -5.88
N GLY A 60 16.18 13.19 -5.28
CA GLY A 60 16.05 13.02 -3.82
C GLY A 60 14.60 13.18 -3.32
N LYS A 61 13.67 13.41 -4.26
CA LYS A 61 12.23 13.55 -3.97
C LYS A 61 11.53 12.18 -3.89
N LEU A 62 10.46 12.11 -3.09
CA LEU A 62 9.62 10.92 -2.99
C LEU A 62 8.88 10.68 -4.32
N LYS A 63 8.95 9.44 -4.84
CA LYS A 63 8.43 9.08 -6.17
C LYS A 63 6.88 9.02 -6.20
N GLY A 64 6.26 9.11 -5.00
CA GLY A 64 4.82 8.95 -4.86
C GLY A 64 4.42 7.49 -4.97
N GLU A 65 5.22 6.62 -4.36
CA GLU A 65 5.03 5.16 -4.42
C GLU A 65 5.39 4.55 -3.05
N ALA A 66 4.58 3.58 -2.59
CA ALA A 66 4.79 2.93 -1.29
C ALA A 66 4.11 1.55 -1.23
N THR A 67 4.66 0.66 -0.39
CA THR A 67 4.04 -0.68 -0.13
C THR A 67 3.52 -0.78 1.32
N VAL A 68 2.20 -1.04 1.46
CA VAL A 68 1.48 -1.03 2.76
C VAL A 68 1.13 -2.48 3.18
N SER A 69 1.78 -2.98 4.26
CA SER A 69 1.54 -4.36 4.75
C SER A 69 0.31 -4.41 5.68
N PHE A 70 -0.79 -5.01 5.21
CA PHE A 70 -1.96 -5.33 6.06
C PHE A 70 -1.77 -6.68 6.78
N ASP A 71 -2.53 -6.88 7.87
CA ASP A 71 -2.47 -8.11 8.67
C ASP A 71 -3.21 -9.26 7.95
N ASP A 72 -4.33 -8.91 7.29
CA ASP A 72 -5.15 -9.87 6.53
C ASP A 72 -5.16 -9.49 5.02
N PRO A 73 -4.87 -10.48 4.10
CA PRO A 73 -5.06 -10.29 2.64
C PRO A 73 -6.48 -9.77 2.16
N PRO A 74 -7.66 -10.13 2.79
CA PRO A 74 -8.97 -9.49 2.44
C PRO A 74 -8.97 -7.95 2.67
N SER A 75 -8.23 -7.47 3.69
CA SER A 75 -8.09 -6.02 3.99
C SER A 75 -7.21 -5.33 2.92
N ALA A 76 -6.15 -6.06 2.49
CA ALA A 76 -5.25 -5.61 1.40
C ALA A 76 -6.04 -5.40 0.08
N LYS A 77 -6.77 -6.45 -0.34
CA LYS A 77 -7.58 -6.48 -1.58
C LYS A 77 -8.72 -5.43 -1.56
N ALA A 78 -9.37 -5.29 -0.39
CA ALA A 78 -10.44 -4.28 -0.19
C ALA A 78 -9.91 -2.83 -0.31
N ALA A 79 -8.71 -2.57 0.28
CA ALA A 79 -8.02 -1.26 0.18
C ALA A 79 -7.69 -0.89 -1.28
N ILE A 80 -7.43 -1.92 -2.12
CA ILE A 80 -7.20 -1.73 -3.58
C ILE A 80 -8.46 -1.18 -4.25
N ASP A 81 -9.55 -1.97 -4.19
CA ASP A 81 -10.86 -1.62 -4.80
C ASP A 81 -11.42 -0.27 -4.26
N TRP A 82 -11.11 0.04 -2.99
CA TRP A 82 -11.60 1.27 -2.32
C TRP A 82 -10.80 2.53 -2.74
N PHE A 83 -9.46 2.48 -2.58
CA PHE A 83 -8.59 3.67 -2.76
C PHE A 83 -8.09 3.89 -4.20
N ASP A 84 -8.18 2.87 -5.07
CA ASP A 84 -7.77 2.99 -6.48
C ASP A 84 -8.62 4.07 -7.21
N GLY A 85 -7.96 5.13 -7.70
CA GLY A 85 -8.64 6.27 -8.35
C GLY A 85 -9.02 7.41 -7.39
N LYS A 86 -8.72 7.26 -6.09
CA LYS A 86 -9.01 8.30 -5.06
C LYS A 86 -7.79 9.22 -4.86
N GLU A 87 -7.97 10.29 -4.06
CA GLU A 87 -6.92 11.29 -3.81
C GLU A 87 -6.34 11.16 -2.39
N PHE A 88 -5.10 10.64 -2.30
CA PHE A 88 -4.31 10.67 -1.06
C PHE A 88 -3.56 12.01 -1.01
N SER A 89 -3.91 12.88 -0.04
CA SER A 89 -3.26 14.21 0.15
C SER A 89 -3.45 15.12 -1.12
N GLY A 90 -4.52 14.85 -1.89
CA GLY A 90 -4.82 15.58 -3.15
C GLY A 90 -4.22 14.92 -4.41
N ASN A 91 -3.45 13.83 -4.21
CA ASN A 91 -2.76 13.11 -5.31
C ASN A 91 -3.59 11.88 -5.78
N PRO A 92 -3.91 11.75 -7.12
CA PRO A 92 -4.74 10.63 -7.64
C PRO A 92 -3.95 9.29 -7.69
N ILE A 93 -4.20 8.43 -6.69
CA ILE A 93 -3.45 7.17 -6.50
C ILE A 93 -4.03 5.98 -7.31
N LYS A 94 -3.14 5.02 -7.60
CA LYS A 94 -3.47 3.74 -8.26
C LYS A 94 -2.95 2.57 -7.38
N VAL A 95 -3.87 1.76 -6.83
CA VAL A 95 -3.51 0.71 -5.85
C VAL A 95 -3.56 -0.69 -6.51
N SER A 96 -2.58 -1.53 -6.17
CA SER A 96 -2.48 -2.95 -6.63
C SER A 96 -1.88 -3.81 -5.50
N PHE A 97 -1.69 -5.13 -5.73
CA PHE A 97 -0.92 -5.99 -4.80
C PHE A 97 0.61 -5.75 -4.96
N ALA A 98 1.34 -5.90 -3.84
CA ALA A 98 2.82 -5.83 -3.86
C ALA A 98 3.38 -7.26 -3.99
N THR A 99 3.45 -7.75 -5.23
CA THR A 99 3.88 -9.14 -5.56
C THR A 99 5.19 -9.16 -6.39
N MET A 1 -10.85 -41.34 -9.08
CA MET A 1 -10.55 -40.10 -8.31
C MET A 1 -11.47 -38.95 -8.79
N GLY A 2 -11.64 -37.90 -7.95
CA GLY A 2 -12.55 -36.78 -8.27
C GLY A 2 -12.03 -35.42 -7.80
N HIS A 3 -10.75 -35.13 -8.12
CA HIS A 3 -10.09 -33.85 -7.78
C HIS A 3 -10.68 -32.70 -8.65
N HIS A 4 -11.70 -32.01 -8.09
CA HIS A 4 -12.45 -30.96 -8.82
C HIS A 4 -11.83 -29.55 -8.62
N HIS A 5 -11.22 -29.32 -7.44
CA HIS A 5 -10.60 -28.01 -7.09
C HIS A 5 -9.09 -28.18 -6.79
N HIS A 6 -8.25 -27.33 -7.42
CA HIS A 6 -6.80 -27.31 -7.17
C HIS A 6 -6.45 -26.57 -5.83
N HIS A 7 -7.14 -25.44 -5.57
CA HIS A 7 -6.93 -24.61 -4.36
C HIS A 7 -8.29 -24.14 -3.78
N HIS A 8 -8.55 -24.46 -2.50
CA HIS A 8 -9.81 -24.10 -1.79
C HIS A 8 -9.71 -22.69 -1.14
N SER A 9 -8.66 -22.49 -0.33
CA SER A 9 -8.46 -21.25 0.45
C SER A 9 -7.98 -20.08 -0.44
N HIS A 10 -8.89 -19.13 -0.75
CA HIS A 10 -8.56 -17.90 -1.48
C HIS A 10 -7.89 -16.87 -0.53
N SER A 11 -6.54 -16.79 -0.59
CA SER A 11 -5.77 -15.77 0.17
C SER A 11 -4.92 -14.93 -0.82
N ASP A 12 -5.23 -13.63 -0.87
CA ASP A 12 -4.50 -12.65 -1.71
C ASP A 12 -3.16 -12.21 -1.06
N ASN A 13 -2.51 -11.19 -1.65
CA ASN A 13 -1.32 -10.56 -1.01
C ASN A 13 -1.79 -9.62 0.13
N ASN A 14 -1.11 -9.68 1.29
CA ASN A 14 -1.45 -8.83 2.46
C ASN A 14 -0.75 -7.45 2.35
N THR A 15 0.30 -7.39 1.53
CA THR A 15 1.01 -6.13 1.20
C THR A 15 0.61 -5.66 -0.23
N ILE A 16 0.17 -4.40 -0.35
CA ILE A 16 -0.26 -3.80 -1.63
C ILE A 16 0.75 -2.75 -2.12
N PHE A 17 0.81 -2.50 -3.43
CA PHE A 17 1.64 -1.46 -4.05
C PHE A 17 0.74 -0.30 -4.58
N VAL A 18 0.99 0.92 -4.08
CA VAL A 18 0.20 2.13 -4.41
C VAL A 18 1.12 3.18 -5.10
N GLN A 19 0.57 3.89 -6.12
CA GLN A 19 1.29 4.95 -6.87
C GLN A 19 0.49 6.28 -6.84
N GLY A 20 1.18 7.41 -7.06
CA GLY A 20 0.55 8.74 -7.18
C GLY A 20 0.12 9.37 -5.84
N LEU A 21 0.90 9.11 -4.80
CA LEU A 21 0.62 9.57 -3.41
C LEU A 21 1.02 11.05 -3.18
N GLY A 22 2.10 11.48 -3.84
CA GLY A 22 2.71 12.81 -3.60
C GLY A 22 4.20 12.70 -3.22
N GLU A 23 4.99 13.76 -3.51
CA GLU A 23 6.45 13.77 -3.24
C GLU A 23 6.79 14.09 -1.75
N ASN A 24 5.76 14.35 -0.93
CA ASN A 24 5.92 14.58 0.52
C ASN A 24 5.11 13.53 1.33
N VAL A 25 4.95 12.31 0.76
CA VAL A 25 4.18 11.21 1.38
C VAL A 25 4.95 10.59 2.59
N THR A 26 4.24 10.30 3.70
CA THR A 26 4.87 9.76 4.94
C THR A 26 4.21 8.42 5.32
N ILE A 27 4.99 7.54 5.99
CA ILE A 27 4.51 6.23 6.51
C ILE A 27 3.25 6.42 7.40
N GLU A 28 3.27 7.47 8.25
CA GLU A 28 2.16 7.80 9.17
C GLU A 28 0.87 8.22 8.41
N SER A 29 1.02 9.00 7.32
CA SER A 29 -0.14 9.47 6.52
C SER A 29 -0.75 8.33 5.68
N VAL A 30 0.11 7.44 5.14
CA VAL A 30 -0.36 6.23 4.40
C VAL A 30 -1.11 5.27 5.36
N ALA A 31 -0.56 5.14 6.57
CA ALA A 31 -1.16 4.33 7.64
C ALA A 31 -2.53 4.86 8.09
N ASP A 32 -2.61 6.18 8.33
CA ASP A 32 -3.82 6.85 8.84
C ASP A 32 -4.95 6.83 7.76
N TYR A 33 -4.55 6.88 6.48
CA TYR A 33 -5.48 6.87 5.34
C TYR A 33 -6.02 5.43 5.09
N PHE A 34 -5.11 4.44 5.00
CA PHE A 34 -5.46 3.05 4.65
C PHE A 34 -6.03 2.22 5.84
N LYS A 35 -5.81 2.67 7.09
CA LYS A 35 -6.30 1.93 8.30
C LYS A 35 -7.85 1.82 8.37
N GLN A 36 -8.56 2.73 7.66
CA GLN A 36 -10.04 2.71 7.57
C GLN A 36 -10.58 1.35 7.03
N ILE A 37 -9.77 0.67 6.21
CA ILE A 37 -10.08 -0.63 5.61
C ILE A 37 -9.81 -1.79 6.59
N GLY A 38 -8.67 -1.72 7.29
CA GLY A 38 -8.28 -2.77 8.23
C GLY A 38 -6.99 -2.46 8.98
N ILE A 39 -6.58 -3.40 9.83
CA ILE A 39 -5.34 -3.29 10.62
C ILE A 39 -4.09 -3.40 9.70
N ILE A 40 -3.29 -2.34 9.69
CA ILE A 40 -1.98 -2.34 9.00
C ILE A 40 -0.90 -2.87 9.97
N LYS A 41 -0.16 -3.92 9.54
CA LYS A 41 0.96 -4.51 10.31
C LYS A 41 1.92 -3.43 10.86
N THR A 42 2.24 -3.55 12.14
CA THR A 42 3.08 -2.58 12.86
C THR A 42 4.38 -3.23 13.34
N ASN A 43 5.51 -2.66 12.92
CA ASN A 43 6.85 -3.00 13.43
C ASN A 43 6.91 -2.65 14.94
N LYS A 44 7.15 -3.67 15.78
CA LYS A 44 7.21 -3.51 17.25
C LYS A 44 8.56 -2.86 17.69
N LYS A 45 9.62 -3.07 16.88
CA LYS A 45 10.98 -2.56 17.18
C LYS A 45 11.07 -1.02 16.98
N THR A 46 10.47 -0.51 15.87
CA THR A 46 10.42 0.94 15.57
C THR A 46 9.21 1.60 16.29
N GLY A 47 8.08 0.87 16.37
CA GLY A 47 6.81 1.40 16.88
C GLY A 47 5.97 2.05 15.78
N GLN A 48 6.37 1.85 14.51
CA GLN A 48 5.69 2.38 13.31
C GLN A 48 5.15 1.26 12.39
N PRO A 49 4.12 1.54 11.53
CA PRO A 49 3.58 0.54 10.58
C PRO A 49 4.57 0.18 9.44
N MET A 50 4.39 -1.04 8.88
CA MET A 50 5.24 -1.58 7.81
C MET A 50 4.76 -1.04 6.46
N ILE A 51 5.40 0.06 6.03
CA ILE A 51 5.10 0.76 4.76
C ILE A 51 6.40 1.25 4.14
N ASN A 52 6.75 0.77 2.92
CA ASN A 52 8.00 1.14 2.25
C ASN A 52 7.69 2.27 1.25
N LEU A 53 8.13 3.49 1.58
CA LEU A 53 8.06 4.64 0.66
C LEU A 53 9.20 4.52 -0.38
N TYR A 54 8.98 5.05 -1.59
CA TYR A 54 10.01 5.04 -2.66
C TYR A 54 10.53 6.47 -2.91
N THR A 55 11.87 6.63 -2.91
CA THR A 55 12.57 7.93 -3.14
C THR A 55 13.39 7.86 -4.43
N ASP A 56 13.37 8.96 -5.21
CA ASP A 56 14.22 9.13 -6.40
C ASP A 56 15.70 9.22 -6.01
N ARG A 57 16.54 8.39 -6.66
CA ARG A 57 18.00 8.49 -6.53
C ARG A 57 18.50 9.85 -7.09
N GLU A 58 17.84 10.36 -8.15
CA GLU A 58 18.29 11.54 -8.89
C GLU A 58 17.98 12.86 -8.12
N THR A 59 16.69 13.08 -7.80
CA THR A 59 16.21 14.32 -7.15
C THR A 59 16.42 14.32 -5.62
N GLY A 60 16.41 13.11 -5.02
CA GLY A 60 16.42 12.96 -3.55
C GLY A 60 15.07 13.25 -2.90
N LYS A 61 14.03 13.45 -3.73
CA LYS A 61 12.62 13.62 -3.30
C LYS A 61 11.89 12.27 -3.42
N LEU A 62 10.69 12.18 -2.84
CA LEU A 62 9.86 10.97 -2.91
C LEU A 62 9.21 10.84 -4.31
N LYS A 63 9.21 9.62 -4.85
CA LYS A 63 8.61 9.31 -6.16
C LYS A 63 7.07 9.44 -6.14
N GLY A 64 6.47 9.22 -4.95
CA GLY A 64 5.03 9.12 -4.81
C GLY A 64 4.49 7.69 -4.87
N GLU A 65 5.34 6.69 -4.58
CA GLU A 65 4.91 5.27 -4.44
C GLU A 65 5.17 4.77 -3.00
N ALA A 66 4.40 3.74 -2.59
CA ALA A 66 4.59 3.06 -1.29
C ALA A 66 3.90 1.68 -1.28
N THR A 67 4.47 0.74 -0.50
CA THR A 67 3.86 -0.58 -0.26
C THR A 67 3.30 -0.66 1.17
N VAL A 68 2.00 -1.02 1.32
CA VAL A 68 1.29 -1.01 2.63
C VAL A 68 1.03 -2.46 3.10
N SER A 69 1.70 -2.90 4.17
CA SER A 69 1.52 -4.27 4.73
C SER A 69 0.33 -4.31 5.71
N PHE A 70 -0.81 -4.85 5.26
CA PHE A 70 -1.97 -5.17 6.13
C PHE A 70 -1.76 -6.53 6.83
N ASP A 71 -2.53 -6.76 7.91
CA ASP A 71 -2.50 -8.01 8.68
C ASP A 71 -3.21 -9.16 7.91
N ASP A 72 -4.34 -8.83 7.25
CA ASP A 72 -5.14 -9.82 6.48
C ASP A 72 -5.05 -9.58 4.95
N PRO A 73 -4.85 -10.67 4.14
CA PRO A 73 -5.00 -10.62 2.66
C PRO A 73 -6.35 -10.01 2.12
N PRO A 74 -7.59 -10.32 2.70
CA PRO A 74 -8.86 -9.68 2.21
C PRO A 74 -8.94 -8.17 2.55
N SER A 75 -8.20 -7.74 3.58
CA SER A 75 -8.12 -6.31 3.97
C SER A 75 -7.30 -5.53 2.92
N ALA A 76 -6.18 -6.14 2.50
CA ALA A 76 -5.30 -5.57 1.47
C ALA A 76 -6.01 -5.51 0.09
N LYS A 77 -6.74 -6.60 -0.24
CA LYS A 77 -7.55 -6.71 -1.48
C LYS A 77 -8.68 -5.65 -1.49
N ALA A 78 -9.34 -5.49 -0.34
CA ALA A 78 -10.41 -4.47 -0.15
C ALA A 78 -9.86 -3.03 -0.31
N ALA A 79 -8.62 -2.80 0.20
CA ALA A 79 -7.92 -1.52 0.07
C ALA A 79 -7.62 -1.17 -1.41
N ILE A 80 -7.46 -2.20 -2.26
CA ILE A 80 -7.32 -2.01 -3.72
C ILE A 80 -8.64 -1.52 -4.32
N ASP A 81 -9.71 -2.33 -4.16
CA ASP A 81 -11.05 -2.03 -4.72
C ASP A 81 -11.61 -0.68 -4.18
N TRP A 82 -11.16 -0.28 -2.98
CA TRP A 82 -11.54 1.00 -2.37
C TRP A 82 -10.69 2.18 -2.91
N PHE A 83 -9.37 2.13 -2.67
CA PHE A 83 -8.47 3.28 -2.88
C PHE A 83 -8.04 3.47 -4.35
N ASP A 84 -8.23 2.45 -5.20
CA ASP A 84 -7.93 2.57 -6.64
C ASP A 84 -8.96 3.52 -7.30
N GLY A 85 -8.50 4.73 -7.64
CA GLY A 85 -9.35 5.81 -8.16
C GLY A 85 -9.62 6.96 -7.16
N LYS A 86 -9.15 6.80 -5.90
CA LYS A 86 -9.28 7.85 -4.85
C LYS A 86 -8.17 8.92 -4.96
N GLU A 87 -8.17 9.88 -4.02
CA GLU A 87 -7.11 10.89 -3.86
C GLU A 87 -6.50 10.77 -2.45
N PHE A 88 -5.18 10.51 -2.38
CA PHE A 88 -4.44 10.39 -1.11
C PHE A 88 -4.34 11.75 -0.38
N SER A 89 -3.55 12.66 -0.97
CA SER A 89 -3.33 14.03 -0.46
C SER A 89 -3.45 15.03 -1.62
N GLY A 90 -4.70 15.20 -2.10
CA GLY A 90 -5.00 16.00 -3.31
C GLY A 90 -4.59 15.32 -4.64
N ASN A 91 -3.95 14.13 -4.54
CA ASN A 91 -3.32 13.44 -5.69
C ASN A 91 -4.03 12.09 -5.99
N PRO A 92 -4.49 11.86 -7.26
CA PRO A 92 -5.15 10.57 -7.67
C PRO A 92 -4.20 9.35 -7.54
N ILE A 93 -4.67 8.27 -6.88
CA ILE A 93 -3.84 7.08 -6.57
C ILE A 93 -4.35 5.80 -7.28
N LYS A 94 -3.38 4.96 -7.69
CA LYS A 94 -3.63 3.65 -8.33
C LYS A 94 -3.11 2.57 -7.36
N VAL A 95 -4.00 1.66 -6.93
CA VAL A 95 -3.64 0.61 -5.96
C VAL A 95 -3.71 -0.79 -6.62
N SER A 96 -2.71 -1.63 -6.29
CA SER A 96 -2.57 -3.01 -6.80
C SER A 96 -1.88 -3.88 -5.72
N PHE A 97 -1.66 -5.19 -5.99
CA PHE A 97 -0.89 -6.07 -5.06
C PHE A 97 0.63 -5.85 -5.20
N ALA A 98 1.37 -5.96 -4.08
CA ALA A 98 2.84 -5.90 -4.08
C ALA A 98 3.41 -7.32 -4.29
N THR A 99 4.08 -7.55 -5.43
CA THR A 99 4.62 -8.88 -5.80
C THR A 99 5.97 -9.18 -5.06
N MET A 1 -10.70 -24.08 -6.87
CA MET A 1 -11.46 -23.03 -7.59
C MET A 1 -10.54 -22.18 -8.51
N GLY A 2 -10.59 -22.45 -9.82
CA GLY A 2 -9.85 -21.69 -10.85
C GLY A 2 -8.32 -21.71 -10.66
N HIS A 3 -7.75 -20.55 -10.27
CA HIS A 3 -6.29 -20.37 -10.06
C HIS A 3 -5.83 -20.96 -8.69
N HIS A 4 -6.78 -21.24 -7.80
CA HIS A 4 -6.53 -21.96 -6.53
C HIS A 4 -6.84 -23.47 -6.71
N HIS A 5 -5.81 -24.26 -7.05
CA HIS A 5 -5.92 -25.75 -7.13
C HIS A 5 -6.20 -26.35 -5.72
N HIS A 6 -5.67 -25.68 -4.68
CA HIS A 6 -5.92 -26.01 -3.27
C HIS A 6 -7.06 -25.12 -2.70
N HIS A 7 -7.98 -25.72 -1.91
CA HIS A 7 -9.13 -25.00 -1.31
C HIS A 7 -8.66 -23.96 -0.26
N HIS A 8 -7.76 -24.40 0.64
CA HIS A 8 -7.09 -23.52 1.61
C HIS A 8 -5.76 -23.03 1.03
N SER A 9 -5.67 -21.73 0.71
CA SER A 9 -4.42 -21.10 0.22
C SER A 9 -3.36 -21.01 1.34
N HIS A 10 -2.07 -21.25 0.99
CA HIS A 10 -0.94 -21.12 1.94
C HIS A 10 -0.21 -19.77 1.78
N SER A 11 -0.58 -18.99 0.74
CA SER A 11 0.06 -17.69 0.44
C SER A 11 -0.97 -16.69 -0.14
N ASP A 12 -1.23 -15.61 0.60
CA ASP A 12 -2.11 -14.50 0.15
C ASP A 12 -1.38 -13.16 0.41
N ASN A 13 -1.01 -12.46 -0.69
CA ASN A 13 -0.26 -11.20 -0.62
C ASN A 13 -1.09 -10.09 0.07
N ASN A 14 -0.66 -9.73 1.29
CA ASN A 14 -1.34 -8.74 2.15
C ASN A 14 -0.66 -7.36 2.05
N THR A 15 0.39 -7.26 1.21
CA THR A 15 1.07 -5.98 0.91
C THR A 15 0.62 -5.47 -0.47
N ILE A 16 0.22 -4.19 -0.56
CA ILE A 16 -0.32 -3.57 -1.81
C ILE A 16 0.58 -2.41 -2.31
N PHE A 17 0.79 -2.34 -3.64
CA PHE A 17 1.60 -1.26 -4.24
C PHE A 17 0.68 -0.10 -4.72
N VAL A 18 0.87 1.07 -4.13
CA VAL A 18 0.08 2.28 -4.40
C VAL A 18 0.96 3.36 -5.06
N GLN A 19 0.40 4.06 -6.07
CA GLN A 19 1.08 5.16 -6.81
C GLN A 19 0.24 6.45 -6.71
N GLY A 20 0.86 7.61 -7.01
CA GLY A 20 0.13 8.89 -7.10
C GLY A 20 -0.27 9.50 -5.74
N LEU A 21 0.50 9.16 -4.70
CA LEU A 21 0.27 9.60 -3.31
C LEU A 21 0.60 11.11 -3.12
N GLY A 22 1.65 11.57 -3.81
CA GLY A 22 2.18 12.94 -3.65
C GLY A 22 3.61 12.95 -3.09
N GLU A 23 4.37 14.04 -3.30
CA GLU A 23 5.76 14.17 -2.79
C GLU A 23 5.82 14.37 -1.25
N ASN A 24 4.70 14.79 -0.64
CA ASN A 24 4.61 15.11 0.80
C ASN A 24 4.22 13.85 1.64
N VAL A 25 4.17 12.67 0.99
CA VAL A 25 3.68 11.42 1.61
C VAL A 25 4.64 10.88 2.71
N THR A 26 4.09 10.49 3.87
CA THR A 26 4.87 9.78 4.93
C THR A 26 4.25 8.40 5.21
N ILE A 27 5.04 7.53 5.87
CA ILE A 27 4.61 6.16 6.26
C ILE A 27 3.34 6.19 7.15
N GLU A 28 3.30 7.13 8.11
CA GLU A 28 2.15 7.34 9.02
C GLU A 28 0.94 7.96 8.28
N SER A 29 1.21 8.78 7.23
CA SER A 29 0.15 9.34 6.36
C SER A 29 -0.58 8.23 5.57
N VAL A 30 0.22 7.29 4.98
CA VAL A 30 -0.34 6.14 4.25
C VAL A 30 -1.11 5.22 5.20
N ALA A 31 -0.54 5.03 6.41
CA ALA A 31 -1.17 4.24 7.48
C ALA A 31 -2.53 4.82 7.89
N ASP A 32 -2.58 6.15 8.10
CA ASP A 32 -3.79 6.88 8.54
C ASP A 32 -4.93 6.77 7.51
N TYR A 33 -4.56 6.86 6.23
CA TYR A 33 -5.50 6.83 5.10
C TYR A 33 -6.08 5.41 4.90
N PHE A 34 -5.18 4.40 4.88
CA PHE A 34 -5.55 2.99 4.56
C PHE A 34 -6.11 2.18 5.77
N LYS A 35 -5.84 2.63 7.02
CA LYS A 35 -6.26 1.88 8.24
C LYS A 35 -7.80 1.78 8.43
N GLN A 36 -8.56 2.63 7.72
CA GLN A 36 -10.05 2.59 7.74
C GLN A 36 -10.59 1.23 7.20
N ILE A 37 -9.83 0.60 6.30
CA ILE A 37 -10.20 -0.66 5.63
C ILE A 37 -9.84 -1.88 6.50
N GLY A 38 -8.65 -1.84 7.11
CA GLY A 38 -8.20 -2.94 7.96
C GLY A 38 -6.97 -2.58 8.77
N ILE A 39 -6.60 -3.48 9.70
CA ILE A 39 -5.38 -3.33 10.50
C ILE A 39 -4.13 -3.45 9.59
N ILE A 40 -3.28 -2.41 9.61
CA ILE A 40 -1.98 -2.40 8.92
C ILE A 40 -0.90 -2.85 9.91
N LYS A 41 -0.06 -3.83 9.48
CA LYS A 41 1.08 -4.32 10.29
C LYS A 41 1.98 -3.19 10.80
N THR A 42 2.43 -3.33 12.04
CA THR A 42 3.28 -2.34 12.73
C THR A 42 4.52 -3.04 13.30
N ASN A 43 5.70 -2.56 12.88
CA ASN A 43 7.01 -3.01 13.39
C ASN A 43 7.10 -2.82 14.93
N LYS A 44 7.30 -3.93 15.67
CA LYS A 44 7.30 -3.95 17.16
C LYS A 44 8.62 -3.38 17.75
N LYS A 45 9.69 -3.28 16.93
CA LYS A 45 10.98 -2.72 17.37
C LYS A 45 10.96 -1.18 17.31
N THR A 46 10.57 -0.63 16.15
CA THR A 46 10.54 0.84 15.91
C THR A 46 9.28 1.48 16.51
N GLY A 47 8.12 0.87 16.25
CA GLY A 47 6.81 1.44 16.59
C GLY A 47 6.16 2.16 15.41
N GLN A 48 6.68 1.91 14.19
CA GLN A 48 6.13 2.44 12.92
C GLN A 48 5.43 1.34 12.10
N PRO A 49 4.37 1.69 11.29
CA PRO A 49 3.69 0.73 10.40
C PRO A 49 4.61 0.27 9.22
N MET A 50 4.40 -0.97 8.75
CA MET A 50 5.21 -1.55 7.68
C MET A 50 4.71 -1.07 6.31
N ILE A 51 5.35 0.01 5.83
CA ILE A 51 5.01 0.68 4.56
C ILE A 51 6.30 1.21 3.92
N ASN A 52 6.66 0.72 2.72
CA ASN A 52 7.92 1.08 2.05
C ASN A 52 7.67 2.20 1.03
N LEU A 53 8.14 3.42 1.34
CA LEU A 53 8.06 4.58 0.41
C LEU A 53 9.10 4.41 -0.72
N TYR A 54 8.78 4.95 -1.90
CA TYR A 54 9.71 4.94 -3.06
C TYR A 54 10.25 6.35 -3.31
N THR A 55 11.58 6.44 -3.49
CA THR A 55 12.32 7.72 -3.61
C THR A 55 13.30 7.65 -4.80
N ASP A 56 13.45 8.77 -5.51
CA ASP A 56 14.47 8.90 -6.57
C ASP A 56 15.86 9.13 -5.91
N ARG A 57 16.78 8.18 -6.09
CA ARG A 57 18.16 8.25 -5.52
C ARG A 57 19.04 9.30 -6.24
N GLU A 58 18.54 9.88 -7.35
CA GLU A 58 19.22 10.95 -8.09
C GLU A 58 19.03 12.32 -7.40
N THR A 59 17.75 12.70 -7.19
CA THR A 59 17.37 14.03 -6.67
C THR A 59 17.10 14.02 -5.15
N GLY A 60 16.83 12.82 -4.59
CA GLY A 60 16.48 12.67 -3.17
C GLY A 60 15.02 13.02 -2.85
N LYS A 61 14.18 13.17 -3.90
CA LYS A 61 12.74 13.49 -3.74
C LYS A 61 11.86 12.23 -3.81
N LEU A 62 10.73 12.23 -3.07
CA LEU A 62 9.77 11.11 -3.07
C LEU A 62 9.04 10.98 -4.43
N LYS A 63 8.88 9.73 -4.90
CA LYS A 63 8.16 9.43 -6.16
C LYS A 63 6.63 9.51 -5.98
N GLY A 64 6.16 9.48 -4.71
CA GLY A 64 4.74 9.42 -4.39
C GLY A 64 4.18 8.01 -4.56
N GLU A 65 4.97 7.01 -4.16
CA GLU A 65 4.61 5.57 -4.25
C GLU A 65 4.98 4.86 -2.93
N ALA A 66 4.26 3.76 -2.61
CA ALA A 66 4.48 3.01 -1.35
C ALA A 66 3.89 1.59 -1.41
N THR A 67 4.43 0.66 -0.58
CA THR A 67 3.86 -0.70 -0.39
C THR A 67 3.33 -0.87 1.04
N VAL A 68 2.01 -1.12 1.18
CA VAL A 68 1.29 -1.10 2.48
C VAL A 68 1.01 -2.54 2.98
N SER A 69 1.72 -3.00 4.02
CA SER A 69 1.53 -4.35 4.60
C SER A 69 0.38 -4.37 5.62
N PHE A 70 -0.79 -4.90 5.20
CA PHE A 70 -1.94 -5.17 6.10
C PHE A 70 -1.72 -6.48 6.88
N ASP A 71 -2.27 -6.56 8.10
CA ASP A 71 -2.16 -7.75 8.97
C ASP A 71 -3.12 -8.86 8.50
N ASP A 72 -4.28 -8.45 7.95
CA ASP A 72 -5.26 -9.37 7.38
C ASP A 72 -5.09 -9.47 5.84
N PRO A 73 -4.97 -10.70 5.25
CA PRO A 73 -5.00 -10.90 3.78
C PRO A 73 -6.21 -10.22 3.03
N PRO A 74 -7.53 -10.35 3.47
CA PRO A 74 -8.67 -9.74 2.71
C PRO A 74 -8.72 -8.19 2.80
N SER A 75 -8.06 -7.60 3.83
CA SER A 75 -8.01 -6.13 4.04
C SER A 75 -7.18 -5.43 2.94
N ALA A 76 -6.14 -6.13 2.47
CA ALA A 76 -5.26 -5.62 1.41
C ALA A 76 -6.01 -5.51 0.05
N LYS A 77 -6.67 -6.62 -0.34
CA LYS A 77 -7.46 -6.70 -1.60
C LYS A 77 -8.69 -5.74 -1.55
N ALA A 78 -9.31 -5.64 -0.35
CA ALA A 78 -10.37 -4.65 -0.09
C ALA A 78 -9.87 -3.20 -0.29
N ALA A 79 -8.66 -2.89 0.24
CA ALA A 79 -8.02 -1.56 0.08
C ALA A 79 -7.65 -1.24 -1.40
N ILE A 80 -7.42 -2.28 -2.22
CA ILE A 80 -7.21 -2.12 -3.67
C ILE A 80 -8.52 -1.65 -4.33
N ASP A 81 -9.57 -2.45 -4.16
CA ASP A 81 -10.90 -2.19 -4.74
C ASP A 81 -11.53 -0.86 -4.20
N TRP A 82 -11.14 -0.47 -2.97
CA TRP A 82 -11.61 0.78 -2.35
C TRP A 82 -10.80 2.00 -2.86
N PHE A 83 -9.50 1.99 -2.57
CA PHE A 83 -8.63 3.19 -2.76
C PHE A 83 -8.19 3.43 -4.21
N ASP A 84 -8.40 2.46 -5.11
CA ASP A 84 -8.07 2.64 -6.54
C ASP A 84 -8.92 3.79 -7.15
N GLY A 85 -8.27 4.91 -7.48
CA GLY A 85 -8.93 6.11 -8.03
C GLY A 85 -9.25 7.21 -6.99
N LYS A 86 -8.89 7.00 -5.71
CA LYS A 86 -9.12 8.02 -4.64
C LYS A 86 -7.95 9.03 -4.55
N GLU A 87 -8.18 10.20 -3.93
CA GLU A 87 -7.12 11.24 -3.79
C GLU A 87 -6.45 11.19 -2.40
N PHE A 88 -5.13 10.95 -2.37
CA PHE A 88 -4.35 10.90 -1.12
C PHE A 88 -3.94 12.33 -0.68
N SER A 89 -2.90 12.89 -1.33
CA SER A 89 -2.44 14.29 -1.10
C SER A 89 -2.58 15.11 -2.39
N GLY A 90 -3.83 15.48 -2.71
CA GLY A 90 -4.15 16.33 -3.88
C GLY A 90 -4.07 15.61 -5.24
N ASN A 91 -3.74 14.31 -5.24
CA ASN A 91 -3.53 13.51 -6.47
C ASN A 91 -4.28 12.16 -6.40
N PRO A 92 -4.95 11.71 -7.51
CA PRO A 92 -5.59 10.36 -7.59
C PRO A 92 -4.53 9.22 -7.57
N ILE A 93 -4.85 8.13 -6.85
CA ILE A 93 -3.89 7.03 -6.58
C ILE A 93 -4.28 5.75 -7.34
N LYS A 94 -3.27 4.92 -7.64
CA LYS A 94 -3.46 3.61 -8.30
C LYS A 94 -2.98 2.49 -7.39
N VAL A 95 -3.90 1.63 -6.93
CA VAL A 95 -3.59 0.56 -5.96
C VAL A 95 -3.65 -0.82 -6.66
N SER A 96 -2.62 -1.65 -6.40
CA SER A 96 -2.50 -3.02 -6.94
C SER A 96 -1.82 -3.93 -5.90
N PHE A 97 -1.60 -5.21 -6.22
CA PHE A 97 -0.84 -6.14 -5.34
C PHE A 97 0.68 -5.88 -5.44
N ALA A 98 1.38 -5.83 -4.28
CA ALA A 98 2.83 -5.64 -4.23
C ALA A 98 3.58 -6.99 -4.30
N THR A 99 3.82 -7.46 -5.54
CA THR A 99 4.50 -8.75 -5.83
C THR A 99 4.98 -8.80 -7.31
N MET A 1 9.62 -25.35 7.36
CA MET A 1 10.13 -26.02 6.12
C MET A 1 10.24 -25.02 4.94
N GLY A 2 10.48 -23.72 5.27
CA GLY A 2 10.58 -22.66 4.25
C GLY A 2 9.22 -22.09 3.82
N HIS A 3 9.17 -21.49 2.62
CA HIS A 3 7.94 -20.93 2.03
C HIS A 3 7.25 -21.98 1.10
N HIS A 4 5.90 -22.04 1.13
CA HIS A 4 5.10 -22.97 0.26
C HIS A 4 5.34 -22.67 -1.25
N HIS A 5 5.88 -23.68 -1.98
CA HIS A 5 6.33 -23.56 -3.39
C HIS A 5 5.22 -23.02 -4.33
N HIS A 6 4.15 -23.81 -4.55
CA HIS A 6 3.02 -23.37 -5.39
C HIS A 6 2.04 -22.48 -4.57
N HIS A 7 1.80 -21.26 -5.05
CA HIS A 7 0.91 -20.28 -4.40
C HIS A 7 0.23 -19.38 -5.45
N HIS A 8 -1.10 -19.23 -5.35
CA HIS A 8 -1.90 -18.35 -6.22
C HIS A 8 -2.12 -16.98 -5.53
N SER A 9 -1.16 -16.58 -4.67
CA SER A 9 -1.29 -15.41 -3.78
C SER A 9 -1.24 -14.06 -4.55
N HIS A 10 -2.40 -13.66 -5.08
CA HIS A 10 -2.63 -12.31 -5.61
C HIS A 10 -3.56 -11.57 -4.64
N SER A 11 -4.84 -12.00 -4.55
CA SER A 11 -5.77 -11.54 -3.47
C SER A 11 -5.30 -12.02 -2.09
N ASP A 12 -4.61 -13.19 -2.07
CA ASP A 12 -4.01 -13.77 -0.85
C ASP A 12 -2.64 -13.12 -0.48
N ASN A 13 -2.20 -12.12 -1.26
CA ASN A 13 -1.06 -11.27 -0.89
C ASN A 13 -1.51 -10.18 0.12
N ASN A 14 -0.71 -9.97 1.19
CA ASN A 14 -1.05 -9.02 2.28
C ASN A 14 -0.49 -7.60 2.04
N THR A 15 0.62 -7.50 1.27
CA THR A 15 1.26 -6.21 0.96
C THR A 15 0.74 -5.65 -0.38
N ILE A 16 0.37 -4.36 -0.41
CA ILE A 16 -0.17 -3.69 -1.63
C ILE A 16 0.81 -2.59 -2.14
N PHE A 17 0.87 -2.37 -3.47
CA PHE A 17 1.75 -1.34 -4.09
C PHE A 17 0.90 -0.16 -4.63
N VAL A 18 1.10 1.04 -4.05
CA VAL A 18 0.32 2.25 -4.37
C VAL A 18 1.19 3.31 -5.10
N GLN A 19 0.60 4.04 -6.07
CA GLN A 19 1.30 5.12 -6.83
C GLN A 19 0.45 6.43 -6.87
N GLY A 20 1.13 7.59 -7.04
CA GLY A 20 0.47 8.91 -7.13
C GLY A 20 0.21 9.59 -5.78
N LEU A 21 1.01 9.22 -4.76
CA LEU A 21 0.84 9.69 -3.37
C LEU A 21 1.43 11.10 -3.11
N GLY A 22 2.30 11.57 -4.04
CA GLY A 22 2.95 12.89 -3.90
C GLY A 22 4.38 12.81 -3.36
N GLU A 23 5.17 13.86 -3.61
CA GLU A 23 6.60 13.94 -3.19
C GLU A 23 6.76 14.35 -1.70
N ASN A 24 5.64 14.67 -1.03
CA ASN A 24 5.61 15.07 0.40
C ASN A 24 4.90 13.97 1.27
N VAL A 25 4.79 12.73 0.74
CA VAL A 25 4.08 11.62 1.43
C VAL A 25 4.87 11.08 2.67
N THR A 26 4.14 10.66 3.74
CA THR A 26 4.76 10.05 4.95
C THR A 26 4.14 8.66 5.24
N ILE A 27 4.93 7.79 5.93
CA ILE A 27 4.46 6.46 6.42
C ILE A 27 3.19 6.61 7.30
N GLU A 28 3.17 7.67 8.13
CA GLU A 28 2.04 7.99 9.03
C GLU A 28 0.78 8.40 8.24
N SER A 29 0.96 9.15 7.13
CA SER A 29 -0.17 9.59 6.27
C SER A 29 -0.75 8.41 5.47
N VAL A 30 0.11 7.52 4.95
CA VAL A 30 -0.33 6.29 4.24
C VAL A 30 -1.05 5.34 5.23
N ALA A 31 -0.48 5.21 6.43
CA ALA A 31 -1.04 4.37 7.52
C ALA A 31 -2.41 4.89 7.98
N ASP A 32 -2.51 6.22 8.18
CA ASP A 32 -3.75 6.88 8.64
C ASP A 32 -4.87 6.75 7.57
N TYR A 33 -4.45 6.76 6.31
CA TYR A 33 -5.35 6.64 5.14
C TYR A 33 -5.92 5.20 5.03
N PHE A 34 -5.03 4.20 4.98
CA PHE A 34 -5.40 2.78 4.72
C PHE A 34 -5.91 2.01 5.99
N LYS A 35 -5.61 2.51 7.21
CA LYS A 35 -6.01 1.81 8.49
C LYS A 35 -7.54 1.63 8.66
N GLN A 36 -8.32 2.54 8.04
CA GLN A 36 -9.82 2.50 8.09
C GLN A 36 -10.40 1.20 7.48
N ILE A 37 -9.63 0.56 6.58
CA ILE A 37 -10.02 -0.68 5.90
C ILE A 37 -9.72 -1.92 6.78
N GLY A 38 -8.47 -1.98 7.27
CA GLY A 38 -7.99 -3.17 7.99
C GLY A 38 -6.76 -2.90 8.83
N ILE A 39 -6.42 -3.88 9.69
CA ILE A 39 -5.25 -3.80 10.59
C ILE A 39 -3.94 -3.91 9.79
N ILE A 40 -3.18 -2.81 9.71
CA ILE A 40 -1.88 -2.78 9.02
C ILE A 40 -0.81 -3.36 9.98
N LYS A 41 0.02 -4.28 9.47
CA LYS A 41 1.15 -4.88 10.24
C LYS A 41 2.04 -3.79 10.85
N THR A 42 2.22 -3.85 12.15
CA THR A 42 2.98 -2.83 12.91
C THR A 42 4.26 -3.45 13.48
N ASN A 43 5.41 -2.88 13.07
CA ASN A 43 6.71 -3.17 13.68
C ASN A 43 6.66 -2.76 15.18
N LYS A 44 6.65 -3.77 16.07
CA LYS A 44 6.59 -3.56 17.54
C LYS A 44 7.91 -3.01 18.11
N LYS A 45 9.05 -3.33 17.43
CA LYS A 45 10.40 -2.89 17.84
C LYS A 45 10.52 -1.34 17.81
N THR A 46 10.12 -0.74 16.68
CA THR A 46 10.12 0.73 16.49
C THR A 46 8.83 1.38 17.02
N GLY A 47 7.69 0.69 16.78
CA GLY A 47 6.35 1.22 17.12
C GLY A 47 5.59 1.76 15.89
N GLN A 48 6.22 1.66 14.70
CA GLN A 48 5.68 2.18 13.42
C GLN A 48 5.14 1.05 12.50
N PRO A 49 4.11 1.34 11.63
CA PRO A 49 3.57 0.35 10.66
C PRO A 49 4.55 0.05 9.49
N MET A 50 4.39 -1.15 8.89
CA MET A 50 5.28 -1.63 7.82
C MET A 50 4.82 -1.06 6.46
N ILE A 51 5.45 0.06 6.07
CA ILE A 51 5.16 0.78 4.80
C ILE A 51 6.48 1.32 4.23
N ASN A 52 6.80 0.98 2.97
CA ASN A 52 8.05 1.41 2.30
C ASN A 52 7.75 2.50 1.25
N LEU A 53 8.17 3.75 1.54
CA LEU A 53 8.05 4.89 0.61
C LEU A 53 9.23 4.89 -0.37
N TYR A 54 8.94 4.89 -1.67
CA TYR A 54 9.97 4.90 -2.73
C TYR A 54 10.46 6.35 -3.00
N THR A 55 11.79 6.55 -2.92
CA THR A 55 12.45 7.84 -3.20
C THR A 55 13.30 7.73 -4.48
N ASP A 56 13.31 8.80 -5.29
CA ASP A 56 14.12 8.86 -6.52
C ASP A 56 15.61 9.11 -6.17
N ARG A 57 16.49 8.27 -6.74
CA ARG A 57 17.94 8.28 -6.47
C ARG A 57 18.64 9.53 -7.08
N GLU A 58 18.08 10.09 -8.17
CA GLU A 58 18.69 11.23 -8.91
C GLU A 58 18.31 12.60 -8.29
N THR A 59 16.99 12.82 -8.07
CA THR A 59 16.45 14.09 -7.55
C THR A 59 16.53 14.18 -6.01
N GLY A 60 16.45 13.01 -5.35
CA GLY A 60 16.41 12.94 -3.87
C GLY A 60 15.03 13.22 -3.27
N LYS A 61 13.99 13.28 -4.13
CA LYS A 61 12.59 13.47 -3.68
C LYS A 61 11.76 12.19 -3.89
N LEU A 62 10.69 12.04 -3.09
CA LEU A 62 9.81 10.85 -3.13
C LEU A 62 9.10 10.71 -4.51
N LYS A 63 9.06 9.47 -5.02
CA LYS A 63 8.38 9.11 -6.28
C LYS A 63 6.83 9.12 -6.12
N GLY A 64 6.36 9.17 -4.86
CA GLY A 64 4.93 9.10 -4.54
C GLY A 64 4.40 7.69 -4.65
N GLU A 65 5.19 6.73 -4.14
CA GLU A 65 4.85 5.30 -4.16
C GLU A 65 5.07 4.69 -2.76
N ALA A 66 4.26 3.67 -2.38
CA ALA A 66 4.38 3.00 -1.07
C ALA A 66 3.88 1.55 -1.11
N THR A 67 4.60 0.66 -0.44
CA THR A 67 4.12 -0.72 -0.20
C THR A 67 3.57 -0.86 1.24
N VAL A 68 2.29 -1.20 1.37
CA VAL A 68 1.58 -1.25 2.68
C VAL A 68 1.29 -2.72 3.08
N SER A 69 2.01 -3.22 4.09
CA SER A 69 1.80 -4.61 4.60
C SER A 69 0.60 -4.67 5.58
N PHE A 70 -0.53 -5.22 5.11
CA PHE A 70 -1.70 -5.54 5.99
C PHE A 70 -1.49 -6.88 6.70
N ASP A 71 -2.18 -7.07 7.82
CA ASP A 71 -2.14 -8.32 8.60
C ASP A 71 -2.98 -9.41 7.88
N ASP A 72 -4.11 -8.98 7.28
CA ASP A 72 -5.04 -9.86 6.56
C ASP A 72 -5.01 -9.52 5.04
N PRO A 73 -4.68 -10.51 4.14
CA PRO A 73 -4.87 -10.36 2.68
C PRO A 73 -6.31 -9.93 2.19
N PRO A 74 -7.48 -10.35 2.82
CA PRO A 74 -8.83 -9.79 2.44
C PRO A 74 -8.95 -8.26 2.69
N SER A 75 -8.22 -7.74 3.71
CA SER A 75 -8.18 -6.29 4.01
C SER A 75 -7.30 -5.55 2.97
N ALA A 76 -6.23 -6.24 2.53
CA ALA A 76 -5.32 -5.74 1.49
C ALA A 76 -6.07 -5.52 0.14
N LYS A 77 -6.83 -6.54 -0.30
CA LYS A 77 -7.64 -6.49 -1.54
C LYS A 77 -8.74 -5.42 -1.43
N ALA A 78 -9.36 -5.33 -0.25
CA ALA A 78 -10.43 -4.35 0.02
C ALA A 78 -9.92 -2.90 -0.08
N ALA A 79 -8.70 -2.65 0.46
CA ALA A 79 -8.02 -1.34 0.41
C ALA A 79 -7.72 -0.90 -1.04
N ILE A 80 -7.43 -1.88 -1.90
CA ILE A 80 -7.22 -1.66 -3.35
C ILE A 80 -8.52 -1.24 -4.02
N ASP A 81 -9.55 -2.09 -3.88
CA ASP A 81 -10.88 -1.88 -4.48
C ASP A 81 -11.52 -0.54 -4.01
N TRP A 82 -11.19 -0.12 -2.77
CA TRP A 82 -11.70 1.12 -2.15
C TRP A 82 -10.92 2.37 -2.65
N PHE A 83 -9.59 2.38 -2.43
CA PHE A 83 -8.75 3.59 -2.66
C PHE A 83 -8.27 3.77 -4.11
N ASP A 84 -8.45 2.75 -4.98
CA ASP A 84 -8.09 2.88 -6.41
C ASP A 84 -9.02 3.90 -7.11
N GLY A 85 -8.40 4.96 -7.64
CA GLY A 85 -9.11 6.09 -8.26
C GLY A 85 -9.53 7.20 -7.28
N LYS A 86 -9.18 7.05 -5.98
CA LYS A 86 -9.45 8.07 -4.94
C LYS A 86 -8.29 9.09 -4.85
N GLU A 87 -8.46 10.15 -4.05
CA GLU A 87 -7.43 11.22 -3.89
C GLU A 87 -6.75 11.15 -2.52
N PHE A 88 -5.41 11.01 -2.51
CA PHE A 88 -4.58 11.00 -1.28
C PHE A 88 -4.07 12.43 -0.98
N SER A 89 -3.19 12.95 -1.84
CA SER A 89 -2.58 14.30 -1.70
C SER A 89 -3.08 15.22 -2.83
N GLY A 90 -4.42 15.25 -3.02
CA GLY A 90 -5.06 15.97 -4.13
C GLY A 90 -4.82 15.32 -5.51
N ASN A 91 -4.35 14.06 -5.50
CA ASN A 91 -3.97 13.30 -6.71
C ASN A 91 -4.77 11.98 -6.79
N PRO A 92 -5.42 11.66 -7.97
CA PRO A 92 -6.09 10.34 -8.18
C PRO A 92 -5.09 9.16 -8.20
N ILE A 93 -4.90 8.54 -7.01
CA ILE A 93 -3.96 7.42 -6.80
C ILE A 93 -4.44 6.12 -7.46
N LYS A 94 -3.48 5.25 -7.76
CA LYS A 94 -3.71 3.90 -8.32
C LYS A 94 -3.17 2.87 -7.34
N VAL A 95 -4.02 1.97 -6.86
CA VAL A 95 -3.62 0.94 -5.87
C VAL A 95 -3.57 -0.45 -6.54
N SER A 96 -2.48 -1.18 -6.28
CA SER A 96 -2.20 -2.54 -6.82
C SER A 96 -1.74 -3.45 -5.66
N PHE A 97 -1.40 -4.72 -5.95
CA PHE A 97 -0.67 -5.59 -4.99
C PHE A 97 0.85 -5.47 -5.18
N ALA A 98 1.61 -5.68 -4.09
CA ALA A 98 3.08 -5.74 -4.13
C ALA A 98 3.53 -7.22 -4.12
N THR A 99 3.53 -7.83 -5.31
CA THR A 99 3.77 -9.29 -5.48
C THR A 99 4.74 -9.60 -6.67
N MET A 1 -8.33 -26.62 26.12
CA MET A 1 -8.26 -25.28 25.48
C MET A 1 -6.85 -24.64 25.68
N GLY A 2 -6.70 -23.36 25.28
CA GLY A 2 -5.48 -22.58 25.53
C GLY A 2 -4.41 -22.72 24.43
N HIS A 3 -3.85 -23.94 24.29
CA HIS A 3 -2.74 -24.23 23.35
C HIS A 3 -3.19 -24.16 21.86
N HIS A 4 -3.10 -22.97 21.25
CA HIS A 4 -3.34 -22.75 19.81
C HIS A 4 -2.62 -21.46 19.35
N HIS A 5 -1.48 -21.64 18.64
CA HIS A 5 -0.64 -20.53 18.13
C HIS A 5 -1.41 -19.71 17.07
N HIS A 6 -1.52 -18.38 17.26
CA HIS A 6 -2.28 -17.50 16.35
C HIS A 6 -1.51 -17.26 15.02
N HIS A 7 -1.60 -18.23 14.08
CA HIS A 7 -1.00 -18.16 12.73
C HIS A 7 -1.83 -19.02 11.74
N HIS A 8 -2.20 -18.43 10.59
CA HIS A 8 -2.99 -19.11 9.55
C HIS A 8 -2.04 -19.67 8.46
N SER A 9 -2.09 -21.01 8.25
CA SER A 9 -1.13 -21.76 7.40
C SER A 9 -0.98 -21.16 5.99
N HIS A 10 -2.11 -20.84 5.34
CA HIS A 10 -2.13 -20.15 4.03
C HIS A 10 -2.47 -18.66 4.23
N SER A 11 -1.49 -17.78 3.99
CA SER A 11 -1.69 -16.32 3.98
C SER A 11 -1.14 -15.73 2.66
N ASP A 12 -2.06 -15.28 1.78
CA ASP A 12 -1.71 -14.68 0.47
C ASP A 12 -1.12 -13.24 0.67
N ASN A 13 -0.61 -12.62 -0.42
CA ASN A 13 0.06 -11.30 -0.40
C ASN A 13 -0.80 -10.21 0.32
N ASN A 14 -0.37 -9.83 1.54
CA ASN A 14 -1.06 -8.84 2.38
C ASN A 14 -0.40 -7.45 2.30
N THR A 15 0.58 -7.31 1.38
CA THR A 15 1.26 -6.02 1.10
C THR A 15 0.84 -5.48 -0.29
N ILE A 16 0.36 -4.24 -0.31
CA ILE A 16 -0.10 -3.56 -1.56
C ILE A 16 0.93 -2.51 -2.02
N PHE A 17 0.89 -2.15 -3.31
CA PHE A 17 1.76 -1.10 -3.89
C PHE A 17 0.89 0.07 -4.42
N VAL A 18 1.04 1.24 -3.79
CA VAL A 18 0.30 2.47 -4.13
C VAL A 18 1.21 3.46 -4.90
N GLN A 19 0.63 4.21 -5.86
CA GLN A 19 1.32 5.23 -6.66
C GLN A 19 0.59 6.59 -6.56
N GLY A 20 1.30 7.70 -6.83
CA GLY A 20 0.68 9.04 -6.91
C GLY A 20 0.13 9.59 -5.58
N LEU A 21 0.89 9.39 -4.50
CA LEU A 21 0.52 9.83 -3.12
C LEU A 21 0.86 11.32 -2.89
N GLY A 22 1.93 11.79 -3.53
CA GLY A 22 2.51 13.12 -3.27
C GLY A 22 3.95 13.04 -2.76
N GLU A 23 4.69 14.16 -2.86
CA GLU A 23 6.07 14.29 -2.31
C GLU A 23 6.07 14.76 -0.83
N ASN A 24 4.87 15.11 -0.31
CA ASN A 24 4.67 15.44 1.13
C ASN A 24 4.20 14.20 1.94
N VAL A 25 4.33 12.98 1.35
CA VAL A 25 3.76 11.73 1.89
C VAL A 25 4.58 11.19 3.11
N THR A 26 3.88 10.72 4.16
CA THR A 26 4.52 10.09 5.36
C THR A 26 3.85 8.74 5.71
N ILE A 27 4.65 7.82 6.28
CA ILE A 27 4.24 6.44 6.65
C ILE A 27 2.96 6.41 7.54
N GLU A 28 2.92 7.24 8.60
CA GLU A 28 1.78 7.29 9.56
C GLU A 28 0.49 7.84 8.88
N SER A 29 0.66 8.75 7.90
CA SER A 29 -0.47 9.35 7.15
C SER A 29 -1.08 8.36 6.13
N VAL A 30 -0.22 7.56 5.47
CA VAL A 30 -0.67 6.47 4.57
C VAL A 30 -1.43 5.40 5.38
N ALA A 31 -0.87 5.07 6.56
CA ALA A 31 -1.48 4.15 7.53
C ALA A 31 -2.84 4.67 8.02
N ASP A 32 -2.92 5.99 8.28
CA ASP A 32 -4.16 6.67 8.73
C ASP A 32 -5.26 6.62 7.64
N TYR A 33 -4.86 6.69 6.36
CA TYR A 33 -5.80 6.67 5.22
C TYR A 33 -6.37 5.25 4.99
N PHE A 34 -5.46 4.26 4.86
CA PHE A 34 -5.83 2.87 4.48
C PHE A 34 -6.42 2.03 5.65
N LYS A 35 -6.24 2.49 6.91
CA LYS A 35 -6.70 1.72 8.11
C LYS A 35 -8.25 1.59 8.23
N GLN A 36 -9.00 2.46 7.51
CA GLN A 36 -10.49 2.39 7.45
C GLN A 36 -10.99 1.03 6.90
N ILE A 37 -10.19 0.43 6.01
CA ILE A 37 -10.50 -0.84 5.34
C ILE A 37 -10.20 -2.04 6.27
N GLY A 38 -9.01 -2.02 6.86
CA GLY A 38 -8.55 -3.10 7.73
C GLY A 38 -7.35 -2.71 8.57
N ILE A 39 -6.96 -3.61 9.49
CA ILE A 39 -5.78 -3.42 10.34
C ILE A 39 -4.49 -3.50 9.52
N ILE A 40 -3.64 -2.47 9.67
CA ILE A 40 -2.29 -2.42 9.05
C ILE A 40 -1.25 -2.87 10.09
N LYS A 41 -0.31 -3.73 9.68
CA LYS A 41 0.80 -4.24 10.54
C LYS A 41 1.72 -3.09 11.00
N THR A 42 2.39 -3.33 12.14
CA THR A 42 3.28 -2.35 12.78
C THR A 42 4.57 -3.03 13.27
N ASN A 43 5.70 -2.51 12.77
CA ASN A 43 7.07 -2.90 13.20
C ASN A 43 7.23 -2.57 14.71
N LYS A 44 7.41 -3.61 15.54
CA LYS A 44 7.51 -3.49 17.02
C LYS A 44 8.90 -2.98 17.48
N LYS A 45 9.88 -2.96 16.56
CA LYS A 45 11.24 -2.42 16.85
C LYS A 45 11.26 -0.87 16.69
N THR A 46 10.77 -0.40 15.52
CA THR A 46 10.72 1.05 15.20
C THR A 46 9.50 1.74 15.87
N GLY A 47 8.41 0.98 16.03
CA GLY A 47 7.14 1.49 16.57
C GLY A 47 6.23 2.08 15.49
N GLN A 48 6.67 1.98 14.22
CA GLN A 48 5.98 2.54 13.04
C GLN A 48 5.26 1.45 12.23
N PRO A 49 4.11 1.78 11.54
CA PRO A 49 3.42 0.82 10.65
C PRO A 49 4.30 0.40 9.45
N MET A 50 4.14 -0.85 9.00
CA MET A 50 5.00 -1.42 7.94
C MET A 50 4.57 -0.84 6.59
N ILE A 51 5.25 0.24 6.20
CA ILE A 51 5.04 0.97 4.93
C ILE A 51 6.39 1.48 4.42
N ASN A 52 6.72 1.17 3.15
CA ASN A 52 7.99 1.58 2.54
C ASN A 52 7.74 2.69 1.51
N LEU A 53 8.19 3.93 1.83
CA LEU A 53 8.12 5.09 0.92
C LEU A 53 9.31 5.04 -0.07
N TYR A 54 9.02 4.85 -1.36
CA TYR A 54 10.05 4.83 -2.42
C TYR A 54 10.56 6.25 -2.73
N THR A 55 11.87 6.44 -2.55
CA THR A 55 12.58 7.67 -2.96
C THR A 55 13.30 7.41 -4.30
N ASP A 56 13.27 8.41 -5.18
CA ASP A 56 13.83 8.32 -6.54
C ASP A 56 15.38 8.22 -6.50
N ARG A 57 15.92 7.16 -7.11
CA ARG A 57 17.37 6.86 -7.10
C ARG A 57 18.22 7.94 -7.84
N GLU A 58 17.59 8.67 -8.78
CA GLU A 58 18.28 9.71 -9.60
C GLU A 58 18.10 11.12 -8.98
N THR A 59 16.84 11.52 -8.72
CA THR A 59 16.50 12.91 -8.26
C THR A 59 16.65 13.08 -6.73
N GLY A 60 16.58 11.96 -5.99
CA GLY A 60 16.60 11.98 -4.51
C GLY A 60 15.30 12.49 -3.86
N LYS A 61 14.26 12.69 -4.69
CA LYS A 61 12.92 13.16 -4.22
C LYS A 61 11.97 11.97 -3.97
N LEU A 62 11.02 12.12 -3.02
CA LEU A 62 9.94 11.10 -2.81
C LEU A 62 9.12 10.91 -4.10
N LYS A 63 9.03 9.65 -4.55
CA LYS A 63 8.33 9.29 -5.81
C LYS A 63 6.79 9.42 -5.67
N GLY A 64 6.29 9.36 -4.42
CA GLY A 64 4.86 9.24 -4.17
C GLY A 64 4.34 7.82 -4.36
N GLU A 65 5.27 6.85 -4.26
CA GLU A 65 4.97 5.41 -4.32
C GLU A 65 5.31 4.78 -2.97
N ALA A 66 4.49 3.81 -2.52
CA ALA A 66 4.68 3.14 -1.21
C ALA A 66 4.16 1.70 -1.21
N THR A 67 4.64 0.87 -0.27
CA THR A 67 4.07 -0.48 -0.01
C THR A 67 3.43 -0.55 1.39
N VAL A 68 2.12 -0.87 1.46
CA VAL A 68 1.36 -0.91 2.74
C VAL A 68 1.05 -2.37 3.14
N SER A 69 1.68 -2.86 4.23
CA SER A 69 1.48 -4.23 4.75
C SER A 69 0.31 -4.29 5.75
N PHE A 70 -0.82 -4.85 5.30
CA PHE A 70 -1.98 -5.15 6.17
C PHE A 70 -1.76 -6.48 6.93
N ASP A 71 -2.54 -6.67 8.00
CA ASP A 71 -2.50 -7.88 8.83
C ASP A 71 -3.19 -9.07 8.09
N ASP A 72 -4.23 -8.75 7.29
CA ASP A 72 -5.00 -9.76 6.51
C ASP A 72 -4.81 -9.56 4.98
N PRO A 73 -4.53 -10.64 4.19
CA PRO A 73 -4.63 -10.61 2.70
C PRO A 73 -5.99 -10.05 2.13
N PRO A 74 -7.23 -10.41 2.65
CA PRO A 74 -8.50 -9.80 2.17
C PRO A 74 -8.59 -8.27 2.45
N SER A 75 -7.91 -7.78 3.51
CA SER A 75 -7.86 -6.32 3.86
C SER A 75 -7.00 -5.58 2.80
N ALA A 76 -5.92 -6.26 2.36
CA ALA A 76 -5.02 -5.78 1.30
C ALA A 76 -5.80 -5.58 -0.01
N LYS A 77 -6.49 -6.65 -0.47
CA LYS A 77 -7.28 -6.66 -1.73
C LYS A 77 -8.39 -5.58 -1.71
N ALA A 78 -9.10 -5.51 -0.57
CA ALA A 78 -10.21 -4.55 -0.38
C ALA A 78 -9.72 -3.10 -0.48
N ALA A 79 -8.55 -2.81 0.15
CA ALA A 79 -7.91 -1.48 0.09
C ALA A 79 -7.51 -1.10 -1.37
N ILE A 80 -7.15 -2.11 -2.17
CA ILE A 80 -6.84 -1.90 -3.61
C ILE A 80 -8.10 -1.46 -4.38
N ASP A 81 -9.13 -2.32 -4.40
CA ASP A 81 -10.39 -2.05 -5.12
C ASP A 81 -11.12 -0.79 -4.59
N TRP A 82 -10.86 -0.42 -3.32
CA TRP A 82 -11.42 0.80 -2.71
C TRP A 82 -10.64 2.06 -3.16
N PHE A 83 -9.32 2.08 -2.89
CA PHE A 83 -8.47 3.29 -3.05
C PHE A 83 -7.89 3.47 -4.46
N ASP A 84 -8.01 2.48 -5.35
CA ASP A 84 -7.55 2.61 -6.76
C ASP A 84 -8.41 3.66 -7.51
N GLY A 85 -7.82 4.84 -7.77
CA GLY A 85 -8.53 6.00 -8.35
C GLY A 85 -8.96 7.07 -7.31
N LYS A 86 -8.71 6.82 -6.01
CA LYS A 86 -9.05 7.76 -4.90
C LYS A 86 -8.00 8.88 -4.75
N GLU A 87 -8.26 9.83 -3.83
CA GLU A 87 -7.36 11.00 -3.61
C GLU A 87 -6.77 10.98 -2.18
N PHE A 88 -5.43 10.84 -2.08
CA PHE A 88 -4.70 10.83 -0.79
C PHE A 88 -4.44 12.27 -0.29
N SER A 89 -3.44 12.95 -0.91
CA SER A 89 -3.06 14.34 -0.53
C SER A 89 -3.71 15.35 -1.52
N GLY A 90 -4.96 15.06 -1.93
CA GLY A 90 -5.58 15.70 -3.10
C GLY A 90 -5.04 15.14 -4.43
N ASN A 91 -4.31 14.01 -4.33
CA ASN A 91 -3.61 13.36 -5.46
C ASN A 91 -4.30 12.02 -5.82
N PRO A 92 -4.78 11.85 -7.09
CA PRO A 92 -5.44 10.59 -7.55
C PRO A 92 -4.46 9.38 -7.58
N ILE A 93 -4.47 8.60 -6.50
CA ILE A 93 -3.59 7.42 -6.32
C ILE A 93 -4.02 6.20 -7.17
N LYS A 94 -3.03 5.35 -7.50
CA LYS A 94 -3.25 4.07 -8.20
C LYS A 94 -2.75 2.92 -7.30
N VAL A 95 -3.66 2.06 -6.84
CA VAL A 95 -3.31 0.96 -5.90
C VAL A 95 -3.39 -0.40 -6.62
N SER A 96 -2.39 -1.25 -6.35
CA SER A 96 -2.29 -2.65 -6.85
C SER A 96 -1.69 -3.54 -5.74
N PHE A 97 -1.41 -4.82 -6.04
CA PHE A 97 -0.63 -5.71 -5.13
C PHE A 97 0.89 -5.43 -5.28
N ALA A 98 1.64 -5.56 -4.17
CA ALA A 98 3.12 -5.48 -4.20
C ALA A 98 3.71 -6.88 -4.52
N THR A 99 4.25 -7.03 -5.75
CA THR A 99 4.80 -8.32 -6.23
C THR A 99 6.18 -8.66 -5.58
N MET A 1 -25.82 -26.09 -10.15
CA MET A 1 -25.23 -25.79 -11.48
C MET A 1 -23.72 -25.48 -11.34
N GLY A 2 -23.10 -24.95 -12.42
CA GLY A 2 -21.68 -24.55 -12.44
C GLY A 2 -21.33 -23.52 -11.35
N HIS A 3 -20.41 -23.91 -10.44
CA HIS A 3 -19.97 -23.06 -9.32
C HIS A 3 -18.97 -21.99 -9.82
N HIS A 4 -19.46 -20.75 -9.99
CA HIS A 4 -18.70 -19.65 -10.61
C HIS A 4 -18.22 -18.62 -9.54
N HIS A 5 -16.98 -18.85 -9.07
CA HIS A 5 -16.23 -17.92 -8.20
C HIS A 5 -14.74 -18.34 -8.20
N HIS A 6 -13.83 -17.47 -8.69
CA HIS A 6 -12.39 -17.80 -8.80
C HIS A 6 -11.69 -17.83 -7.42
N HIS A 7 -11.22 -16.64 -6.94
CA HIS A 7 -10.45 -16.49 -5.67
C HIS A 7 -9.17 -17.40 -5.66
N HIS A 8 -8.62 -17.64 -6.88
CA HIS A 8 -7.46 -18.51 -7.09
C HIS A 8 -6.15 -17.69 -7.10
N SER A 9 -5.40 -17.74 -6.00
CA SER A 9 -4.08 -17.09 -5.88
C SER A 9 -3.21 -17.82 -4.84
N HIS A 10 -2.09 -18.40 -5.31
CA HIS A 10 -1.09 -19.08 -4.46
C HIS A 10 -0.38 -18.07 -3.52
N SER A 11 0.00 -16.92 -4.10
CA SER A 11 0.50 -15.74 -3.35
C SER A 11 -0.62 -14.70 -3.22
N ASP A 12 -1.51 -14.89 -2.23
CA ASP A 12 -2.57 -13.93 -1.87
C ASP A 12 -1.96 -12.84 -0.93
N ASN A 13 -1.45 -11.75 -1.53
CA ASN A 13 -0.63 -10.73 -0.86
C ASN A 13 -1.41 -9.91 0.20
N ASN A 14 -0.76 -9.68 1.36
CA ASN A 14 -1.26 -8.78 2.42
C ASN A 14 -0.61 -7.37 2.31
N THR A 15 0.52 -7.29 1.57
CA THR A 15 1.17 -5.99 1.26
C THR A 15 0.75 -5.51 -0.15
N ILE A 16 0.25 -4.28 -0.23
CA ILE A 16 -0.22 -3.66 -1.50
C ILE A 16 0.78 -2.60 -2.00
N PHE A 17 0.81 -2.35 -3.31
CA PHE A 17 1.64 -1.29 -3.92
C PHE A 17 0.74 -0.14 -4.42
N VAL A 18 1.03 1.08 -3.95
CA VAL A 18 0.24 2.30 -4.23
C VAL A 18 1.12 3.37 -4.93
N GLN A 19 0.55 4.09 -5.90
CA GLN A 19 1.23 5.18 -6.63
C GLN A 19 0.38 6.47 -6.61
N GLY A 20 1.01 7.63 -6.85
CA GLY A 20 0.32 8.94 -6.93
C GLY A 20 0.00 9.57 -5.57
N LEU A 21 0.88 9.32 -4.59
CA LEU A 21 0.71 9.80 -3.19
C LEU A 21 1.25 11.23 -2.98
N GLY A 22 2.26 11.61 -3.79
CA GLY A 22 2.96 12.91 -3.64
C GLY A 22 4.41 12.77 -3.13
N GLU A 23 5.24 13.82 -3.32
CA GLU A 23 6.69 13.80 -2.98
C GLU A 23 6.98 14.13 -1.48
N ASN A 24 5.93 14.44 -0.71
CA ASN A 24 6.05 14.70 0.76
C ASN A 24 5.19 13.73 1.60
N VAL A 25 4.85 12.56 1.01
CA VAL A 25 4.03 11.52 1.69
C VAL A 25 4.81 10.85 2.86
N THR A 26 4.12 10.52 3.97
CA THR A 26 4.77 9.90 5.17
C THR A 26 4.10 8.56 5.51
N ILE A 27 4.88 7.66 6.16
CA ILE A 27 4.41 6.35 6.66
C ILE A 27 3.15 6.51 7.57
N GLU A 28 3.16 7.57 8.41
CA GLU A 28 2.04 7.91 9.32
C GLU A 28 0.77 8.29 8.51
N SER A 29 0.95 9.11 7.45
CA SER A 29 -0.17 9.60 6.61
C SER A 29 -0.80 8.47 5.77
N VAL A 30 0.05 7.57 5.21
CA VAL A 30 -0.41 6.38 4.46
C VAL A 30 -1.17 5.42 5.39
N ALA A 31 -0.61 5.22 6.60
CA ALA A 31 -1.23 4.39 7.65
C ALA A 31 -2.63 4.91 8.04
N ASP A 32 -2.75 6.23 8.24
CA ASP A 32 -4.00 6.89 8.66
C ASP A 32 -5.09 6.81 7.55
N TYR A 33 -4.63 6.80 6.29
CA TYR A 33 -5.50 6.69 5.11
C TYR A 33 -6.08 5.26 4.96
N PHE A 34 -5.19 4.25 4.92
CA PHE A 34 -5.57 2.84 4.62
C PHE A 34 -6.14 2.05 5.84
N LYS A 35 -5.88 2.53 7.07
CA LYS A 35 -6.33 1.85 8.33
C LYS A 35 -7.87 1.65 8.41
N GLN A 36 -8.64 2.57 7.80
CA GLN A 36 -10.13 2.57 7.82
C GLN A 36 -10.73 1.28 7.20
N ILE A 37 -9.98 0.67 6.26
CA ILE A 37 -10.36 -0.59 5.60
C ILE A 37 -10.11 -1.80 6.51
N GLY A 38 -8.91 -1.84 7.09
CA GLY A 38 -8.48 -2.99 7.90
C GLY A 38 -7.22 -2.72 8.70
N ILE A 39 -6.86 -3.69 9.55
CA ILE A 39 -5.66 -3.62 10.40
C ILE A 39 -4.37 -3.68 9.54
N ILE A 40 -3.52 -2.66 9.71
CA ILE A 40 -2.17 -2.60 9.10
C ILE A 40 -1.12 -3.14 10.09
N LYS A 41 -0.23 -4.05 9.62
CA LYS A 41 0.92 -4.56 10.40
C LYS A 41 1.80 -3.41 10.92
N THR A 42 2.34 -3.61 12.12
CA THR A 42 3.23 -2.64 12.78
C THR A 42 4.54 -3.32 13.18
N ASN A 43 5.67 -2.72 12.78
CA ASN A 43 7.01 -3.13 13.19
C ASN A 43 7.21 -2.80 14.70
N LYS A 44 7.36 -3.85 15.54
CA LYS A 44 7.58 -3.69 17.01
C LYS A 44 9.03 -3.24 17.35
N LYS A 45 9.95 -3.37 16.37
CA LYS A 45 11.35 -2.90 16.53
C LYS A 45 11.44 -1.36 16.45
N THR A 46 10.59 -0.74 15.60
CA THR A 46 10.57 0.73 15.40
C THR A 46 9.43 1.40 16.22
N GLY A 47 8.26 0.74 16.22
CA GLY A 47 7.03 1.30 16.80
C GLY A 47 6.09 1.93 15.75
N GLN A 48 6.44 1.75 14.47
CA GLN A 48 5.68 2.32 13.31
C GLN A 48 5.15 1.23 12.35
N PRO A 49 3.99 1.49 11.65
CA PRO A 49 3.38 0.53 10.69
C PRO A 49 4.29 0.21 9.49
N MET A 50 4.23 -1.05 9.02
CA MET A 50 5.12 -1.56 7.96
C MET A 50 4.68 -0.98 6.59
N ILE A 51 5.36 0.09 6.18
CA ILE A 51 5.10 0.83 4.93
C ILE A 51 6.45 1.28 4.32
N ASN A 52 6.69 0.90 3.05
CA ASN A 52 7.94 1.28 2.35
C ASN A 52 7.64 2.45 1.40
N LEU A 53 8.11 3.67 1.75
CA LEU A 53 8.06 4.84 0.85
C LEU A 53 9.23 4.74 -0.14
N TYR A 54 8.96 5.00 -1.42
CA TYR A 54 9.99 4.96 -2.49
C TYR A 54 10.46 6.38 -2.83
N THR A 55 11.77 6.60 -2.69
CA THR A 55 12.42 7.89 -2.97
C THR A 55 13.16 7.83 -4.33
N ASP A 56 13.09 8.94 -5.08
CA ASP A 56 13.75 9.07 -6.38
C ASP A 56 15.28 9.17 -6.18
N ARG A 57 16.02 8.41 -6.98
CA ARG A 57 17.44 8.11 -6.74
C ARG A 57 18.38 9.17 -7.35
N GLU A 58 17.93 9.89 -8.39
CA GLU A 58 18.73 10.97 -9.02
C GLU A 58 18.45 12.37 -8.39
N THR A 59 17.19 12.62 -7.96
CA THR A 59 16.81 13.92 -7.31
C THR A 59 16.96 13.87 -5.78
N GLY A 60 16.34 12.86 -5.16
CA GLY A 60 16.30 12.72 -3.68
C GLY A 60 14.92 13.04 -3.07
N LYS A 61 13.94 13.40 -3.92
CA LYS A 61 12.52 13.63 -3.51
C LYS A 61 11.73 12.32 -3.67
N LEU A 62 10.65 12.13 -2.88
CA LEU A 62 9.81 10.91 -2.96
C LEU A 62 9.13 10.78 -4.35
N LYS A 63 9.07 9.54 -4.85
CA LYS A 63 8.45 9.20 -6.16
C LYS A 63 6.91 9.25 -6.12
N GLY A 64 6.34 9.31 -4.89
CA GLY A 64 4.89 9.25 -4.68
C GLY A 64 4.36 7.82 -4.70
N GLU A 65 5.21 6.87 -4.29
CA GLU A 65 4.90 5.43 -4.27
C GLU A 65 5.17 4.86 -2.87
N ALA A 66 4.33 3.89 -2.45
CA ALA A 66 4.50 3.22 -1.14
C ALA A 66 3.81 1.85 -1.11
N THR A 67 4.41 0.90 -0.35
CA THR A 67 3.79 -0.41 -0.08
C THR A 67 3.18 -0.43 1.33
N VAL A 68 1.94 -0.92 1.48
CA VAL A 68 1.23 -0.98 2.79
C VAL A 68 0.99 -2.44 3.22
N SER A 69 1.67 -2.90 4.29
CA SER A 69 1.51 -4.28 4.81
C SER A 69 0.32 -4.36 5.79
N PHE A 70 -0.81 -4.90 5.32
CA PHE A 70 -1.96 -5.24 6.17
C PHE A 70 -1.73 -6.58 6.90
N ASP A 71 -2.41 -6.77 8.04
CA ASP A 71 -2.34 -8.01 8.83
C ASP A 71 -3.08 -9.16 8.11
N ASP A 72 -4.17 -8.81 7.42
CA ASP A 72 -5.00 -9.78 6.66
C ASP A 72 -4.94 -9.48 5.13
N PRO A 73 -4.63 -10.53 4.27
CA PRO A 73 -4.74 -10.42 2.79
C PRO A 73 -6.12 -9.92 2.21
N PRO A 74 -7.34 -10.30 2.75
CA PRO A 74 -8.64 -9.75 2.23
C PRO A 74 -8.81 -8.22 2.52
N SER A 75 -8.12 -7.73 3.57
CA SER A 75 -8.11 -6.28 3.93
C SER A 75 -7.23 -5.48 2.96
N ALA A 76 -6.12 -6.13 2.57
CA ALA A 76 -5.19 -5.60 1.54
C ALA A 76 -5.93 -5.41 0.20
N LYS A 77 -6.63 -6.48 -0.25
CA LYS A 77 -7.41 -6.49 -1.49
C LYS A 77 -8.60 -5.50 -1.42
N ALA A 78 -9.25 -5.43 -0.25
CA ALA A 78 -10.36 -4.47 -0.03
C ALA A 78 -9.89 -3.01 -0.22
N ALA A 79 -8.69 -2.69 0.32
CA ALA A 79 -8.04 -1.36 0.14
C ALA A 79 -7.68 -1.08 -1.34
N ILE A 80 -7.39 -2.14 -2.12
CA ILE A 80 -7.17 -2.04 -3.59
C ILE A 80 -8.46 -1.60 -4.30
N ASP A 81 -9.49 -2.46 -4.20
CA ASP A 81 -10.77 -2.26 -4.89
C ASP A 81 -11.49 -0.97 -4.41
N TRP A 82 -11.19 -0.53 -3.18
CA TRP A 82 -11.73 0.73 -2.62
C TRP A 82 -10.93 1.97 -3.10
N PHE A 83 -9.61 2.00 -2.77
CA PHE A 83 -8.77 3.22 -2.96
C PHE A 83 -8.18 3.40 -4.38
N ASP A 84 -8.28 2.37 -5.24
CA ASP A 84 -7.82 2.50 -6.65
C ASP A 84 -8.71 3.52 -7.41
N GLY A 85 -8.10 4.59 -7.92
CA GLY A 85 -8.82 5.70 -8.58
C GLY A 85 -9.31 6.82 -7.64
N LYS A 86 -8.93 6.76 -6.33
CA LYS A 86 -9.28 7.82 -5.34
C LYS A 86 -8.21 8.93 -5.30
N GLU A 87 -8.27 9.80 -4.27
CA GLU A 87 -7.33 10.95 -4.09
C GLU A 87 -6.70 10.92 -2.68
N PHE A 88 -5.36 10.78 -2.60
CA PHE A 88 -4.65 10.76 -1.31
C PHE A 88 -4.47 12.20 -0.76
N SER A 89 -3.54 12.96 -1.37
CA SER A 89 -3.25 14.37 -0.98
C SER A 89 -3.43 15.29 -2.21
N GLY A 90 -4.65 15.31 -2.73
CA GLY A 90 -5.01 16.10 -3.92
C GLY A 90 -4.57 15.47 -5.25
N ASN A 91 -3.97 14.26 -5.18
CA ASN A 91 -3.44 13.52 -6.36
C ASN A 91 -4.19 12.18 -6.53
N PRO A 92 -4.61 11.79 -7.79
CA PRO A 92 -5.32 10.51 -8.04
C PRO A 92 -4.38 9.28 -7.91
N ILE A 93 -4.68 8.40 -6.93
CA ILE A 93 -3.85 7.22 -6.62
C ILE A 93 -4.32 5.95 -7.35
N LYS A 94 -3.36 5.04 -7.58
CA LYS A 94 -3.61 3.70 -8.15
C LYS A 94 -3.07 2.63 -7.17
N VAL A 95 -3.97 1.75 -6.68
CA VAL A 95 -3.63 0.73 -5.67
C VAL A 95 -3.75 -0.69 -6.29
N SER A 96 -2.74 -1.54 -6.04
CA SER A 96 -2.67 -2.96 -6.52
C SER A 96 -1.95 -3.81 -5.46
N PHE A 97 -1.71 -5.12 -5.72
CA PHE A 97 -0.84 -5.96 -4.86
C PHE A 97 0.65 -5.65 -5.11
N ALA A 98 1.49 -5.72 -4.05
CA ALA A 98 2.94 -5.50 -4.15
C ALA A 98 3.67 -6.79 -4.57
N THR A 99 3.87 -6.95 -5.89
CA THR A 99 4.58 -8.11 -6.49
C THR A 99 6.09 -7.80 -6.75
N MET A 1 -17.06 -23.98 -3.67
CA MET A 1 -16.09 -25.10 -3.75
C MET A 1 -15.57 -25.47 -2.33
N GLY A 2 -14.70 -24.62 -1.76
CA GLY A 2 -14.15 -24.81 -0.40
C GLY A 2 -13.28 -26.06 -0.19
N HIS A 3 -12.69 -26.57 -1.29
CA HIS A 3 -11.81 -27.77 -1.25
C HIS A 3 -10.35 -27.38 -0.92
N HIS A 4 -9.84 -26.37 -1.62
CA HIS A 4 -8.51 -25.80 -1.36
C HIS A 4 -8.65 -24.63 -0.35
N HIS A 5 -8.50 -24.95 0.95
CA HIS A 5 -8.76 -24.01 2.08
C HIS A 5 -7.67 -22.92 2.18
N HIS A 6 -7.72 -21.93 1.24
CA HIS A 6 -6.68 -20.87 1.07
C HIS A 6 -5.27 -21.46 0.78
N HIS A 7 -5.22 -22.72 0.31
CA HIS A 7 -3.96 -23.36 -0.15
C HIS A 7 -3.71 -23.01 -1.64
N HIS A 8 -4.81 -22.80 -2.38
CA HIS A 8 -4.76 -22.22 -3.74
C HIS A 8 -4.80 -20.69 -3.63
N SER A 9 -3.68 -20.04 -4.01
CA SER A 9 -3.54 -18.58 -3.90
C SER A 9 -4.40 -17.84 -4.94
N HIS A 10 -5.44 -17.14 -4.47
CA HIS A 10 -6.25 -16.22 -5.30
C HIS A 10 -5.41 -14.99 -5.66
N SER A 11 -4.89 -14.34 -4.59
CA SER A 11 -4.00 -13.16 -4.67
C SER A 11 -3.64 -12.74 -3.23
N ASP A 12 -3.17 -13.73 -2.45
CA ASP A 12 -3.09 -13.67 -0.96
C ASP A 12 -1.91 -12.81 -0.41
N ASN A 13 -1.44 -11.82 -1.19
CA ASN A 13 -0.51 -10.78 -0.69
C ASN A 13 -1.21 -9.89 0.37
N ASN A 14 -0.55 -9.71 1.52
CA ASN A 14 -1.01 -8.78 2.59
C ASN A 14 -0.49 -7.35 2.32
N THR A 15 0.62 -7.26 1.54
CA THR A 15 1.22 -5.98 1.14
C THR A 15 0.72 -5.55 -0.26
N ILE A 16 0.31 -4.28 -0.38
CA ILE A 16 -0.16 -3.69 -1.65
C ILE A 16 0.79 -2.57 -2.14
N PHE A 17 0.85 -2.33 -3.45
CA PHE A 17 1.67 -1.25 -4.04
C PHE A 17 0.77 -0.10 -4.54
N VAL A 18 0.93 1.09 -3.93
CA VAL A 18 0.12 2.29 -4.22
C VAL A 18 0.98 3.36 -4.96
N GLN A 19 0.42 3.94 -6.03
CA GLN A 19 1.09 5.02 -6.83
C GLN A 19 0.23 6.31 -6.82
N GLY A 20 0.87 7.48 -7.06
CA GLY A 20 0.14 8.78 -7.10
C GLY A 20 -0.03 9.43 -5.72
N LEU A 21 0.92 9.15 -4.83
CA LEU A 21 0.89 9.60 -3.42
C LEU A 21 1.49 11.02 -3.23
N GLY A 22 2.20 11.54 -4.24
CA GLY A 22 2.75 12.92 -4.21
C GLY A 22 4.08 13.06 -3.45
N GLU A 23 4.54 14.32 -3.32
CA GLU A 23 5.76 14.67 -2.51
C GLU A 23 5.48 14.69 -1.00
N ASN A 24 4.21 14.91 -0.62
CA ASN A 24 3.79 15.10 0.79
C ASN A 24 3.32 13.78 1.43
N VAL A 25 3.70 12.63 0.84
CA VAL A 25 3.34 11.30 1.39
C VAL A 25 4.28 10.88 2.56
N THR A 26 3.68 10.40 3.67
CA THR A 26 4.43 9.81 4.80
C THR A 26 3.82 8.45 5.18
N ILE A 27 4.64 7.57 5.80
CA ILE A 27 4.23 6.20 6.26
C ILE A 27 2.94 6.25 7.11
N GLU A 28 2.96 7.11 8.14
CA GLU A 28 1.87 7.24 9.12
C GLU A 28 0.58 7.79 8.46
N SER A 29 0.72 8.74 7.51
CA SER A 29 -0.45 9.33 6.79
C SER A 29 -1.11 8.32 5.84
N VAL A 30 -0.29 7.47 5.18
CA VAL A 30 -0.82 6.34 4.37
C VAL A 30 -1.50 5.30 5.27
N ALA A 31 -0.90 5.07 6.46
CA ALA A 31 -1.41 4.09 7.43
C ALA A 31 -2.71 4.58 8.11
N ASP A 32 -2.83 5.90 8.27
CA ASP A 32 -4.03 6.56 8.83
C ASP A 32 -5.17 6.61 7.79
N TYR A 33 -4.80 6.74 6.51
CA TYR A 33 -5.75 6.76 5.38
C TYR A 33 -6.35 5.34 5.16
N PHE A 34 -5.46 4.34 5.10
CA PHE A 34 -5.82 2.95 4.76
C PHE A 34 -6.35 2.11 5.95
N LYS A 35 -6.14 2.54 7.22
CA LYS A 35 -6.58 1.75 8.41
C LYS A 35 -8.14 1.67 8.55
N GLN A 36 -8.88 2.56 7.85
CA GLN A 36 -10.37 2.52 7.82
C GLN A 36 -10.90 1.17 7.24
N ILE A 37 -10.07 0.52 6.42
CA ILE A 37 -10.36 -0.78 5.80
C ILE A 37 -9.99 -1.95 6.73
N GLY A 38 -8.85 -1.84 7.41
CA GLY A 38 -8.38 -2.91 8.31
C GLY A 38 -7.13 -2.55 9.08
N ILE A 39 -6.71 -3.47 9.97
CA ILE A 39 -5.45 -3.35 10.72
C ILE A 39 -4.25 -3.48 9.77
N ILE A 40 -3.35 -2.49 9.80
CA ILE A 40 -2.07 -2.51 9.07
C ILE A 40 -0.96 -3.03 10.01
N LYS A 41 -0.02 -3.83 9.47
CA LYS A 41 1.13 -4.36 10.24
C LYS A 41 2.01 -3.23 10.79
N THR A 42 2.56 -3.47 11.98
CA THR A 42 3.42 -2.50 12.69
C THR A 42 4.73 -3.18 13.11
N ASN A 43 5.86 -2.65 12.61
CA ASN A 43 7.20 -3.07 13.05
C ASN A 43 7.35 -2.78 14.56
N LYS A 44 7.50 -3.85 15.34
CA LYS A 44 7.63 -3.80 16.81
C LYS A 44 8.98 -3.18 17.25
N LYS A 45 10.01 -3.33 16.40
CA LYS A 45 11.37 -2.82 16.68
C LYS A 45 11.43 -1.28 16.59
N THR A 46 10.84 -0.71 15.53
CA THR A 46 10.75 0.75 15.34
C THR A 46 9.56 1.36 16.11
N GLY A 47 8.46 0.59 16.20
CA GLY A 47 7.19 1.07 16.76
C GLY A 47 6.34 1.83 15.74
N GLN A 48 6.66 1.65 14.44
CA GLN A 48 5.97 2.33 13.31
C GLN A 48 5.34 1.30 12.32
N PRO A 49 4.23 1.69 11.60
CA PRO A 49 3.60 0.81 10.57
C PRO A 49 4.55 0.44 9.39
N MET A 50 4.38 -0.78 8.85
CA MET A 50 5.25 -1.29 7.77
C MET A 50 4.77 -0.78 6.40
N ILE A 51 5.41 0.31 5.92
CA ILE A 51 5.14 0.92 4.59
C ILE A 51 6.46 1.44 4.00
N ASN A 52 6.89 0.90 2.83
CA ASN A 52 8.18 1.31 2.20
C ASN A 52 7.91 2.40 1.14
N LEU A 53 8.36 3.63 1.43
CA LEU A 53 8.21 4.79 0.52
C LEU A 53 9.32 4.78 -0.56
N TYR A 54 8.93 4.60 -1.83
CA TYR A 54 9.88 4.61 -2.97
C TYR A 54 10.43 6.04 -3.18
N THR A 55 11.75 6.20 -3.03
CA THR A 55 12.45 7.50 -3.10
C THR A 55 13.54 7.44 -4.20
N ASP A 56 13.67 8.52 -4.99
CA ASP A 56 14.63 8.59 -6.11
C ASP A 56 16.08 8.74 -5.61
N ARG A 57 16.97 7.96 -6.24
CA ARG A 57 18.42 7.93 -5.94
C ARG A 57 19.11 9.28 -6.26
N GLU A 58 18.71 9.92 -7.37
CA GLU A 58 19.40 11.12 -7.91
C GLU A 58 18.99 12.40 -7.16
N THR A 59 17.68 12.68 -7.11
CA THR A 59 17.12 13.93 -6.52
C THR A 59 16.96 13.83 -4.99
N GLY A 60 16.69 12.60 -4.50
CA GLY A 60 16.38 12.37 -3.08
C GLY A 60 14.91 12.66 -2.73
N LYS A 61 14.07 12.89 -3.76
CA LYS A 61 12.64 13.18 -3.58
C LYS A 61 11.77 11.92 -3.65
N LEU A 62 10.62 11.95 -2.97
CA LEU A 62 9.63 10.87 -2.99
C LEU A 62 9.00 10.72 -4.39
N LYS A 63 9.04 9.50 -4.94
CA LYS A 63 8.51 9.17 -6.29
C LYS A 63 6.95 9.21 -6.34
N GLY A 64 6.32 9.24 -5.15
CA GLY A 64 4.86 9.17 -5.01
C GLY A 64 4.35 7.73 -5.09
N GLU A 65 5.19 6.79 -4.64
CA GLU A 65 4.90 5.33 -4.67
C GLU A 65 5.29 4.70 -3.31
N ALA A 66 4.58 3.63 -2.89
CA ALA A 66 4.84 2.96 -1.59
C ALA A 66 4.22 1.56 -1.53
N THR A 67 4.73 0.71 -0.61
CA THR A 67 4.17 -0.64 -0.35
C THR A 67 3.61 -0.74 1.09
N VAL A 68 2.27 -0.91 1.20
CA VAL A 68 1.52 -0.90 2.48
C VAL A 68 1.22 -2.34 2.96
N SER A 69 1.91 -2.80 4.03
CA SER A 69 1.72 -4.16 4.58
C SER A 69 0.53 -4.21 5.56
N PHE A 70 -0.63 -4.71 5.11
CA PHE A 70 -1.79 -5.00 5.99
C PHE A 70 -1.59 -6.29 6.79
N ASP A 71 -2.28 -6.40 7.93
CA ASP A 71 -2.22 -7.58 8.81
C ASP A 71 -3.05 -8.76 8.25
N ASP A 72 -4.09 -8.44 7.46
CA ASP A 72 -4.87 -9.45 6.71
C ASP A 72 -4.83 -9.19 5.18
N PRO A 73 -4.52 -10.25 4.35
CA PRO A 73 -4.71 -10.20 2.88
C PRO A 73 -6.14 -9.76 2.38
N PRO A 74 -7.32 -10.17 3.00
CA PRO A 74 -8.65 -9.63 2.57
C PRO A 74 -8.81 -8.10 2.82
N SER A 75 -8.06 -7.56 3.80
CA SER A 75 -8.02 -6.10 4.07
C SER A 75 -7.16 -5.38 3.01
N ALA A 76 -6.06 -6.05 2.59
CA ALA A 76 -5.19 -5.58 1.51
C ALA A 76 -5.96 -5.47 0.17
N LYS A 77 -6.70 -6.55 -0.16
CA LYS A 77 -7.54 -6.64 -1.36
C LYS A 77 -8.65 -5.57 -1.34
N ALA A 78 -9.33 -5.46 -0.19
CA ALA A 78 -10.42 -4.48 0.01
C ALA A 78 -9.93 -3.03 -0.18
N ALA A 79 -8.73 -2.73 0.36
CA ALA A 79 -8.10 -1.40 0.25
C ALA A 79 -7.75 -1.03 -1.21
N ILE A 80 -7.43 -2.03 -2.05
CA ILE A 80 -7.24 -1.82 -3.49
C ILE A 80 -8.56 -1.37 -4.15
N ASP A 81 -9.58 -2.22 -4.08
CA ASP A 81 -10.91 -1.95 -4.68
C ASP A 81 -11.59 -0.67 -4.10
N TRP A 82 -11.21 -0.29 -2.87
CA TRP A 82 -11.71 0.92 -2.20
C TRP A 82 -10.99 2.20 -2.69
N PHE A 83 -9.65 2.22 -2.52
CA PHE A 83 -8.81 3.43 -2.73
C PHE A 83 -8.34 3.62 -4.20
N ASP A 84 -8.53 2.62 -5.06
CA ASP A 84 -8.18 2.73 -6.50
C ASP A 84 -9.03 3.83 -7.19
N GLY A 85 -8.36 4.90 -7.64
CA GLY A 85 -9.01 6.07 -8.24
C GLY A 85 -9.28 7.23 -7.25
N LYS A 86 -8.95 7.04 -5.95
CA LYS A 86 -9.27 8.04 -4.89
C LYS A 86 -8.09 9.00 -4.63
N GLU A 87 -8.40 10.29 -4.38
CA GLU A 87 -7.39 11.36 -4.20
C GLU A 87 -6.77 11.33 -2.77
N PHE A 88 -5.44 11.07 -2.68
CA PHE A 88 -4.69 11.03 -1.39
C PHE A 88 -4.11 12.43 -1.04
N SER A 89 -2.97 12.79 -1.68
CA SER A 89 -2.27 14.08 -1.43
C SER A 89 -2.43 15.03 -2.63
N GLY A 90 -3.70 15.28 -2.99
CA GLY A 90 -4.06 16.12 -4.14
C GLY A 90 -3.93 15.42 -5.50
N ASN A 91 -3.69 14.09 -5.48
CA ASN A 91 -3.54 13.26 -6.70
C ASN A 91 -4.38 11.96 -6.56
N PRO A 92 -5.12 11.52 -7.64
CA PRO A 92 -5.87 10.24 -7.62
C PRO A 92 -4.91 9.04 -7.71
N ILE A 93 -4.89 8.20 -6.66
CA ILE A 93 -3.95 7.07 -6.55
C ILE A 93 -4.41 5.83 -7.36
N LYS A 94 -3.42 5.01 -7.76
CA LYS A 94 -3.66 3.73 -8.45
C LYS A 94 -3.07 2.59 -7.59
N VAL A 95 -3.95 1.74 -7.03
CA VAL A 95 -3.56 0.71 -6.05
C VAL A 95 -3.59 -0.70 -6.70
N SER A 96 -2.57 -1.51 -6.41
CA SER A 96 -2.44 -2.93 -6.82
C SER A 96 -1.82 -3.74 -5.67
N PHE A 97 -1.64 -5.07 -5.84
CA PHE A 97 -0.84 -5.88 -4.87
C PHE A 97 0.67 -5.68 -5.11
N ALA A 98 1.47 -5.79 -4.03
CA ALA A 98 2.94 -5.70 -4.13
C ALA A 98 3.53 -7.08 -4.53
N THR A 99 3.58 -7.33 -5.85
CA THR A 99 4.05 -8.63 -6.41
C THR A 99 5.60 -8.69 -6.58
N MET A 1 0.15 -14.48 -18.64
CA MET A 1 -1.03 -15.39 -18.49
C MET A 1 -1.48 -15.97 -19.85
N GLY A 2 -1.82 -17.27 -19.86
CA GLY A 2 -2.31 -17.96 -21.07
C GLY A 2 -3.84 -18.10 -21.09
N HIS A 3 -4.34 -19.07 -21.88
CA HIS A 3 -5.79 -19.32 -22.06
C HIS A 3 -6.29 -20.52 -21.22
N HIS A 4 -6.63 -20.24 -19.94
CA HIS A 4 -7.33 -21.18 -19.00
C HIS A 4 -6.53 -22.46 -18.60
N HIS A 5 -5.33 -22.67 -19.16
CA HIS A 5 -4.53 -23.92 -18.92
C HIS A 5 -3.57 -23.78 -17.70
N HIS A 6 -3.47 -22.55 -17.16
CA HIS A 6 -2.69 -22.26 -15.94
C HIS A 6 -3.64 -21.82 -14.80
N HIS A 7 -3.57 -22.50 -13.64
CA HIS A 7 -4.40 -22.15 -12.46
C HIS A 7 -3.88 -20.88 -11.74
N HIS A 8 -4.76 -19.89 -11.52
CA HIS A 8 -4.39 -18.61 -10.85
C HIS A 8 -4.55 -18.71 -9.30
N SER A 9 -4.16 -19.86 -8.72
CA SER A 9 -4.20 -20.11 -7.27
C SER A 9 -3.28 -19.14 -6.49
N HIS A 10 -3.59 -18.94 -5.19
CA HIS A 10 -2.86 -18.02 -4.30
C HIS A 10 -2.96 -16.54 -4.79
N SER A 11 -4.14 -15.95 -4.61
CA SER A 11 -4.42 -14.54 -4.96
C SER A 11 -4.38 -13.61 -3.71
N ASP A 12 -4.35 -14.22 -2.52
CA ASP A 12 -4.41 -13.47 -1.24
C ASP A 12 -3.05 -12.86 -0.87
N ASN A 13 -2.91 -11.54 -1.10
CA ASN A 13 -1.74 -10.73 -0.67
C ASN A 13 -2.11 -9.85 0.53
N ASN A 14 -1.20 -9.75 1.52
CA ASN A 14 -1.35 -8.82 2.66
C ASN A 14 -0.63 -7.47 2.38
N THR A 15 0.36 -7.48 1.47
CA THR A 15 1.12 -6.28 1.04
C THR A 15 0.69 -5.81 -0.37
N ILE A 16 0.30 -4.53 -0.49
CA ILE A 16 -0.17 -3.91 -1.75
C ILE A 16 0.79 -2.81 -2.22
N PHE A 17 0.91 -2.63 -3.55
CA PHE A 17 1.77 -1.57 -4.14
C PHE A 17 0.88 -0.40 -4.62
N VAL A 18 1.14 0.79 -4.06
CA VAL A 18 0.38 2.03 -4.34
C VAL A 18 1.29 3.07 -5.05
N GLN A 19 0.76 3.73 -6.10
CA GLN A 19 1.46 4.80 -6.84
C GLN A 19 0.60 6.09 -6.86
N GLY A 20 1.23 7.23 -7.18
CA GLY A 20 0.51 8.52 -7.29
C GLY A 20 0.18 9.18 -5.95
N LEU A 21 0.97 8.86 -4.91
CA LEU A 21 0.78 9.38 -3.53
C LEU A 21 1.33 10.83 -3.37
N GLY A 22 2.26 11.22 -4.26
CA GLY A 22 2.90 12.55 -4.23
C GLY A 22 4.18 12.58 -3.38
N GLU A 23 4.97 13.66 -3.49
CA GLU A 23 6.27 13.79 -2.78
C GLU A 23 6.11 14.10 -1.27
N ASN A 24 4.92 14.62 -0.88
CA ASN A 24 4.63 15.01 0.52
C ASN A 24 4.13 13.82 1.37
N VAL A 25 4.15 12.60 0.78
CA VAL A 25 3.67 11.36 1.43
C VAL A 25 4.53 10.97 2.67
N THR A 26 3.88 10.53 3.77
CA THR A 26 4.58 9.96 4.96
C THR A 26 3.95 8.61 5.34
N ILE A 27 4.77 7.71 5.95
CA ILE A 27 4.36 6.33 6.34
C ILE A 27 3.03 6.30 7.15
N GLU A 28 2.95 7.12 8.21
CA GLU A 28 1.78 7.13 9.11
C GLU A 28 0.56 7.85 8.52
N SER A 29 0.77 8.72 7.52
CA SER A 29 -0.35 9.32 6.73
C SER A 29 -0.96 8.30 5.76
N VAL A 30 -0.11 7.44 5.16
CA VAL A 30 -0.57 6.28 4.35
C VAL A 30 -1.32 5.29 5.25
N ALA A 31 -0.78 5.08 6.47
CA ALA A 31 -1.37 4.20 7.48
C ALA A 31 -2.75 4.71 7.93
N ASP A 32 -2.85 6.02 8.20
CA ASP A 32 -4.11 6.67 8.62
C ASP A 32 -5.19 6.55 7.51
N TYR A 33 -4.74 6.69 6.24
CA TYR A 33 -5.61 6.63 5.05
C TYR A 33 -6.20 5.20 4.86
N PHE A 34 -5.31 4.20 4.77
CA PHE A 34 -5.68 2.80 4.46
C PHE A 34 -6.28 2.00 5.66
N LYS A 35 -6.02 2.44 6.91
CA LYS A 35 -6.46 1.68 8.14
C LYS A 35 -8.00 1.62 8.32
N GLN A 36 -8.74 2.53 7.66
CA GLN A 36 -10.23 2.52 7.67
C GLN A 36 -10.81 1.22 7.06
N ILE A 37 -10.01 0.55 6.23
CA ILE A 37 -10.35 -0.73 5.57
C ILE A 37 -9.99 -1.94 6.47
N GLY A 38 -8.81 -1.87 7.10
CA GLY A 38 -8.33 -2.95 7.96
C GLY A 38 -7.05 -2.60 8.70
N ILE A 39 -6.65 -3.49 9.62
CA ILE A 39 -5.46 -3.31 10.46
C ILE A 39 -4.17 -3.46 9.62
N ILE A 40 -3.31 -2.44 9.67
CA ILE A 40 -2.00 -2.45 9.00
C ILE A 40 -0.90 -2.90 9.99
N LYS A 41 -0.06 -3.87 9.56
CA LYS A 41 1.09 -4.37 10.37
C LYS A 41 2.00 -3.22 10.89
N THR A 42 2.68 -3.49 12.00
CA THR A 42 3.55 -2.50 12.71
C THR A 42 4.83 -3.16 13.20
N ASN A 43 5.99 -2.58 12.81
CA ASN A 43 7.32 -3.01 13.30
C ASN A 43 7.45 -2.77 14.84
N LYS A 44 7.77 -3.84 15.59
CA LYS A 44 7.94 -3.77 17.06
C LYS A 44 9.22 -3.04 17.48
N LYS A 45 10.23 -3.01 16.58
CA LYS A 45 11.54 -2.36 16.84
C LYS A 45 11.40 -0.81 16.91
N THR A 46 10.83 -0.21 15.85
CA THR A 46 10.64 1.26 15.75
C THR A 46 9.35 1.72 16.45
N GLY A 47 8.26 0.98 16.20
CA GLY A 47 6.90 1.40 16.60
C GLY A 47 6.13 2.09 15.48
N GLN A 48 6.63 1.93 14.23
CA GLN A 48 6.00 2.49 13.01
C GLN A 48 5.32 1.37 12.18
N PRO A 49 4.19 1.70 11.45
CA PRO A 49 3.51 0.72 10.57
C PRO A 49 4.37 0.32 9.34
N MET A 50 4.26 -0.94 8.90
CA MET A 50 5.11 -1.48 7.81
C MET A 50 4.61 -0.96 6.45
N ILE A 51 5.24 0.13 6.00
CA ILE A 51 4.94 0.81 4.73
C ILE A 51 6.27 1.36 4.15
N ASN A 52 6.66 0.85 2.97
CA ASN A 52 7.97 1.19 2.36
C ASN A 52 7.78 2.28 1.30
N LEU A 53 8.25 3.50 1.59
CA LEU A 53 8.14 4.65 0.67
C LEU A 53 9.31 4.62 -0.36
N TYR A 54 8.97 4.55 -1.66
CA TYR A 54 9.97 4.61 -2.75
C TYR A 54 10.53 6.04 -2.92
N THR A 55 11.77 6.24 -2.44
CA THR A 55 12.52 7.50 -2.60
C THR A 55 13.30 7.49 -3.95
N ASP A 56 13.68 8.67 -4.44
CA ASP A 56 14.24 8.86 -5.80
C ASP A 56 15.79 8.80 -5.80
N ARG A 57 16.38 8.45 -6.95
CA ARG A 57 17.85 8.25 -7.10
C ARG A 57 18.58 9.54 -7.60
N GLU A 58 17.94 10.33 -8.49
CA GLU A 58 18.55 11.58 -9.02
C GLU A 58 18.26 12.82 -8.13
N THR A 59 17.03 12.90 -7.57
CA THR A 59 16.60 14.05 -6.72
C THR A 59 16.82 13.80 -5.21
N GLY A 60 16.68 12.52 -4.78
CA GLY A 60 16.76 12.16 -3.35
C GLY A 60 15.46 12.44 -2.57
N LYS A 61 14.38 12.84 -3.28
CA LYS A 61 13.05 13.11 -2.68
C LYS A 61 12.08 11.94 -2.95
N LEU A 62 10.90 11.96 -2.34
CA LEU A 62 9.90 10.85 -2.47
C LEU A 62 9.22 10.88 -3.85
N LYS A 63 9.19 9.72 -4.52
CA LYS A 63 8.60 9.57 -5.88
C LYS A 63 7.06 9.59 -5.87
N GLY A 64 6.46 9.34 -4.70
CA GLY A 64 5.02 9.15 -4.57
C GLY A 64 4.57 7.72 -4.86
N GLU A 65 5.42 6.75 -4.46
CA GLU A 65 5.11 5.31 -4.51
C GLU A 65 5.37 4.69 -3.11
N ALA A 66 4.69 3.59 -2.80
CA ALA A 66 4.84 2.88 -1.51
C ALA A 66 4.27 1.45 -1.57
N THR A 67 4.65 0.64 -0.59
CA THR A 67 4.00 -0.68 -0.34
C THR A 67 3.40 -0.72 1.07
N VAL A 68 2.10 -1.10 1.20
CA VAL A 68 1.37 -1.11 2.49
C VAL A 68 1.10 -2.55 2.96
N SER A 69 1.76 -2.98 4.06
CA SER A 69 1.56 -4.34 4.65
C SER A 69 0.42 -4.34 5.68
N PHE A 70 -0.75 -4.85 5.29
CA PHE A 70 -1.87 -5.17 6.21
C PHE A 70 -1.61 -6.49 6.95
N ASP A 71 -2.25 -6.65 8.12
CA ASP A 71 -2.18 -7.89 8.92
C ASP A 71 -3.10 -8.97 8.32
N ASP A 72 -4.23 -8.53 7.74
CA ASP A 72 -5.18 -9.39 7.03
C ASP A 72 -5.06 -9.18 5.49
N PRO A 73 -4.76 -10.27 4.69
CA PRO A 73 -4.89 -10.25 3.22
C PRO A 73 -6.26 -9.70 2.65
N PRO A 74 -7.51 -10.05 3.20
CA PRO A 74 -8.79 -9.51 2.65
C PRO A 74 -8.91 -7.96 2.78
N SER A 75 -8.20 -7.39 3.76
CA SER A 75 -8.17 -5.93 4.00
C SER A 75 -7.27 -5.22 2.98
N ALA A 76 -6.16 -5.87 2.61
CA ALA A 76 -5.22 -5.36 1.60
C ALA A 76 -5.89 -5.30 0.20
N LYS A 77 -6.57 -6.39 -0.17
CA LYS A 77 -7.32 -6.51 -1.44
C LYS A 77 -8.50 -5.50 -1.48
N ALA A 78 -9.23 -5.40 -0.36
CA ALA A 78 -10.34 -4.43 -0.23
C ALA A 78 -9.87 -2.97 -0.38
N ALA A 79 -8.68 -2.66 0.18
CA ALA A 79 -8.03 -1.33 0.05
C ALA A 79 -7.69 -0.97 -1.42
N ILE A 80 -7.42 -2.00 -2.25
CA ILE A 80 -7.25 -1.82 -3.71
C ILE A 80 -8.56 -1.33 -4.35
N ASP A 81 -9.60 -2.17 -4.28
CA ASP A 81 -10.93 -1.89 -4.86
C ASP A 81 -11.53 -0.56 -4.34
N TRP A 82 -11.22 -0.21 -3.09
CA TRP A 82 -11.72 1.02 -2.43
C TRP A 82 -10.94 2.28 -2.89
N PHE A 83 -9.60 2.27 -2.71
CA PHE A 83 -8.74 3.47 -2.93
C PHE A 83 -8.22 3.63 -4.38
N ASP A 84 -8.54 2.68 -5.26
CA ASP A 84 -8.23 2.79 -6.70
C ASP A 84 -8.95 4.02 -7.33
N GLY A 85 -8.18 5.05 -7.71
CA GLY A 85 -8.73 6.31 -8.26
C GLY A 85 -9.03 7.39 -7.21
N LYS A 86 -8.80 7.09 -5.91
CA LYS A 86 -9.13 8.01 -4.79
C LYS A 86 -7.97 8.97 -4.47
N GLU A 87 -8.30 10.22 -4.10
CA GLU A 87 -7.29 11.26 -3.80
C GLU A 87 -6.68 11.09 -2.38
N PHE A 88 -5.35 10.85 -2.33
CA PHE A 88 -4.59 10.76 -1.06
C PHE A 88 -4.26 12.18 -0.55
N SER A 89 -3.41 12.89 -1.30
CA SER A 89 -2.94 14.27 -0.97
C SER A 89 -3.60 15.29 -1.93
N GLY A 90 -4.90 15.05 -2.24
CA GLY A 90 -5.60 15.81 -3.29
C GLY A 90 -5.19 15.39 -4.71
N ASN A 91 -4.68 14.16 -4.84
CA ASN A 91 -4.22 13.57 -6.12
C ASN A 91 -4.66 12.08 -6.25
N PRO A 92 -5.41 11.71 -7.35
CA PRO A 92 -5.97 10.34 -7.53
C PRO A 92 -4.87 9.26 -7.67
N ILE A 93 -4.78 8.37 -6.66
CA ILE A 93 -3.77 7.29 -6.61
C ILE A 93 -4.21 6.05 -7.42
N LYS A 94 -3.24 5.20 -7.76
CA LYS A 94 -3.46 3.88 -8.37
C LYS A 94 -3.00 2.80 -7.37
N VAL A 95 -3.91 1.87 -7.00
CA VAL A 95 -3.59 0.80 -6.04
C VAL A 95 -3.65 -0.59 -6.73
N SER A 96 -2.62 -1.42 -6.45
CA SER A 96 -2.50 -2.81 -6.95
C SER A 96 -1.86 -3.69 -5.84
N PHE A 97 -1.68 -5.00 -6.09
CA PHE A 97 -0.93 -5.88 -5.16
C PHE A 97 0.61 -5.65 -5.30
N ALA A 98 1.38 -5.90 -4.21
CA ALA A 98 2.86 -5.84 -4.25
C ALA A 98 3.44 -7.26 -4.47
N THR A 99 3.74 -7.59 -5.74
CA THR A 99 4.28 -8.93 -6.12
C THR A 99 5.59 -8.79 -6.95
N MET A 1 0.03 -14.80 -15.47
CA MET A 1 -0.77 -13.60 -15.10
C MET A 1 -1.79 -13.24 -16.22
N GLY A 2 -2.57 -12.17 -15.97
CA GLY A 2 -3.66 -11.76 -16.86
C GLY A 2 -5.03 -11.95 -16.23
N HIS A 3 -5.90 -12.73 -16.86
CA HIS A 3 -7.26 -13.04 -16.34
C HIS A 3 -7.20 -14.24 -15.35
N HIS A 4 -7.37 -13.95 -14.04
CA HIS A 4 -7.35 -14.97 -12.96
C HIS A 4 -8.77 -15.50 -12.66
N HIS A 5 -9.01 -16.79 -12.94
CA HIS A 5 -10.28 -17.47 -12.66
C HIS A 5 -10.43 -17.68 -11.12
N HIS A 6 -11.10 -16.73 -10.44
CA HIS A 6 -11.20 -16.71 -8.97
C HIS A 6 -12.17 -17.78 -8.40
N HIS A 7 -11.65 -18.99 -8.21
CA HIS A 7 -12.35 -20.09 -7.50
C HIS A 7 -11.37 -20.73 -6.49
N HIS A 8 -10.35 -21.43 -7.00
CA HIS A 8 -9.17 -21.85 -6.21
C HIS A 8 -8.09 -20.75 -6.26
N SER A 9 -7.90 -20.19 -7.47
CA SER A 9 -6.97 -19.06 -7.70
C SER A 9 -7.48 -17.77 -7.02
N HIS A 10 -7.06 -17.53 -5.77
CA HIS A 10 -7.48 -16.35 -4.97
C HIS A 10 -6.26 -15.48 -4.59
N SER A 11 -6.55 -14.25 -4.13
CA SER A 11 -5.52 -13.28 -3.70
C SER A 11 -5.24 -13.37 -2.18
N ASP A 12 -4.07 -13.94 -1.82
CA ASP A 12 -3.64 -14.13 -0.40
C ASP A 12 -2.46 -13.19 -0.02
N ASN A 13 -2.14 -12.22 -0.89
CA ASN A 13 -1.10 -11.20 -0.62
C ASN A 13 -1.65 -10.14 0.38
N ASN A 14 -0.86 -9.81 1.43
CA ASN A 14 -1.25 -8.83 2.46
C ASN A 14 -0.41 -7.51 2.36
N THR A 15 0.34 -7.34 1.26
CA THR A 15 1.10 -6.10 0.95
C THR A 15 0.74 -5.60 -0.46
N ILE A 16 0.39 -4.32 -0.56
CA ILE A 16 -0.07 -3.70 -1.81
C ILE A 16 0.90 -2.60 -2.28
N PHE A 17 1.03 -2.43 -3.61
CA PHE A 17 1.83 -1.33 -4.21
C PHE A 17 0.89 -0.21 -4.71
N VAL A 18 1.14 1.01 -4.22
CA VAL A 18 0.31 2.21 -4.49
C VAL A 18 1.16 3.30 -5.20
N GLN A 19 0.58 3.97 -6.21
CA GLN A 19 1.25 5.05 -6.97
C GLN A 19 0.39 6.35 -6.97
N GLY A 20 1.04 7.51 -7.17
CA GLY A 20 0.36 8.82 -7.20
C GLY A 20 0.29 9.54 -5.83
N LEU A 21 0.86 8.91 -4.80
CA LEU A 21 0.85 9.43 -3.40
C LEU A 21 1.58 10.81 -3.23
N GLY A 22 2.32 11.26 -4.26
CA GLY A 22 2.95 12.59 -4.28
C GLY A 22 4.30 12.67 -3.55
N GLU A 23 4.98 13.82 -3.66
CA GLU A 23 6.22 14.09 -2.88
C GLU A 23 5.90 14.34 -1.38
N ASN A 24 4.64 14.72 -1.08
CA ASN A 24 4.19 15.07 0.29
C ASN A 24 3.70 13.84 1.08
N VAL A 25 3.90 12.62 0.55
CA VAL A 25 3.51 11.37 1.23
C VAL A 25 4.45 11.04 2.44
N THR A 26 3.87 10.62 3.57
CA THR A 26 4.63 10.10 4.74
C THR A 26 4.03 8.76 5.21
N ILE A 27 4.87 7.86 5.74
CA ILE A 27 4.49 6.49 6.19
C ILE A 27 3.27 6.49 7.15
N GLU A 28 3.30 7.38 8.17
CA GLU A 28 2.24 7.49 9.18
C GLU A 28 0.93 8.07 8.59
N SER A 29 1.05 8.91 7.55
CA SER A 29 -0.13 9.45 6.82
C SER A 29 -0.77 8.37 5.91
N VAL A 30 0.07 7.50 5.31
CA VAL A 30 -0.41 6.32 4.53
C VAL A 30 -1.13 5.34 5.48
N ALA A 31 -0.54 5.18 6.67
CA ALA A 31 -1.09 4.31 7.73
C ALA A 31 -2.45 4.81 8.22
N ASP A 32 -2.55 6.13 8.48
CA ASP A 32 -3.79 6.77 8.97
C ASP A 32 -4.88 6.83 7.87
N TYR A 33 -4.46 6.85 6.60
CA TYR A 33 -5.36 6.82 5.44
C TYR A 33 -5.96 5.40 5.20
N PHE A 34 -5.08 4.39 5.03
CA PHE A 34 -5.47 2.99 4.68
C PHE A 34 -6.09 2.17 5.87
N LYS A 35 -5.86 2.59 7.12
CA LYS A 35 -6.34 1.84 8.32
C LYS A 35 -7.90 1.75 8.42
N GLN A 36 -8.62 2.68 7.76
CA GLN A 36 -10.11 2.65 7.68
C GLN A 36 -10.65 1.32 7.07
N ILE A 37 -9.80 0.66 6.27
CA ILE A 37 -10.11 -0.64 5.67
C ILE A 37 -9.77 -1.80 6.64
N GLY A 38 -8.51 -1.83 7.09
CA GLY A 38 -8.00 -2.93 7.92
C GLY A 38 -6.80 -2.55 8.76
N ILE A 39 -6.46 -3.41 9.73
CA ILE A 39 -5.31 -3.22 10.63
C ILE A 39 -3.99 -3.41 9.85
N ILE A 40 -3.21 -2.35 9.71
CA ILE A 40 -1.91 -2.39 9.00
C ILE A 40 -0.83 -2.96 9.96
N LYS A 41 0.02 -3.87 9.46
CA LYS A 41 1.14 -4.46 10.25
C LYS A 41 2.03 -3.38 10.88
N THR A 42 2.48 -3.65 12.11
CA THR A 42 3.29 -2.71 12.89
C THR A 42 4.51 -3.44 13.50
N ASN A 43 5.71 -2.95 13.13
CA ASN A 43 7.00 -3.42 13.68
C ASN A 43 7.04 -3.19 15.21
N LYS A 44 7.27 -4.28 15.97
CA LYS A 44 7.22 -4.28 17.46
C LYS A 44 8.45 -3.57 18.08
N LYS A 45 9.60 -3.64 17.37
CA LYS A 45 10.88 -3.06 17.86
C LYS A 45 10.82 -1.52 17.89
N THR A 46 10.42 -0.91 16.76
CA THR A 46 10.30 0.56 16.62
C THR A 46 8.94 1.07 17.16
N GLY A 47 7.86 0.37 16.79
CA GLY A 47 6.49 0.80 17.09
C GLY A 47 5.84 1.55 15.90
N GLN A 48 6.44 1.41 14.69
CA GLN A 48 5.95 2.05 13.44
C GLN A 48 5.22 1.05 12.48
N PRO A 49 4.33 1.54 11.55
CA PRO A 49 3.62 0.67 10.55
C PRO A 49 4.52 0.26 9.36
N MET A 50 4.38 -0.98 8.88
CA MET A 50 5.23 -1.52 7.79
C MET A 50 4.75 -1.01 6.43
N ILE A 51 5.37 0.10 5.98
CA ILE A 51 5.06 0.79 4.70
C ILE A 51 6.36 1.39 4.12
N ASN A 52 6.79 0.91 2.95
CA ASN A 52 8.08 1.32 2.33
C ASN A 52 7.83 2.36 1.23
N LEU A 53 8.25 3.62 1.48
CA LEU A 53 8.16 4.71 0.49
C LEU A 53 9.32 4.61 -0.54
N TYR A 54 9.01 4.94 -1.81
CA TYR A 54 9.99 4.94 -2.91
C TYR A 54 10.46 6.38 -3.18
N THR A 55 11.78 6.59 -3.17
CA THR A 55 12.43 7.93 -3.38
C THR A 55 13.26 7.91 -4.67
N ASP A 56 13.25 9.04 -5.40
CA ASP A 56 14.13 9.25 -6.55
C ASP A 56 15.59 9.37 -6.06
N ARG A 57 16.33 8.25 -6.13
CA ARG A 57 17.73 8.17 -5.63
C ARG A 57 18.69 9.12 -6.38
N GLU A 58 18.30 9.49 -7.62
CA GLU A 58 19.07 10.43 -8.47
C GLU A 58 18.98 11.89 -7.94
N THR A 59 17.78 12.30 -7.48
CA THR A 59 17.51 13.69 -7.00
C THR A 59 17.47 13.75 -5.46
N GLY A 60 16.51 13.04 -4.86
CA GLY A 60 16.33 12.99 -3.39
C GLY A 60 14.88 13.20 -2.94
N LYS A 61 13.98 13.55 -3.88
CA LYS A 61 12.53 13.73 -3.57
C LYS A 61 11.75 12.41 -3.75
N LEU A 62 10.54 12.34 -3.17
CA LEU A 62 9.71 11.11 -3.19
C LEU A 62 9.02 10.94 -4.56
N LYS A 63 8.98 9.68 -5.05
CA LYS A 63 8.37 9.31 -6.35
C LYS A 63 6.83 9.36 -6.30
N GLY A 64 6.28 9.28 -5.08
CA GLY A 64 4.85 9.17 -4.85
C GLY A 64 4.35 7.74 -4.95
N GLU A 65 5.20 6.80 -4.52
CA GLU A 65 4.93 5.35 -4.57
C GLU A 65 5.28 4.71 -3.20
N ALA A 66 4.55 3.63 -2.82
CA ALA A 66 4.76 2.94 -1.52
C ALA A 66 4.20 1.50 -1.51
N THR A 67 4.70 0.67 -0.59
CA THR A 67 4.14 -0.68 -0.33
C THR A 67 3.54 -0.75 1.10
N VAL A 68 2.22 -0.99 1.19
CA VAL A 68 1.47 -0.99 2.48
C VAL A 68 1.19 -2.45 2.92
N SER A 69 1.87 -2.90 3.99
CA SER A 69 1.67 -4.25 4.55
C SER A 69 0.52 -4.28 5.59
N PHE A 70 -0.66 -4.77 5.15
CA PHE A 70 -1.79 -5.08 6.06
C PHE A 70 -1.56 -6.42 6.79
N ASP A 71 -2.23 -6.58 7.93
CA ASP A 71 -2.14 -7.80 8.75
C ASP A 71 -2.98 -8.94 8.11
N ASP A 72 -4.12 -8.56 7.51
CA ASP A 72 -5.02 -9.50 6.81
C ASP A 72 -4.91 -9.31 5.26
N PRO A 73 -4.67 -10.41 4.48
CA PRO A 73 -4.83 -10.40 3.00
C PRO A 73 -6.22 -9.87 2.47
N PRO A 74 -7.43 -10.19 3.09
CA PRO A 74 -8.73 -9.59 2.62
C PRO A 74 -8.80 -8.04 2.82
N SER A 75 -8.01 -7.50 3.77
CA SER A 75 -7.92 -6.03 4.01
C SER A 75 -7.06 -5.34 2.93
N ALA A 76 -5.97 -6.03 2.52
CA ALA A 76 -5.10 -5.57 1.42
C ALA A 76 -5.88 -5.55 0.08
N LYS A 77 -6.66 -6.63 -0.13
CA LYS A 77 -7.55 -6.83 -1.30
C LYS A 77 -8.65 -5.73 -1.36
N ALA A 78 -9.29 -5.48 -0.21
CA ALA A 78 -10.35 -4.45 -0.08
C ALA A 78 -9.80 -3.01 -0.28
N ALA A 79 -8.58 -2.75 0.25
CA ALA A 79 -7.90 -1.44 0.13
C ALA A 79 -7.57 -1.08 -1.34
N ILE A 80 -7.31 -2.11 -2.16
CA ILE A 80 -7.14 -1.96 -3.62
C ILE A 80 -8.43 -1.47 -4.27
N ASP A 81 -9.50 -2.27 -4.12
CA ASP A 81 -10.82 -1.98 -4.70
C ASP A 81 -11.37 -0.61 -4.22
N TRP A 82 -11.01 -0.23 -2.98
CA TRP A 82 -11.48 1.02 -2.37
C TRP A 82 -10.68 2.25 -2.87
N PHE A 83 -9.36 2.26 -2.60
CA PHE A 83 -8.49 3.45 -2.81
C PHE A 83 -8.06 3.63 -4.28
N ASP A 84 -8.30 2.63 -5.15
CA ASP A 84 -8.04 2.76 -6.58
C ASP A 84 -9.04 3.76 -7.21
N GLY A 85 -8.56 4.97 -7.50
CA GLY A 85 -9.38 6.08 -7.99
C GLY A 85 -9.64 7.18 -6.94
N LYS A 86 -9.31 6.91 -5.66
CA LYS A 86 -9.51 7.91 -4.56
C LYS A 86 -8.32 8.88 -4.51
N GLU A 87 -8.55 10.11 -4.04
CA GLU A 87 -7.51 11.15 -4.03
C GLU A 87 -6.70 11.17 -2.71
N PHE A 88 -5.36 11.04 -2.85
CA PHE A 88 -4.41 11.28 -1.75
C PHE A 88 -3.35 12.29 -2.23
N SER A 89 -3.01 13.27 -1.36
CA SER A 89 -2.06 14.38 -1.67
C SER A 89 -2.57 15.27 -2.85
N GLY A 90 -3.92 15.35 -2.96
CA GLY A 90 -4.59 16.22 -3.94
C GLY A 90 -4.62 15.68 -5.38
N ASN A 91 -4.62 14.34 -5.54
CA ASN A 91 -4.69 13.69 -6.87
C ASN A 91 -5.14 12.20 -6.76
N PRO A 92 -5.93 11.66 -7.75
CA PRO A 92 -6.43 10.25 -7.71
C PRO A 92 -5.29 9.19 -7.86
N ILE A 93 -5.04 8.46 -6.76
CA ILE A 93 -4.01 7.39 -6.69
C ILE A 93 -4.49 6.07 -7.34
N LYS A 94 -3.53 5.20 -7.69
CA LYS A 94 -3.78 3.86 -8.27
C LYS A 94 -3.20 2.78 -7.33
N VAL A 95 -4.02 1.78 -6.96
CA VAL A 95 -3.63 0.73 -6.00
C VAL A 95 -3.73 -0.69 -6.63
N SER A 96 -2.69 -1.51 -6.40
CA SER A 96 -2.66 -2.95 -6.78
C SER A 96 -1.84 -3.72 -5.72
N PHE A 97 -1.69 -5.06 -5.86
CA PHE A 97 -0.81 -5.85 -4.97
C PHE A 97 0.70 -5.64 -5.29
N ALA A 98 1.56 -5.85 -4.27
CA ALA A 98 3.02 -5.86 -4.45
C ALA A 98 3.45 -7.26 -4.97
N THR A 99 3.45 -7.43 -6.31
CA THR A 99 3.73 -8.74 -6.97
C THR A 99 4.50 -8.55 -8.33
N MET A 1 1.33 -29.19 -21.42
CA MET A 1 2.01 -29.37 -20.10
C MET A 1 1.99 -28.04 -19.28
N GLY A 2 2.73 -27.02 -19.76
CA GLY A 2 2.91 -25.75 -19.02
C GLY A 2 1.67 -24.87 -18.96
N HIS A 3 1.41 -24.27 -17.78
CA HIS A 3 0.27 -23.35 -17.57
C HIS A 3 0.54 -21.97 -18.22
N HIS A 4 0.15 -21.88 -19.51
CA HIS A 4 0.32 -20.67 -20.35
C HIS A 4 -0.49 -19.45 -19.81
N HIS A 5 -1.63 -19.72 -19.14
CA HIS A 5 -2.47 -18.67 -18.53
C HIS A 5 -1.73 -18.01 -17.35
N HIS A 6 -1.79 -16.67 -17.28
CA HIS A 6 -1.07 -15.87 -16.25
C HIS A 6 -1.77 -15.95 -14.87
N HIS A 7 -1.00 -15.66 -13.81
CA HIS A 7 -1.48 -15.74 -12.40
C HIS A 7 -1.75 -14.34 -11.80
N HIS A 8 -1.65 -13.28 -12.63
CA HIS A 8 -1.85 -11.88 -12.19
C HIS A 8 -3.36 -11.61 -11.88
N SER A 9 -3.76 -11.88 -10.63
CA SER A 9 -5.17 -11.77 -10.16
C SER A 9 -5.23 -11.63 -8.62
N HIS A 10 -6.44 -11.63 -8.04
CA HIS A 10 -6.64 -11.50 -6.59
C HIS A 10 -6.11 -12.74 -5.80
N SER A 11 -4.90 -12.59 -5.22
CA SER A 11 -4.30 -13.61 -4.32
C SER A 11 -4.51 -13.23 -2.85
N ASP A 12 -4.17 -14.15 -1.93
CA ASP A 12 -4.28 -13.93 -0.47
C ASP A 12 -3.04 -13.17 0.10
N ASN A 13 -2.49 -12.24 -0.71
CA ASN A 13 -1.37 -11.36 -0.32
C ASN A 13 -1.88 -10.18 0.54
N ASN A 14 -1.12 -9.86 1.61
CA ASN A 14 -1.49 -8.81 2.58
C ASN A 14 -0.77 -7.46 2.29
N THR A 15 0.35 -7.52 1.54
CA THR A 15 1.13 -6.32 1.16
C THR A 15 0.69 -5.82 -0.23
N ILE A 16 0.33 -4.52 -0.32
CA ILE A 16 -0.12 -3.88 -1.57
C ILE A 16 0.89 -2.82 -2.05
N PHE A 17 0.90 -2.52 -3.37
CA PHE A 17 1.77 -1.47 -3.96
C PHE A 17 0.90 -0.34 -4.54
N VAL A 18 1.17 0.90 -4.11
CA VAL A 18 0.41 2.10 -4.50
C VAL A 18 1.32 3.10 -5.25
N GLN A 19 0.73 3.84 -6.22
CA GLN A 19 1.41 4.92 -6.98
C GLN A 19 0.59 6.24 -6.87
N GLY A 20 1.23 7.36 -7.21
CA GLY A 20 0.56 8.68 -7.29
C GLY A 20 0.24 9.33 -5.95
N LEU A 21 1.00 8.93 -4.91
CA LEU A 21 0.86 9.44 -3.52
C LEU A 21 1.46 10.86 -3.37
N GLY A 22 2.33 11.27 -4.32
CA GLY A 22 2.95 12.60 -4.31
C GLY A 22 4.24 12.70 -3.49
N GLU A 23 4.87 13.89 -3.51
CA GLU A 23 6.10 14.18 -2.74
C GLU A 23 5.83 14.38 -1.23
N ASN A 24 4.55 14.57 -0.87
CA ASN A 24 4.14 14.88 0.52
C ASN A 24 3.97 13.58 1.37
N VAL A 25 4.04 12.39 0.72
CA VAL A 25 3.68 11.08 1.34
C VAL A 25 4.59 10.69 2.55
N THR A 26 3.98 10.34 3.70
CA THR A 26 4.70 9.83 4.91
C THR A 26 4.10 8.48 5.35
N ILE A 27 4.90 7.61 6.01
CA ILE A 27 4.44 6.29 6.55
C ILE A 27 3.19 6.45 7.45
N GLU A 28 3.24 7.45 8.35
CA GLU A 28 2.14 7.74 9.29
C GLU A 28 0.85 8.18 8.57
N SER A 29 1.00 8.96 7.48
CA SER A 29 -0.15 9.44 6.67
C SER A 29 -0.77 8.29 5.84
N VAL A 30 0.08 7.40 5.28
CA VAL A 30 -0.40 6.21 4.52
C VAL A 30 -1.14 5.25 5.47
N ALA A 31 -0.60 5.10 6.68
CA ALA A 31 -1.22 4.31 7.74
C ALA A 31 -2.57 4.91 8.17
N ASP A 32 -2.63 6.24 8.30
CA ASP A 32 -3.85 6.97 8.73
C ASP A 32 -4.95 6.93 7.62
N TYR A 33 -4.50 6.88 6.36
CA TYR A 33 -5.40 6.84 5.19
C TYR A 33 -6.01 5.42 4.99
N PHE A 34 -5.13 4.40 4.94
CA PHE A 34 -5.52 2.99 4.65
C PHE A 34 -6.13 2.24 5.88
N LYS A 35 -5.93 2.78 7.10
CA LYS A 35 -6.46 2.15 8.36
C LYS A 35 -8.00 2.00 8.37
N GLN A 36 -8.71 2.91 7.66
CA GLN A 36 -10.20 2.93 7.59
C GLN A 36 -10.79 1.61 7.03
N ILE A 37 -9.97 0.90 6.23
CA ILE A 37 -10.33 -0.38 5.60
C ILE A 37 -10.14 -1.56 6.57
N GLY A 38 -9.00 -1.58 7.26
CA GLY A 38 -8.64 -2.70 8.13
C GLY A 38 -7.35 -2.48 8.91
N ILE A 39 -6.97 -3.49 9.70
CA ILE A 39 -5.73 -3.45 10.49
C ILE A 39 -4.50 -3.52 9.54
N ILE A 40 -3.58 -2.55 9.70
CA ILE A 40 -2.26 -2.57 9.05
C ILE A 40 -1.22 -3.18 10.03
N LYS A 41 -0.25 -3.96 9.50
CA LYS A 41 0.87 -4.50 10.31
C LYS A 41 1.74 -3.38 10.90
N THR A 42 2.25 -3.63 12.10
CA THR A 42 3.14 -2.71 12.82
C THR A 42 4.42 -3.46 13.21
N ASN A 43 5.58 -2.92 12.79
CA ASN A 43 6.90 -3.42 13.23
C ASN A 43 7.14 -3.04 14.69
N LYS A 44 7.42 -4.04 15.55
CA LYS A 44 7.65 -3.83 17.00
C LYS A 44 9.10 -3.38 17.29
N LYS A 45 10.02 -3.60 16.31
CA LYS A 45 11.43 -3.16 16.42
C LYS A 45 11.54 -1.61 16.41
N THR A 46 10.90 -0.99 15.40
CA THR A 46 10.83 0.49 15.29
C THR A 46 9.68 1.05 16.12
N GLY A 47 8.53 0.35 16.09
CA GLY A 47 7.28 0.83 16.72
C GLY A 47 6.38 1.58 15.72
N GLN A 48 6.65 1.40 14.41
CA GLN A 48 5.91 2.06 13.30
C GLN A 48 5.29 1.03 12.32
N PRO A 49 4.16 1.38 11.61
CA PRO A 49 3.47 0.46 10.66
C PRO A 49 4.34 0.09 9.44
N MET A 50 4.25 -1.19 9.00
CA MET A 50 5.13 -1.72 7.94
C MET A 50 4.67 -1.16 6.56
N ILE A 51 5.33 -0.07 6.14
CA ILE A 51 5.06 0.66 4.88
C ILE A 51 6.39 1.18 4.31
N ASN A 52 6.74 0.76 3.07
CA ASN A 52 8.02 1.17 2.41
C ASN A 52 7.75 2.29 1.40
N LEU A 53 8.21 3.51 1.71
CA LEU A 53 8.13 4.67 0.80
C LEU A 53 9.31 4.62 -0.20
N TYR A 54 9.04 5.00 -1.46
CA TYR A 54 10.04 5.00 -2.54
C TYR A 54 10.51 6.45 -2.83
N THR A 55 11.79 6.73 -2.51
CA THR A 55 12.43 8.04 -2.78
C THR A 55 13.24 7.97 -4.09
N ASP A 56 13.20 9.06 -4.85
CA ASP A 56 13.92 9.23 -6.12
C ASP A 56 15.44 9.46 -5.85
N ARG A 57 16.28 8.59 -6.44
CA ARG A 57 17.73 8.53 -6.13
C ARG A 57 18.57 9.70 -6.73
N GLU A 58 18.06 10.39 -7.78
CA GLU A 58 18.83 11.48 -8.46
C GLU A 58 18.51 12.88 -7.87
N THR A 59 17.21 13.18 -7.65
CA THR A 59 16.77 14.51 -7.13
C THR A 59 16.66 14.53 -5.60
N GLY A 60 16.24 13.39 -5.01
CA GLY A 60 15.98 13.28 -3.57
C GLY A 60 14.52 13.54 -3.18
N LYS A 61 13.65 13.81 -4.18
CA LYS A 61 12.19 13.97 -3.96
C LYS A 61 11.51 12.59 -3.81
N LEU A 62 10.29 12.54 -3.27
CA LEU A 62 9.52 11.27 -3.18
C LEU A 62 8.83 10.95 -4.53
N LYS A 63 8.97 9.70 -4.98
CA LYS A 63 8.38 9.20 -6.25
C LYS A 63 6.83 9.13 -6.18
N GLY A 64 6.29 9.11 -4.94
CA GLY A 64 4.86 8.98 -4.70
C GLY A 64 4.39 7.54 -4.83
N GLU A 65 5.22 6.61 -4.33
CA GLU A 65 4.95 5.16 -4.40
C GLU A 65 5.27 4.51 -3.02
N ALA A 66 4.49 3.49 -2.62
CA ALA A 66 4.68 2.81 -1.31
C ALA A 66 4.08 1.39 -1.27
N THR A 67 4.68 0.50 -0.44
CA THR A 67 4.13 -0.85 -0.17
C THR A 67 3.54 -0.94 1.25
N VAL A 68 2.21 -1.12 1.35
CA VAL A 68 1.46 -1.13 2.64
C VAL A 68 1.13 -2.58 3.05
N SER A 69 1.80 -3.07 4.10
CA SER A 69 1.55 -4.43 4.64
C SER A 69 0.38 -4.41 5.64
N PHE A 70 -0.79 -4.91 5.22
CA PHE A 70 -1.95 -5.13 6.11
C PHE A 70 -1.80 -6.41 6.94
N ASP A 71 -2.49 -6.48 8.08
CA ASP A 71 -2.44 -7.63 9.00
C ASP A 71 -3.30 -8.81 8.45
N ASP A 72 -4.42 -8.46 7.81
CA ASP A 72 -5.28 -9.43 7.11
C ASP A 72 -5.18 -9.25 5.57
N PRO A 73 -4.94 -10.35 4.79
CA PRO A 73 -5.06 -10.34 3.29
C PRO A 73 -6.40 -9.74 2.70
N PRO A 74 -7.65 -10.00 3.25
CA PRO A 74 -8.88 -9.38 2.71
C PRO A 74 -8.93 -7.84 2.93
N SER A 75 -8.16 -7.33 3.92
CA SER A 75 -8.02 -5.87 4.18
C SER A 75 -7.17 -5.22 3.06
N ALA A 76 -6.14 -5.96 2.62
CA ALA A 76 -5.25 -5.55 1.51
C ALA A 76 -6.05 -5.41 0.19
N LYS A 77 -6.77 -6.50 -0.17
CA LYS A 77 -7.59 -6.55 -1.41
C LYS A 77 -8.71 -5.48 -1.38
N ALA A 78 -9.36 -5.30 -0.21
CA ALA A 78 -10.40 -4.28 -0.01
C ALA A 78 -9.85 -2.84 -0.22
N ALA A 79 -8.63 -2.58 0.31
CA ALA A 79 -7.93 -1.28 0.12
C ALA A 79 -7.58 -1.00 -1.37
N ILE A 80 -7.33 -2.06 -2.14
CA ILE A 80 -7.11 -1.97 -3.60
C ILE A 80 -8.41 -1.52 -4.32
N ASP A 81 -9.48 -2.29 -4.11
CA ASP A 81 -10.79 -2.05 -4.73
C ASP A 81 -11.40 -0.69 -4.28
N TRP A 82 -11.04 -0.23 -3.07
CA TRP A 82 -11.51 1.05 -2.52
C TRP A 82 -10.68 2.24 -3.06
N PHE A 83 -9.36 2.22 -2.79
CA PHE A 83 -8.46 3.38 -3.00
C PHE A 83 -7.96 3.52 -4.45
N ASP A 84 -8.12 2.49 -5.31
CA ASP A 84 -7.73 2.60 -6.73
C ASP A 84 -8.63 3.62 -7.47
N GLY A 85 -8.07 4.82 -7.73
CA GLY A 85 -8.82 5.95 -8.30
C GLY A 85 -9.23 7.03 -7.30
N LYS A 86 -8.77 6.92 -6.03
CA LYS A 86 -8.98 7.96 -4.99
C LYS A 86 -7.85 9.01 -4.99
N GLU A 87 -7.90 9.97 -4.05
CA GLU A 87 -6.85 11.00 -3.88
C GLU A 87 -6.19 10.89 -2.49
N PHE A 88 -4.86 10.70 -2.45
CA PHE A 88 -4.11 10.63 -1.18
C PHE A 88 -3.94 12.06 -0.59
N SER A 89 -3.11 12.88 -1.25
CA SER A 89 -2.86 14.29 -0.86
C SER A 89 -3.37 15.23 -1.99
N GLY A 90 -4.64 14.99 -2.42
CA GLY A 90 -5.25 15.70 -3.55
C GLY A 90 -4.73 15.23 -4.93
N ASN A 91 -4.21 13.99 -4.98
CA ASN A 91 -3.59 13.40 -6.19
C ASN A 91 -4.15 11.97 -6.50
N PRO A 92 -4.62 11.70 -7.78
CA PRO A 92 -5.22 10.39 -8.16
C PRO A 92 -4.22 9.19 -8.07
N ILE A 93 -4.48 8.25 -7.14
CA ILE A 93 -3.57 7.13 -6.84
C ILE A 93 -3.97 5.82 -7.58
N LYS A 94 -2.96 4.96 -7.85
CA LYS A 94 -3.12 3.63 -8.48
C LYS A 94 -2.76 2.54 -7.46
N VAL A 95 -3.74 1.74 -7.00
CA VAL A 95 -3.52 0.73 -5.94
C VAL A 95 -3.65 -0.71 -6.50
N SER A 96 -2.63 -1.53 -6.24
CA SER A 96 -2.56 -2.96 -6.66
C SER A 96 -1.93 -3.80 -5.52
N PHE A 97 -1.78 -5.12 -5.72
CA PHE A 97 -0.95 -5.96 -4.81
C PHE A 97 0.56 -5.69 -5.04
N ALA A 98 1.38 -5.88 -4.00
CA ALA A 98 2.85 -5.84 -4.11
C ALA A 98 3.38 -7.19 -4.64
N THR A 99 3.49 -7.28 -5.98
CA THR A 99 3.92 -8.51 -6.69
C THR A 99 4.68 -8.14 -8.01
N MET A 1 -3.44 -38.14 -12.55
CA MET A 1 -1.96 -37.98 -12.41
C MET A 1 -1.53 -38.19 -10.93
N GLY A 2 -2.39 -37.74 -9.99
CA GLY A 2 -2.13 -37.90 -8.54
C GLY A 2 -0.98 -37.03 -8.02
N HIS A 3 0.25 -37.58 -8.07
CA HIS A 3 1.48 -36.91 -7.58
C HIS A 3 1.82 -35.63 -8.41
N HIS A 4 1.47 -35.67 -9.71
CA HIS A 4 1.67 -34.51 -10.62
C HIS A 4 0.40 -33.62 -10.65
N HIS A 5 0.32 -32.68 -9.69
CA HIS A 5 -0.86 -31.80 -9.52
C HIS A 5 -0.84 -30.65 -10.57
N HIS A 6 -1.74 -30.75 -11.57
CA HIS A 6 -1.89 -29.71 -12.64
C HIS A 6 -2.82 -28.54 -12.21
N HIS A 7 -3.04 -28.39 -10.90
CA HIS A 7 -3.71 -27.21 -10.30
C HIS A 7 -2.75 -26.46 -9.35
N HIS A 8 -3.03 -25.16 -9.16
CA HIS A 8 -2.24 -24.28 -8.27
C HIS A 8 -3.16 -23.20 -7.66
N SER A 9 -3.20 -23.13 -6.31
CA SER A 9 -3.98 -22.10 -5.59
C SER A 9 -3.18 -20.77 -5.48
N HIS A 10 -3.86 -19.63 -5.68
CA HIS A 10 -3.24 -18.29 -5.66
C HIS A 10 -2.74 -17.92 -4.24
N SER A 11 -1.44 -17.58 -4.12
CA SER A 11 -0.78 -17.25 -2.83
C SER A 11 -1.27 -15.90 -2.28
N ASP A 12 -1.84 -15.90 -1.05
CA ASP A 12 -2.40 -14.67 -0.44
C ASP A 12 -1.27 -13.63 -0.14
N ASN A 13 -1.53 -12.37 -0.50
CA ASN A 13 -0.56 -11.25 -0.39
C ASN A 13 -1.19 -10.11 0.44
N ASN A 14 -0.54 -9.76 1.57
CA ASN A 14 -1.04 -8.74 2.50
C ASN A 14 -0.46 -7.33 2.19
N THR A 15 0.55 -7.26 1.31
CA THR A 15 1.24 -6.00 0.94
C THR A 15 0.78 -5.52 -0.45
N ILE A 16 0.37 -4.24 -0.55
CA ILE A 16 -0.17 -3.64 -1.79
C ILE A 16 0.70 -2.46 -2.30
N PHE A 17 0.90 -2.36 -3.63
CA PHE A 17 1.69 -1.28 -4.26
C PHE A 17 0.77 -0.14 -4.74
N VAL A 18 0.99 1.06 -4.18
CA VAL A 18 0.20 2.27 -4.45
C VAL A 18 1.07 3.32 -5.19
N GLN A 19 0.48 4.03 -6.16
CA GLN A 19 1.15 5.08 -6.97
C GLN A 19 0.36 6.41 -6.90
N GLY A 20 1.05 7.54 -7.11
CA GLY A 20 0.40 8.87 -7.19
C GLY A 20 0.00 9.49 -5.84
N LEU A 21 0.77 9.19 -4.78
CA LEU A 21 0.52 9.69 -3.40
C LEU A 21 0.90 11.18 -3.24
N GLY A 22 1.95 11.62 -3.98
CA GLY A 22 2.55 12.95 -3.81
C GLY A 22 4.00 12.89 -3.31
N GLU A 23 4.79 13.93 -3.63
CA GLU A 23 6.20 14.08 -3.18
C GLU A 23 6.30 14.43 -1.67
N ASN A 24 5.16 14.71 -1.04
CA ASN A 24 5.04 14.92 0.42
C ASN A 24 4.12 13.82 1.03
N VAL A 25 4.72 12.64 1.26
CA VAL A 25 4.02 11.46 1.78
C VAL A 25 4.84 10.79 2.92
N THR A 26 4.20 10.48 4.08
CA THR A 26 4.89 9.81 5.23
C THR A 26 4.26 8.41 5.46
N ILE A 27 5.05 7.51 6.09
CA ILE A 27 4.62 6.14 6.45
C ILE A 27 3.29 6.13 7.26
N GLU A 28 3.22 6.99 8.29
CA GLU A 28 2.04 7.09 9.17
C GLU A 28 0.86 7.87 8.51
N SER A 29 1.17 8.70 7.49
CA SER A 29 0.14 9.36 6.65
C SER A 29 -0.59 8.32 5.78
N VAL A 30 0.19 7.40 5.17
CA VAL A 30 -0.35 6.26 4.38
C VAL A 30 -1.09 5.27 5.31
N ALA A 31 -0.52 5.06 6.51
CA ALA A 31 -1.11 4.18 7.53
C ALA A 31 -2.49 4.67 7.99
N ASP A 32 -2.58 5.98 8.32
CA ASP A 32 -3.84 6.61 8.80
C ASP A 32 -4.93 6.59 7.70
N TYR A 33 -4.51 6.66 6.43
CA TYR A 33 -5.41 6.65 5.28
C TYR A 33 -5.98 5.23 5.03
N PHE A 34 -5.10 4.24 4.90
CA PHE A 34 -5.46 2.84 4.54
C PHE A 34 -6.05 2.03 5.72
N LYS A 35 -5.74 2.41 6.99
CA LYS A 35 -6.16 1.64 8.19
C LYS A 35 -7.71 1.58 8.36
N GLN A 36 -8.44 2.55 7.76
CA GLN A 36 -9.91 2.60 7.81
C GLN A 36 -10.55 1.31 7.21
N ILE A 37 -9.82 0.67 6.26
CA ILE A 37 -10.24 -0.59 5.62
C ILE A 37 -9.96 -1.80 6.54
N GLY A 38 -8.77 -1.82 7.13
CA GLY A 38 -8.33 -2.95 7.96
C GLY A 38 -7.04 -2.68 8.72
N ILE A 39 -6.69 -3.62 9.61
CA ILE A 39 -5.47 -3.56 10.43
C ILE A 39 -4.21 -3.61 9.53
N ILE A 40 -3.30 -2.63 9.72
CA ILE A 40 -1.99 -2.60 9.05
C ILE A 40 -0.90 -3.12 10.01
N LYS A 41 -0.03 -4.03 9.51
CA LYS A 41 1.14 -4.56 10.26
C LYS A 41 2.04 -3.41 10.76
N THR A 42 2.59 -3.59 11.96
CA THR A 42 3.41 -2.56 12.63
C THR A 42 4.61 -3.19 13.34
N ASN A 43 5.80 -2.62 13.10
CA ASN A 43 7.06 -2.99 13.78
C ASN A 43 6.99 -2.56 15.27
N LYS A 44 6.99 -3.54 16.20
CA LYS A 44 6.90 -3.30 17.67
C LYS A 44 8.24 -2.75 18.24
N LYS A 45 9.36 -2.98 17.54
CA LYS A 45 10.68 -2.49 17.95
C LYS A 45 10.82 -0.97 17.73
N THR A 46 10.45 -0.51 16.51
CA THR A 46 10.57 0.92 16.12
C THR A 46 9.32 1.74 16.54
N GLY A 47 8.14 1.17 16.28
CA GLY A 47 6.85 1.85 16.50
C GLY A 47 6.19 2.28 15.19
N GLN A 48 6.88 2.08 14.05
CA GLN A 48 6.37 2.45 12.72
C GLN A 48 5.65 1.27 12.02
N PRO A 49 4.52 1.55 11.30
CA PRO A 49 3.80 0.53 10.49
C PRO A 49 4.61 0.13 9.23
N MET A 50 4.46 -1.12 8.77
CA MET A 50 5.24 -1.64 7.62
C MET A 50 4.67 -1.05 6.32
N ILE A 51 5.28 0.06 5.89
CA ILE A 51 4.94 0.78 4.63
C ILE A 51 6.24 1.34 4.05
N ASN A 52 6.57 0.95 2.82
CA ASN A 52 7.84 1.33 2.18
C ASN A 52 7.60 2.43 1.13
N LEU A 53 8.02 3.66 1.45
CA LEU A 53 7.92 4.83 0.56
C LEU A 53 9.06 4.82 -0.47
N TYR A 54 8.74 4.90 -1.76
CA TYR A 54 9.73 4.93 -2.85
C TYR A 54 10.20 6.36 -3.12
N THR A 55 11.53 6.51 -3.26
CA THR A 55 12.21 7.79 -3.49
C THR A 55 13.15 7.68 -4.68
N ASP A 56 13.28 8.78 -5.44
CA ASP A 56 14.24 8.87 -6.55
C ASP A 56 15.68 8.91 -6.01
N ARG A 57 16.45 7.85 -6.29
CA ARG A 57 17.86 7.72 -5.86
C ARG A 57 18.76 8.77 -6.54
N GLU A 58 18.33 9.27 -7.71
CA GLU A 58 19.05 10.31 -8.47
C GLU A 58 18.83 11.73 -7.87
N THR A 59 17.56 12.09 -7.50
CA THR A 59 17.23 13.45 -6.98
C THR A 59 17.25 13.49 -5.44
N GLY A 60 16.44 12.62 -4.82
CA GLY A 60 16.25 12.60 -3.35
C GLY A 60 14.83 12.99 -2.93
N LYS A 61 13.92 13.19 -3.91
CA LYS A 61 12.49 13.48 -3.66
C LYS A 61 11.62 12.21 -3.77
N LEU A 62 10.51 12.19 -3.03
CA LEU A 62 9.56 11.05 -3.01
C LEU A 62 8.83 10.92 -4.36
N LYS A 63 8.74 9.67 -4.86
CA LYS A 63 8.09 9.36 -6.15
C LYS A 63 6.56 9.42 -6.06
N GLY A 64 6.04 9.41 -4.82
CA GLY A 64 4.61 9.26 -4.58
C GLY A 64 4.15 7.82 -4.75
N GLU A 65 4.98 6.88 -4.27
CA GLU A 65 4.68 5.44 -4.33
C GLU A 65 4.99 4.81 -2.96
N ALA A 66 4.24 3.74 -2.59
CA ALA A 66 4.43 3.04 -1.30
C ALA A 66 3.87 1.61 -1.35
N THR A 67 4.46 0.71 -0.55
CA THR A 67 3.93 -0.66 -0.36
C THR A 67 3.41 -0.85 1.08
N VAL A 68 2.07 -1.03 1.20
CA VAL A 68 1.33 -1.02 2.49
C VAL A 68 1.02 -2.46 2.94
N SER A 69 1.67 -2.92 4.01
CA SER A 69 1.51 -4.28 4.55
C SER A 69 0.38 -4.34 5.60
N PHE A 70 -0.79 -4.83 5.18
CA PHE A 70 -1.92 -5.14 6.09
C PHE A 70 -1.65 -6.45 6.87
N ASP A 71 -2.31 -6.62 8.01
CA ASP A 71 -2.25 -7.86 8.79
C ASP A 71 -3.05 -8.97 8.07
N ASP A 72 -4.13 -8.55 7.37
CA ASP A 72 -5.01 -9.46 6.62
C ASP A 72 -4.92 -9.21 5.09
N PRO A 73 -4.57 -10.25 4.26
CA PRO A 73 -4.70 -10.18 2.78
C PRO A 73 -6.14 -9.80 2.21
N PRO A 74 -7.32 -10.18 2.84
CA PRO A 74 -8.65 -9.66 2.37
C PRO A 74 -8.83 -8.14 2.61
N SER A 75 -8.12 -7.59 3.62
CA SER A 75 -8.10 -6.13 3.91
C SER A 75 -7.17 -5.39 2.92
N ALA A 76 -6.07 -6.06 2.54
CA ALA A 76 -5.14 -5.57 1.50
C ALA A 76 -5.85 -5.45 0.14
N LYS A 77 -6.54 -6.54 -0.24
CA LYS A 77 -7.32 -6.67 -1.50
C LYS A 77 -8.53 -5.70 -1.51
N ALA A 78 -9.17 -5.52 -0.34
CA ALA A 78 -10.26 -4.53 -0.16
C ALA A 78 -9.77 -3.07 -0.38
N ALA A 79 -8.60 -2.74 0.22
CA ALA A 79 -7.98 -1.40 0.09
C ALA A 79 -7.60 -1.06 -1.36
N ILE A 80 -7.34 -2.10 -2.18
CA ILE A 80 -7.14 -1.95 -3.63
C ILE A 80 -8.43 -1.45 -4.30
N ASP A 81 -9.48 -2.29 -4.25
CA ASP A 81 -10.79 -1.99 -4.89
C ASP A 81 -11.44 -0.69 -4.34
N TRP A 82 -11.08 -0.32 -3.09
CA TRP A 82 -11.59 0.92 -2.45
C TRP A 82 -10.78 2.16 -2.89
N PHE A 83 -9.47 2.19 -2.58
CA PHE A 83 -8.61 3.40 -2.75
C PHE A 83 -8.10 3.60 -4.19
N ASP A 84 -8.28 2.61 -5.08
CA ASP A 84 -7.92 2.75 -6.50
C ASP A 84 -8.82 3.82 -7.19
N GLY A 85 -8.17 4.89 -7.68
CA GLY A 85 -8.87 6.03 -8.29
C GLY A 85 -9.25 7.13 -7.30
N LYS A 86 -8.93 6.98 -6.00
CA LYS A 86 -9.25 7.99 -4.94
C LYS A 86 -8.08 8.98 -4.72
N GLU A 87 -8.34 10.08 -3.99
CA GLU A 87 -7.31 11.11 -3.69
C GLU A 87 -6.67 10.89 -2.30
N PHE A 88 -5.35 10.65 -2.26
CA PHE A 88 -4.57 10.58 -1.01
C PHE A 88 -4.41 11.99 -0.39
N SER A 89 -3.54 12.81 -1.00
CA SER A 89 -3.31 14.22 -0.60
C SER A 89 -3.71 15.14 -1.76
N GLY A 90 -5.01 15.06 -2.13
CA GLY A 90 -5.55 15.76 -3.31
C GLY A 90 -5.05 15.18 -4.65
N ASN A 91 -4.42 13.97 -4.59
CA ASN A 91 -3.76 13.33 -5.75
C ASN A 91 -4.44 11.96 -6.07
N PRO A 92 -5.00 11.77 -7.31
CA PRO A 92 -5.66 10.48 -7.72
C PRO A 92 -4.67 9.27 -7.76
N ILE A 93 -4.64 8.51 -6.65
CA ILE A 93 -3.78 7.32 -6.50
C ILE A 93 -4.29 6.09 -7.28
N LYS A 94 -3.36 5.19 -7.60
CA LYS A 94 -3.63 3.91 -8.26
C LYS A 94 -3.10 2.75 -7.37
N VAL A 95 -4.00 1.88 -6.89
CA VAL A 95 -3.63 0.81 -5.93
C VAL A 95 -3.73 -0.59 -6.60
N SER A 96 -2.72 -1.44 -6.35
CA SER A 96 -2.64 -2.84 -6.82
C SER A 96 -1.87 -3.69 -5.80
N PHE A 97 -1.63 -5.00 -6.08
CA PHE A 97 -0.81 -5.87 -5.20
C PHE A 97 0.71 -5.59 -5.35
N ALA A 98 1.46 -5.74 -4.24
CA ALA A 98 2.95 -5.65 -4.26
C ALA A 98 3.57 -7.07 -4.32
N THR A 99 3.98 -7.48 -5.53
CA THR A 99 4.50 -8.85 -5.79
C THR A 99 5.94 -8.81 -6.38
#